data_5IUX
#
_entry.id   5IUX
#
_cell.length_a   182.034
_cell.length_b   134.075
_cell.length_c   159.945
_cell.angle_alpha   90.00
_cell.angle_beta   102.51
_cell.angle_gamma   90.00
#
_symmetry.space_group_name_H-M   'C 1 2 1'
#
loop_
_entity.id
_entity.type
_entity.pdbx_description
1 polymer 'Proton-gated ion channel'
2 non-polymer DODECYL-BETA-D-MALTOSIDE
3 non-polymer 1,2-DIACYL-SN-GLYCERO-3-PHOSPHOCHOLINE
4 non-polymer 'ACETATE ION'
5 non-polymer 2,3,5,6-tetramethyl-1H,7H-pyrazolo[1,2-a]pyrazole-1,7-dione
6 non-polymer 'BROMIDE ION'
7 non-polymer 'SODIUM ION'
8 water water
#
_entity_poly.entity_id   1
_entity_poly.type   'polypeptide(L)'
_entity_poly.pdbx_seq_one_letter_code
;GQDMVSPPPPIADEPLTVNTGIYLIESYSLDDKAETFKVNAFLSLSWKDRRLAFDPVRSGVRVKTYEPEAIWIPEIRFVN
VENARDADVVDISVSPDGTVQYLERFSARVLSPLDFRRYPFDSQTLHIYLIVRSCDTRNIVLAVDLEKVGKNDDVFLTGW
DIESFTAVVKPANFALEDRLESKLDYQLRISRQYFSYIPNIILPMLFILFISWTAFWSTSYEANVTLVVSTLIAHIAFNI
LVETNLPKTPYMTYTGAIIFMIYLFYFVAVIEVTVQHYLKVESQPARAASITRASRIAFPVVFLLANIILAFLFFGF
;
_entity_poly.pdbx_strand_id   A,B,C,D,E
#
# COMPACT_ATOMS: atom_id res chain seq x y z
N VAL A 5 -24.70 23.47 30.00
CA VAL A 5 -23.98 22.25 30.36
C VAL A 5 -22.58 22.57 30.90
N SER A 6 -22.35 22.21 32.16
CA SER A 6 -21.09 22.42 32.90
C SER A 6 -20.85 21.14 33.75
N PRO A 7 -19.71 20.92 34.46
CA PRO A 7 -19.58 19.66 35.21
C PRO A 7 -20.39 19.69 36.51
N PRO A 8 -20.80 18.54 37.10
CA PRO A 8 -21.56 18.61 38.37
C PRO A 8 -20.76 19.38 39.41
N PRO A 9 -21.39 20.26 40.23
CA PRO A 9 -20.61 21.03 41.20
C PRO A 9 -20.17 20.17 42.41
N PRO A 10 -19.00 20.48 43.01
CA PRO A 10 -18.53 19.65 44.14
C PRO A 10 -19.31 19.86 45.45
N ILE A 11 -19.89 18.77 46.02
CA ILE A 11 -20.63 18.78 47.30
C ILE A 11 -19.72 19.37 48.42
N ALA A 12 -18.53 18.77 48.56
CA ALA A 12 -17.41 19.17 49.40
C ALA A 12 -16.38 19.58 48.31
N ASP A 13 -15.10 19.79 48.63
CA ASP A 13 -14.12 20.24 47.62
C ASP A 13 -13.51 19.13 46.74
N GLU A 14 -13.91 17.85 46.97
CA GLU A 14 -13.45 16.64 46.28
C GLU A 14 -13.48 16.69 44.73
N PRO A 15 -12.51 16.06 43.99
CA PRO A 15 -12.60 16.07 42.53
C PRO A 15 -13.64 15.05 42.05
N LEU A 16 -14.15 15.19 40.80
CA LEU A 16 -15.13 14.26 40.24
C LEU A 16 -14.47 12.98 39.68
N THR A 17 -14.97 11.80 40.12
CA THR A 17 -14.46 10.48 39.76
C THR A 17 -15.29 9.88 38.61
N VAL A 18 -14.61 9.61 37.47
CA VAL A 18 -15.23 8.99 36.31
C VAL A 18 -14.73 7.54 36.24
N ASN A 19 -15.63 6.58 36.46
CA ASN A 19 -15.28 5.17 36.45
C ASN A 19 -15.30 4.63 35.03
N THR A 20 -14.14 4.16 34.57
CA THR A 20 -13.93 3.66 33.21
C THR A 20 -13.88 2.16 33.11
N GLY A 21 -14.14 1.66 31.90
CA GLY A 21 -14.14 0.25 31.54
C GLY A 21 -14.04 -0.01 30.05
N ILE A 22 -13.03 -0.78 29.62
CA ILE A 22 -12.86 -1.14 28.21
C ILE A 22 -13.11 -2.63 28.04
N TYR A 23 -13.97 -3.00 27.08
CA TYR A 23 -14.29 -4.40 26.78
C TYR A 23 -14.06 -4.67 25.28
N LEU A 24 -12.99 -5.44 24.98
CA LEU A 24 -12.55 -5.80 23.63
C LEU A 24 -13.51 -6.77 22.95
N ILE A 25 -13.92 -6.38 21.74
CA ILE A 25 -14.83 -7.12 20.87
C ILE A 25 -13.98 -7.77 19.78
N GLU A 26 -13.06 -6.98 19.16
CA GLU A 26 -12.13 -7.42 18.13
C GLU A 26 -10.75 -6.75 18.29
N SER A 27 -9.68 -7.55 18.08
CA SER A 27 -8.28 -7.10 18.09
C SER A 27 -7.73 -7.63 16.80
N TYR A 28 -7.06 -6.78 16.06
CA TYR A 28 -6.53 -7.16 14.74
C TYR A 28 -5.38 -6.26 14.34
N SER A 29 -4.65 -6.64 13.27
CA SER A 29 -3.57 -5.91 12.63
C SER A 29 -2.41 -5.47 13.52
N LEU A 30 -1.66 -6.42 14.13
CA LEU A 30 -0.46 -5.99 14.84
C LEU A 30 0.65 -5.81 13.78
N ASP A 31 1.11 -4.56 13.60
CA ASP A 31 2.07 -4.12 12.60
C ASP A 31 3.36 -3.81 13.34
N ASP A 32 4.36 -4.71 13.22
CA ASP A 32 5.66 -4.56 13.90
C ASP A 32 6.44 -3.34 13.44
N LYS A 33 6.47 -3.09 12.13
CA LYS A 33 7.19 -1.95 11.59
C LYS A 33 6.62 -0.62 12.09
N ALA A 34 5.27 -0.48 12.09
CA ALA A 34 4.55 0.74 12.52
C ALA A 34 4.32 0.80 14.03
N GLU A 35 4.54 -0.34 14.71
CA GLU A 35 4.38 -0.54 16.15
C GLU A 35 2.96 -0.15 16.56
N THR A 36 1.96 -0.63 15.78
CA THR A 36 0.53 -0.37 16.02
C THR A 36 -0.30 -1.64 16.02
N PHE A 37 -1.51 -1.52 16.56
CA PHE A 37 -2.50 -2.57 16.57
C PHE A 37 -3.86 -1.89 16.50
N LYS A 38 -4.87 -2.59 16.02
CA LYS A 38 -6.19 -2.03 15.89
C LYS A 38 -7.16 -2.74 16.83
N VAL A 39 -8.10 -2.00 17.41
CA VAL A 39 -9.04 -2.60 18.35
C VAL A 39 -10.47 -2.10 18.08
N ASN A 40 -11.44 -2.97 18.38
CA ASN A 40 -12.89 -2.73 18.28
C ASN A 40 -13.39 -3.09 19.67
N ALA A 41 -13.90 -2.10 20.42
CA ALA A 41 -14.27 -2.29 21.82
C ALA A 41 -15.37 -1.37 22.34
N PHE A 42 -15.89 -1.71 23.53
CA PHE A 42 -16.85 -0.92 24.26
C PHE A 42 -16.09 -0.07 25.24
N LEU A 43 -16.49 1.19 25.38
CA LEU A 43 -15.96 2.09 26.41
C LEU A 43 -17.15 2.44 27.31
N SER A 44 -17.01 2.15 28.61
CA SER A 44 -18.03 2.46 29.61
C SER A 44 -17.54 3.53 30.57
N LEU A 45 -18.35 4.56 30.82
CA LEU A 45 -18.09 5.68 31.75
C LEU A 45 -19.24 5.79 32.74
N SER A 46 -18.91 6.08 34.00
CA SER A 46 -19.89 6.23 35.06
C SER A 46 -19.47 7.32 36.03
N TRP A 47 -20.38 8.28 36.26
CA TRP A 47 -20.16 9.41 37.17
C TRP A 47 -21.50 9.84 37.77
N LYS A 48 -21.45 10.46 38.98
CA LYS A 48 -22.64 10.98 39.68
C LYS A 48 -22.88 12.46 39.32
N ASP A 49 -24.06 12.76 38.75
CA ASP A 49 -24.50 14.13 38.41
C ASP A 49 -25.86 14.34 39.09
N ARG A 50 -25.84 14.90 40.33
CA ARG A 50 -27.03 15.14 41.17
C ARG A 50 -28.09 16.02 40.50
N ARG A 51 -27.66 16.99 39.66
CA ARG A 51 -28.56 17.86 38.87
C ARG A 51 -29.56 17.06 38.00
N LEU A 52 -29.34 15.73 37.85
CA LEU A 52 -30.13 14.81 37.04
C LEU A 52 -31.00 13.83 37.85
N ALA A 53 -30.73 13.72 39.18
CA ALA A 53 -31.46 12.83 40.11
C ALA A 53 -32.98 13.01 40.05
N PHE A 54 -33.73 11.94 40.33
CA PHE A 54 -35.21 11.93 40.29
C PHE A 54 -35.82 10.94 41.30
N ASP A 55 -37.12 11.10 41.63
CA ASP A 55 -37.83 10.20 42.53
C ASP A 55 -38.48 9.06 41.72
N PRO A 56 -38.23 7.77 42.06
CA PRO A 56 -38.84 6.67 41.27
C PRO A 56 -40.37 6.60 41.33
N VAL A 57 -40.95 6.97 42.50
CA VAL A 57 -42.40 6.96 42.78
C VAL A 57 -43.15 7.98 41.89
N ARG A 58 -42.76 9.28 41.99
CA ARG A 58 -43.34 10.39 41.24
C ARG A 58 -43.22 10.25 39.71
N SER A 59 -42.01 9.92 39.21
CA SER A 59 -41.73 9.79 37.77
C SER A 59 -42.31 8.53 37.11
N GLY A 60 -42.50 7.46 37.90
CA GLY A 60 -43.04 6.19 37.43
C GLY A 60 -42.14 5.42 36.50
N VAL A 61 -40.82 5.65 36.61
CA VAL A 61 -39.72 5.02 35.85
C VAL A 61 -38.49 4.95 36.76
N ARG A 62 -37.78 3.81 36.76
CA ARG A 62 -36.59 3.65 37.60
C ARG A 62 -35.29 4.08 36.89
N VAL A 63 -35.34 4.22 35.56
CA VAL A 63 -34.22 4.64 34.71
C VAL A 63 -34.61 5.79 33.78
N LYS A 64 -33.66 6.70 33.52
CA LYS A 64 -33.88 7.82 32.61
C LYS A 64 -32.83 7.83 31.51
N THR A 65 -33.27 7.92 30.24
CA THR A 65 -32.37 7.92 29.09
C THR A 65 -32.26 9.31 28.44
N TYR A 66 -31.01 9.79 28.24
CA TYR A 66 -30.74 11.10 27.63
C TYR A 66 -29.85 10.98 26.39
N GLU A 67 -29.76 12.07 25.60
CA GLU A 67 -28.93 12.20 24.41
C GLU A 67 -27.60 12.85 24.81
N PRO A 68 -26.46 12.52 24.15
CA PRO A 68 -25.16 13.11 24.55
C PRO A 68 -25.16 14.62 24.73
N GLU A 69 -25.86 15.31 23.83
CA GLU A 69 -26.03 16.75 23.77
C GLU A 69 -26.88 17.28 24.92
N ALA A 70 -27.89 16.49 25.35
CA ALA A 70 -28.83 16.84 26.42
C ALA A 70 -28.20 17.04 27.79
N ILE A 71 -27.18 16.22 28.15
CA ILE A 71 -26.54 16.28 29.47
C ILE A 71 -25.01 16.54 29.38
N TRP A 72 -24.34 16.58 30.55
CA TRP A 72 -22.90 16.76 30.65
C TRP A 72 -22.25 15.40 30.67
N ILE A 73 -21.28 15.24 29.75
CA ILE A 73 -20.51 14.03 29.56
C ILE A 73 -19.03 14.39 29.56
N PRO A 74 -18.19 13.68 30.36
CA PRO A 74 -16.76 14.05 30.42
C PRO A 74 -16.03 13.80 29.10
N GLU A 75 -15.20 14.76 28.68
CA GLU A 75 -14.41 14.68 27.46
C GLU A 75 -13.22 13.72 27.67
N ILE A 76 -13.47 12.40 27.57
CA ILE A 76 -12.45 11.36 27.73
C ILE A 76 -11.79 11.12 26.38
N ARG A 77 -10.45 11.13 26.37
CA ARG A 77 -9.69 10.91 25.16
C ARG A 77 -8.65 9.80 25.34
N PHE A 78 -8.06 9.35 24.24
CA PHE A 78 -6.99 8.36 24.20
C PHE A 78 -5.74 9.13 23.87
N VAL A 79 -4.65 8.81 24.55
CA VAL A 79 -3.38 9.49 24.36
C VAL A 79 -2.70 8.99 23.05
N ASN A 80 -2.49 7.67 22.97
CA ASN A 80 -1.74 6.96 21.94
C ASN A 80 -2.57 6.36 20.78
N VAL A 81 -3.39 7.18 20.14
CA VAL A 81 -4.10 6.72 18.96
C VAL A 81 -3.63 7.51 17.77
N GLU A 82 -3.45 6.82 16.61
CA GLU A 82 -3.01 7.44 15.37
C GLU A 82 -4.20 8.25 14.87
N ASN A 83 -5.24 7.55 14.39
CA ASN A 83 -6.44 8.23 14.00
C ASN A 83 -7.52 7.93 15.01
N ALA A 84 -7.92 9.03 15.73
CA ALA A 84 -8.90 9.14 16.82
C ALA A 84 -10.08 8.19 16.71
N ARG A 85 -10.45 7.59 17.86
CA ARG A 85 -11.51 6.59 18.00
C ARG A 85 -12.83 7.02 17.33
N ASP A 86 -13.30 6.16 16.42
CA ASP A 86 -14.55 6.35 15.71
C ASP A 86 -15.57 5.79 16.68
N ALA A 87 -16.26 6.70 17.38
CA ALA A 87 -17.19 6.35 18.43
C ALA A 87 -18.63 6.62 18.13
N ASP A 88 -19.49 5.68 18.54
CA ASP A 88 -20.93 5.75 18.42
C ASP A 88 -21.53 5.41 19.78
N VAL A 89 -22.33 6.35 20.35
CA VAL A 89 -22.93 6.17 21.67
C VAL A 89 -24.02 5.10 21.61
N VAL A 90 -23.91 4.08 22.49
CA VAL A 90 -24.83 2.96 22.57
C VAL A 90 -26.01 3.31 23.49
N ASP A 91 -25.70 3.78 24.73
CA ASP A 91 -26.69 4.15 25.73
C ASP A 91 -26.14 5.07 26.81
N ILE A 92 -27.02 5.91 27.38
CA ILE A 92 -26.77 6.81 28.50
C ILE A 92 -27.97 6.62 29.43
N SER A 93 -27.74 6.06 30.64
CA SER A 93 -28.77 5.76 31.63
C SER A 93 -28.51 6.44 32.97
N VAL A 94 -29.53 7.15 33.49
CA VAL A 94 -29.45 7.86 34.77
C VAL A 94 -30.30 7.11 35.79
N SER A 95 -29.69 6.80 36.95
CA SER A 95 -30.37 6.12 38.04
C SER A 95 -31.09 7.18 38.89
N PRO A 96 -32.06 6.81 39.80
CA PRO A 96 -32.74 7.83 40.61
C PRO A 96 -31.82 8.78 41.39
N ASP A 97 -30.68 8.26 41.88
CA ASP A 97 -29.72 9.06 42.65
C ASP A 97 -28.76 9.89 41.76
N GLY A 98 -29.02 9.89 40.44
CA GLY A 98 -28.24 10.65 39.47
C GLY A 98 -26.92 10.02 39.06
N THR A 99 -26.81 8.65 39.11
CA THR A 99 -25.61 7.92 38.70
C THR A 99 -25.71 7.61 37.20
N VAL A 100 -24.96 8.40 36.40
CA VAL A 100 -24.93 8.28 34.94
C VAL A 100 -24.10 7.07 34.53
N GLN A 101 -24.66 6.24 33.62
CA GLN A 101 -24.01 5.05 33.06
C GLN A 101 -24.00 5.15 31.52
N TYR A 102 -22.83 5.57 31.00
CA TYR A 102 -22.54 5.80 29.59
C TYR A 102 -21.83 4.59 28.95
N LEU A 103 -22.23 4.24 27.72
CA LEU A 103 -21.61 3.17 26.94
C LEU A 103 -21.51 3.57 25.50
N GLU A 104 -20.36 3.26 24.89
CA GLU A 104 -20.09 3.55 23.48
C GLU A 104 -19.26 2.45 22.86
N ARG A 105 -19.36 2.33 21.54
CA ARG A 105 -18.54 1.41 20.78
C ARG A 105 -17.54 2.25 20.03
N PHE A 106 -16.25 1.93 20.22
CA PHE A 106 -15.18 2.62 19.54
C PHE A 106 -14.32 1.63 18.76
N SER A 107 -13.43 2.19 17.94
CA SER A 107 -12.42 1.50 17.15
C SER A 107 -11.30 2.46 16.92
N ALA A 108 -10.07 2.05 17.22
CA ALA A 108 -8.91 2.91 17.07
C ALA A 108 -7.68 2.12 16.65
N ARG A 109 -6.71 2.84 16.02
CA ARG A 109 -5.40 2.35 15.63
C ARG A 109 -4.50 2.92 16.72
N VAL A 110 -4.08 2.04 17.66
CA VAL A 110 -3.31 2.36 18.85
C VAL A 110 -1.81 2.27 18.55
N LEU A 111 -1.03 3.30 18.89
CA LEU A 111 0.42 3.34 18.74
C LEU A 111 1.00 2.92 20.08
N SER A 112 1.77 1.84 20.14
CA SER A 112 2.35 1.35 21.39
C SER A 112 3.68 0.69 21.05
N PRO A 113 4.82 1.12 21.65
CA PRO A 113 6.12 0.52 21.29
C PRO A 113 6.27 -0.95 21.60
N LEU A 114 7.17 -1.61 20.85
CA LEU A 114 7.43 -3.03 20.98
C LEU A 114 8.89 -3.29 21.26
N ASP A 115 9.19 -4.32 22.10
CA ASP A 115 10.56 -4.68 22.45
C ASP A 115 11.01 -5.85 21.62
N PHE A 116 11.82 -5.59 20.59
CA PHE A 116 12.19 -6.63 19.64
C PHE A 116 13.44 -7.45 20.01
N ARG A 117 14.10 -7.14 21.16
CA ARG A 117 15.30 -7.83 21.68
C ARG A 117 15.26 -9.38 21.66
N ARG A 118 14.09 -9.99 21.85
CA ARG A 118 13.98 -11.45 21.85
C ARG A 118 13.25 -12.04 20.63
N TYR A 119 12.98 -11.22 19.60
CA TYR A 119 12.26 -11.65 18.38
C TYR A 119 12.87 -12.90 17.77
N PRO A 120 12.08 -13.89 17.34
CA PRO A 120 10.63 -13.96 17.36
C PRO A 120 10.07 -14.72 18.57
N PHE A 121 10.85 -14.77 19.68
CA PHE A 121 10.47 -15.47 20.92
C PHE A 121 10.07 -14.45 21.99
N ASP A 122 9.45 -13.34 21.55
CA ASP A 122 9.13 -12.22 22.40
C ASP A 122 7.70 -12.15 22.86
N SER A 123 7.52 -11.35 23.91
CA SER A 123 6.27 -11.06 24.55
C SER A 123 6.18 -9.55 24.63
N GLN A 124 4.98 -9.03 24.43
CA GLN A 124 4.73 -7.62 24.42
C GLN A 124 3.60 -7.20 25.38
N THR A 125 3.72 -5.95 25.89
CA THR A 125 2.66 -5.31 26.69
C THR A 125 2.12 -4.11 25.89
N LEU A 126 0.97 -4.32 25.25
CA LEU A 126 0.36 -3.26 24.47
C LEU A 126 -0.44 -2.34 25.41
N HIS A 127 -0.31 -1.00 25.27
CA HIS A 127 -1.07 -0.11 26.14
C HIS A 127 -2.17 0.68 25.46
N ILE A 128 -3.26 0.92 26.20
CA ILE A 128 -4.34 1.81 25.77
C ILE A 128 -4.45 2.86 26.90
N TYR A 129 -3.94 4.09 26.65
CA TYR A 129 -3.97 5.18 27.62
C TYR A 129 -5.18 6.10 27.52
N LEU A 130 -6.15 5.98 28.47
CA LEU A 130 -7.33 6.88 28.62
C LEU A 130 -6.92 8.11 29.43
N ILE A 131 -7.46 9.25 29.09
CA ILE A 131 -7.10 10.49 29.79
C ILE A 131 -8.32 11.43 29.92
N VAL A 132 -8.23 12.42 30.82
CA VAL A 132 -9.23 13.48 31.05
C VAL A 132 -8.52 14.78 31.48
N ARG A 133 -8.94 15.91 30.91
CA ARG A 133 -8.39 17.21 31.29
C ARG A 133 -9.42 17.87 32.21
N SER A 134 -8.98 18.46 33.32
CA SER A 134 -9.87 19.12 34.28
C SER A 134 -10.27 20.54 33.85
N CYS A 135 -11.41 21.03 34.40
CA CYS A 135 -11.98 22.35 34.15
C CYS A 135 -11.40 23.40 35.08
N ASP A 136 -11.61 24.68 34.75
CA ASP A 136 -11.22 25.79 35.63
C ASP A 136 -12.20 25.78 36.81
N THR A 137 -13.46 25.33 36.55
CA THR A 137 -14.49 25.18 37.59
C THR A 137 -14.07 24.07 38.55
N ARG A 138 -13.83 22.83 38.04
CA ARG A 138 -13.42 21.74 38.94
C ARG A 138 -12.51 20.67 38.31
N ASN A 139 -11.91 19.86 39.19
CA ASN A 139 -10.98 18.77 38.90
C ASN A 139 -11.66 17.42 38.64
N ILE A 140 -11.17 16.70 37.59
CA ILE A 140 -11.70 15.40 37.17
C ILE A 140 -10.58 14.32 37.23
N VAL A 141 -10.96 13.18 37.84
CA VAL A 141 -10.12 12.03 38.14
C VAL A 141 -10.78 10.75 37.58
N LEU A 142 -9.96 9.85 37.00
CA LEU A 142 -10.44 8.59 36.41
C LEU A 142 -10.26 7.40 37.35
N ALA A 143 -11.17 6.43 37.30
CA ALA A 143 -11.11 5.23 38.10
C ALA A 143 -11.41 4.04 37.20
N VAL A 144 -11.17 2.82 37.68
CA VAL A 144 -11.41 1.61 36.89
C VAL A 144 -12.50 0.76 37.55
N ASP A 145 -13.63 0.58 36.86
CA ASP A 145 -14.65 -0.35 37.37
C ASP A 145 -14.25 -1.70 36.83
N LEU A 146 -13.57 -2.51 37.66
CA LEU A 146 -13.07 -3.84 37.30
C LEU A 146 -14.16 -4.79 36.86
N GLU A 147 -15.41 -4.45 37.11
CA GLU A 147 -16.59 -5.23 36.74
C GLU A 147 -16.88 -5.11 35.23
N LYS A 148 -16.36 -4.04 34.58
CA LYS A 148 -16.58 -3.71 33.17
C LYS A 148 -15.28 -3.65 32.30
N VAL A 149 -14.23 -4.38 32.74
CA VAL A 149 -12.96 -4.46 32.01
C VAL A 149 -12.77 -5.92 31.62
N GLY A 150 -12.73 -6.17 30.32
CA GLY A 150 -12.55 -7.52 29.81
C GLY A 150 -12.41 -7.61 28.31
N LYS A 151 -12.60 -8.82 27.77
CA LYS A 151 -12.54 -9.15 26.35
C LYS A 151 -13.40 -10.38 26.09
N ASN A 152 -14.00 -10.44 24.90
CA ASN A 152 -14.82 -11.55 24.44
C ASN A 152 -13.89 -12.79 24.26
N ASP A 153 -14.41 -14.01 24.47
CA ASP A 153 -13.61 -15.24 24.40
C ASP A 153 -12.98 -15.51 23.01
N ASP A 154 -13.76 -15.29 21.94
CA ASP A 154 -13.35 -15.46 20.55
C ASP A 154 -12.29 -14.42 20.05
N VAL A 155 -11.92 -13.42 20.90
CA VAL A 155 -10.94 -12.38 20.54
C VAL A 155 -9.61 -13.05 20.26
N PHE A 156 -9.05 -12.74 19.08
CA PHE A 156 -7.77 -13.28 18.64
C PHE A 156 -6.95 -12.20 17.96
N LEU A 157 -5.62 -12.37 17.96
CA LEU A 157 -4.70 -11.48 17.26
C LEU A 157 -3.83 -12.41 16.46
N THR A 158 -3.93 -12.32 15.12
CA THR A 158 -3.25 -13.20 14.16
C THR A 158 -1.73 -13.19 14.39
N GLY A 159 -1.21 -14.39 14.65
CA GLY A 159 0.21 -14.62 14.91
C GLY A 159 0.62 -14.40 16.35
N TRP A 160 -0.34 -14.09 17.22
CA TRP A 160 -0.07 -13.82 18.63
C TRP A 160 -1.01 -14.58 19.53
N ASP A 161 -0.55 -14.86 20.76
CA ASP A 161 -1.36 -15.48 21.81
C ASP A 161 -1.77 -14.32 22.72
N ILE A 162 -3.08 -14.20 23.00
CA ILE A 162 -3.54 -13.14 23.91
C ILE A 162 -3.43 -13.72 25.32
N GLU A 163 -2.58 -13.11 26.14
CA GLU A 163 -2.36 -13.56 27.51
C GLU A 163 -3.39 -12.94 28.51
N SER A 164 -3.38 -11.58 28.65
CA SER A 164 -4.25 -10.85 29.57
C SER A 164 -4.79 -9.56 28.96
N PHE A 165 -5.78 -8.96 29.65
CA PHE A 165 -6.33 -7.62 29.41
C PHE A 165 -6.84 -7.11 30.74
N THR A 166 -6.03 -6.27 31.38
CA THR A 166 -6.28 -5.70 32.70
C THR A 166 -5.99 -4.21 32.67
N ALA A 167 -6.36 -3.50 33.77
CA ALA A 167 -6.09 -2.07 33.87
C ALA A 167 -5.32 -1.80 35.13
N VAL A 168 -4.41 -0.81 35.09
CA VAL A 168 -3.63 -0.33 36.23
C VAL A 168 -4.61 0.63 36.92
N VAL A 169 -5.27 0.12 38.00
CA VAL A 169 -6.35 0.73 38.81
C VAL A 169 -6.05 2.15 39.32
N LYS A 170 -4.79 2.47 39.66
CA LYS A 170 -4.47 3.80 40.15
C LYS A 170 -4.05 4.74 39.01
N PRO A 171 -4.81 5.82 38.69
CA PRO A 171 -4.42 6.72 37.58
C PRO A 171 -3.11 7.46 37.80
N ALA A 172 -2.60 8.06 36.75
CA ALA A 172 -1.37 8.83 36.84
C ALA A 172 -1.76 10.29 36.67
N ASN A 173 -2.05 10.96 37.81
CA ASN A 173 -2.48 12.36 37.85
C ASN A 173 -1.29 13.28 37.69
N PHE A 174 -1.38 14.31 36.84
CA PHE A 174 -0.26 15.21 36.56
C PHE A 174 -0.70 16.52 35.94
N ALA A 175 0.20 17.51 35.98
CA ALA A 175 -0.02 18.85 35.45
C ALA A 175 0.42 18.93 33.99
N LEU A 176 -0.44 19.50 33.15
CA LEU A 176 -0.12 19.72 31.76
C LEU A 176 -0.76 21.04 31.34
N GLU A 177 0.08 22.05 31.01
CA GLU A 177 -0.35 23.40 30.63
C GLU A 177 -1.22 24.04 31.74
N ASP A 178 -0.77 23.84 33.00
CA ASP A 178 -1.36 24.30 34.26
C ASP A 178 -2.80 23.79 34.51
N ARG A 179 -3.10 22.54 34.10
CA ARG A 179 -4.38 21.86 34.38
C ARG A 179 -4.14 20.38 34.68
N LEU A 180 -4.93 19.84 35.59
CA LEU A 180 -4.82 18.46 36.00
C LEU A 180 -5.34 17.49 34.92
N GLU A 181 -4.51 16.47 34.63
CA GLU A 181 -4.83 15.40 33.73
C GLU A 181 -4.76 14.08 34.49
N SER A 182 -5.83 13.25 34.42
CA SER A 182 -5.89 11.93 35.05
C SER A 182 -5.73 10.86 33.91
N LYS A 183 -4.63 10.08 33.92
CA LYS A 183 -4.32 9.10 32.86
C LYS A 183 -4.40 7.63 33.33
N LEU A 184 -5.19 6.80 32.64
CA LEU A 184 -5.29 5.38 32.99
C LEU A 184 -4.58 4.47 31.99
N ASP A 185 -4.03 3.34 32.48
CA ASP A 185 -3.29 2.37 31.69
C ASP A 185 -3.96 1.01 31.60
N TYR A 186 -4.60 0.76 30.45
CA TYR A 186 -5.19 -0.52 30.08
C TYR A 186 -4.04 -1.29 29.37
N GLN A 187 -3.85 -2.57 29.74
CA GLN A 187 -2.74 -3.40 29.25
C GLN A 187 -3.17 -4.70 28.63
N LEU A 188 -2.86 -4.87 27.35
CA LEU A 188 -3.15 -6.08 26.59
C LEU A 188 -1.82 -6.85 26.49
N ARG A 189 -1.71 -7.94 27.25
CA ARG A 189 -0.49 -8.75 27.27
C ARG A 189 -0.55 -9.85 26.23
N ILE A 190 0.46 -9.88 25.36
CA ILE A 190 0.51 -10.81 24.22
C ILE A 190 1.88 -11.45 24.07
N SER A 191 1.90 -12.69 23.56
CA SER A 191 3.17 -13.36 23.28
C SER A 191 3.12 -13.90 21.84
N ARG A 192 4.18 -13.61 21.08
CA ARG A 192 4.33 -13.98 19.68
C ARG A 192 4.44 -15.46 19.48
N GLN A 193 3.65 -16.00 18.52
CA GLN A 193 3.61 -17.40 18.09
C GLN A 193 4.76 -17.64 17.12
N TYR A 194 5.91 -18.03 17.69
CA TYR A 194 7.17 -18.27 17.01
C TYR A 194 7.19 -19.49 16.10
N PHE A 195 6.25 -20.44 16.31
CA PHE A 195 6.15 -21.72 15.60
C PHE A 195 6.54 -21.69 14.14
N SER A 196 5.97 -20.81 13.32
CA SER A 196 6.25 -20.83 11.89
C SER A 196 7.65 -20.28 11.51
N TYR A 197 8.30 -19.50 12.39
CA TYR A 197 9.66 -19.01 12.13
C TYR A 197 10.67 -20.15 11.99
N ILE A 198 10.43 -21.28 12.70
CA ILE A 198 11.27 -22.47 12.70
C ILE A 198 11.35 -23.12 11.30
N PRO A 199 10.27 -23.69 10.68
CA PRO A 199 10.44 -24.29 9.32
C PRO A 199 10.69 -23.28 8.19
N ASN A 200 10.30 -22.04 8.40
CA ASN A 200 10.41 -21.06 7.34
C ASN A 200 11.69 -20.27 7.29
N ILE A 201 12.29 -20.00 8.46
CA ILE A 201 13.50 -19.18 8.48
C ILE A 201 14.69 -19.86 9.22
N ILE A 202 14.51 -20.26 10.49
CA ILE A 202 15.59 -20.84 11.30
C ILE A 202 16.15 -22.11 10.66
N LEU A 203 15.37 -23.19 10.52
CA LEU A 203 15.93 -24.41 9.94
C LEU A 203 16.47 -24.22 8.50
N PRO A 204 15.77 -23.55 7.54
CA PRO A 204 16.38 -23.33 6.22
C PRO A 204 17.75 -22.70 6.31
N MET A 205 17.88 -21.64 7.12
CA MET A 205 19.13 -20.91 7.36
C MET A 205 20.24 -21.83 7.90
N LEU A 206 19.92 -22.81 8.77
CA LEU A 206 20.90 -23.74 9.32
C LEU A 206 21.34 -24.74 8.26
N PHE A 207 20.40 -25.26 7.43
CA PHE A 207 20.70 -26.20 6.36
C PHE A 207 21.72 -25.64 5.39
N ILE A 208 21.48 -24.41 4.87
CA ILE A 208 22.43 -23.81 3.95
C ILE A 208 23.78 -23.59 4.64
N LEU A 209 23.80 -23.32 5.95
CA LEU A 209 25.07 -23.18 6.69
C LEU A 209 25.82 -24.53 6.75
N PHE A 210 25.09 -25.62 7.12
CA PHE A 210 25.66 -26.95 7.18
C PHE A 210 26.15 -27.41 5.82
N ILE A 211 25.43 -27.03 4.74
CA ILE A 211 25.86 -27.32 3.36
C ILE A 211 27.20 -26.62 3.06
N SER A 212 27.41 -25.39 3.55
CA SER A 212 28.71 -24.74 3.32
C SER A 212 29.83 -25.51 4.00
N TRP A 213 29.50 -26.24 5.10
CA TRP A 213 30.46 -27.05 5.86
C TRP A 213 30.82 -28.37 5.19
N THR A 214 30.14 -28.72 4.07
CA THR A 214 30.56 -29.92 3.35
C THR A 214 31.88 -29.66 2.62
N ALA A 215 32.22 -28.36 2.35
CA ALA A 215 33.48 -27.90 1.72
C ALA A 215 34.71 -28.43 2.47
N PHE A 216 34.54 -28.80 3.76
CA PHE A 216 35.57 -29.35 4.62
C PHE A 216 35.92 -30.81 4.28
N TRP A 217 35.09 -31.51 3.49
CA TRP A 217 35.33 -32.88 3.04
C TRP A 217 35.53 -32.88 1.51
N SER A 218 36.17 -31.80 1.00
CA SER A 218 36.40 -31.55 -0.41
C SER A 218 37.73 -30.87 -0.64
N THR A 219 38.51 -31.39 -1.60
CA THR A 219 39.82 -30.86 -2.00
C THR A 219 39.71 -29.89 -3.19
N SER A 220 38.50 -29.86 -3.83
CA SER A 220 38.13 -29.07 -5.01
C SER A 220 37.83 -27.59 -4.71
N TYR A 221 38.85 -26.70 -4.85
CA TYR A 221 38.68 -25.25 -4.64
C TYR A 221 37.50 -24.68 -5.40
N GLU A 222 37.37 -25.02 -6.67
CA GLU A 222 36.30 -24.57 -7.55
C GLU A 222 34.90 -24.97 -6.98
N ALA A 223 34.74 -26.24 -6.53
CA ALA A 223 33.48 -26.68 -5.95
C ALA A 223 33.24 -25.99 -4.61
N ASN A 224 34.32 -25.79 -3.85
CA ASN A 224 34.23 -25.14 -2.54
C ASN A 224 33.79 -23.69 -2.67
N VAL A 225 34.35 -22.96 -3.63
CA VAL A 225 34.02 -21.57 -3.85
C VAL A 225 32.53 -21.46 -4.15
N THR A 226 31.98 -22.43 -4.88
CA THR A 226 30.55 -22.54 -5.19
C THR A 226 29.72 -22.78 -3.92
N LEU A 227 30.08 -23.79 -3.12
CA LEU A 227 29.34 -24.09 -1.90
C LEU A 227 29.24 -22.87 -1.01
N VAL A 228 30.37 -22.30 -0.62
CA VAL A 228 30.44 -21.18 0.32
C VAL A 228 29.81 -19.86 -0.24
N VAL A 229 30.07 -19.49 -1.50
CA VAL A 229 29.51 -18.25 -2.05
C VAL A 229 28.00 -18.37 -2.39
N SER A 230 27.54 -19.54 -2.88
CA SER A 230 26.10 -19.68 -3.16
C SER A 230 25.30 -19.69 -1.88
N THR A 231 25.75 -20.42 -0.85
CA THR A 231 25.02 -20.46 0.42
C THR A 231 25.08 -19.08 1.11
N LEU A 232 26.22 -18.34 0.94
CA LEU A 232 26.34 -16.99 1.51
C LEU A 232 25.31 -16.10 0.88
N ILE A 233 25.04 -16.32 -0.39
CA ILE A 233 24.09 -15.50 -1.10
C ILE A 233 22.67 -15.83 -0.65
N ALA A 234 22.38 -17.12 -0.34
CA ALA A 234 21.05 -17.45 0.20
C ALA A 234 20.91 -16.86 1.63
N HIS A 235 21.99 -16.80 2.43
CA HIS A 235 21.96 -16.18 3.78
C HIS A 235 21.59 -14.70 3.72
N ILE A 236 22.11 -13.95 2.72
CA ILE A 236 21.80 -12.52 2.50
C ILE A 236 20.29 -12.38 2.24
N ALA A 237 19.73 -13.32 1.41
CA ALA A 237 18.30 -13.39 1.11
C ALA A 237 17.47 -13.54 2.40
N PHE A 238 17.87 -14.43 3.31
CA PHE A 238 17.15 -14.58 4.58
C PHE A 238 17.37 -13.40 5.52
N ASN A 239 18.59 -12.82 5.54
CA ASN A 239 18.85 -11.61 6.34
C ASN A 239 17.87 -10.55 5.86
N ILE A 240 17.78 -10.33 4.50
CA ILE A 240 16.89 -9.35 3.88
C ILE A 240 15.45 -9.64 4.20
N LEU A 241 15.00 -10.91 4.00
CA LEU A 241 13.61 -11.31 4.27
C LEU A 241 13.20 -10.97 5.71
N VAL A 242 14.07 -11.30 6.66
CA VAL A 242 13.84 -11.08 8.08
C VAL A 242 13.72 -9.60 8.38
N GLU A 243 14.66 -8.77 7.92
CA GLU A 243 14.65 -7.34 8.23
C GLU A 243 13.48 -6.60 7.59
N THR A 244 12.76 -7.18 6.61
CA THR A 244 11.57 -6.51 6.02
C THR A 244 10.32 -6.65 6.92
N ASN A 245 10.36 -7.56 7.93
CA ASN A 245 9.30 -7.86 8.90
C ASN A 245 9.43 -6.94 10.16
N LEU A 246 10.57 -6.24 10.29
CA LEU A 246 10.93 -5.50 11.49
C LEU A 246 11.37 -4.07 11.25
N PRO A 247 11.13 -3.19 12.24
CA PRO A 247 11.65 -1.83 12.10
C PRO A 247 13.12 -1.80 12.49
N LYS A 248 13.78 -0.70 12.15
CA LYS A 248 15.18 -0.51 12.46
C LYS A 248 15.24 -0.13 13.95
N THR A 249 16.01 -0.91 14.73
CA THR A 249 16.13 -0.74 16.18
C THR A 249 17.54 -0.28 16.59
N PRO A 250 17.71 0.47 17.70
CA PRO A 250 19.09 0.86 18.09
C PRO A 250 19.76 -0.19 18.99
N TYR A 251 19.23 -1.41 18.97
CA TYR A 251 19.71 -2.56 19.72
C TYR A 251 19.71 -3.78 18.82
N MET A 252 20.39 -4.84 19.25
CA MET A 252 20.46 -6.09 18.49
C MET A 252 19.33 -7.00 18.92
N THR A 253 18.62 -7.59 17.96
CA THR A 253 17.54 -8.57 18.25
C THR A 253 18.19 -9.98 18.32
N TYR A 254 17.43 -10.97 18.79
CA TYR A 254 17.95 -12.32 18.91
C TYR A 254 18.30 -12.92 17.56
N THR A 255 17.33 -12.96 16.62
CA THR A 255 17.49 -13.46 15.25
C THR A 255 18.59 -12.66 14.57
N GLY A 256 18.60 -11.34 14.78
CA GLY A 256 19.58 -10.43 14.20
C GLY A 256 20.98 -10.82 14.56
N ALA A 257 21.19 -11.19 15.85
CA ALA A 257 22.49 -11.62 16.42
C ALA A 257 22.96 -12.92 15.79
N ILE A 258 22.06 -13.94 15.69
CA ILE A 258 22.37 -15.21 15.04
C ILE A 258 22.71 -14.93 13.59
N ILE A 259 21.81 -14.22 12.85
CA ILE A 259 22.03 -13.84 11.44
C ILE A 259 23.41 -13.20 11.25
N PHE A 260 23.77 -12.23 12.09
CA PHE A 260 25.06 -11.55 11.98
C PHE A 260 26.24 -12.48 12.24
N MET A 261 26.18 -13.24 13.35
CA MET A 261 27.21 -14.18 13.73
C MET A 261 27.46 -15.19 12.59
N ILE A 262 26.38 -15.69 11.93
CA ILE A 262 26.47 -16.63 10.82
C ILE A 262 27.28 -16.05 9.67
N TYR A 263 27.30 -14.71 9.45
CA TYR A 263 28.15 -14.12 8.39
C TYR A 263 29.60 -14.36 8.69
N LEU A 264 29.99 -14.21 9.97
CA LEU A 264 31.37 -14.37 10.41
C LEU A 264 31.87 -15.78 10.12
N PHE A 265 30.99 -16.79 10.23
CA PHE A 265 31.29 -18.17 9.88
C PHE A 265 31.60 -18.27 8.38
N TYR A 266 30.74 -17.70 7.51
CA TYR A 266 30.95 -17.69 6.05
C TYR A 266 32.30 -17.09 5.65
N PHE A 267 32.71 -16.00 6.32
CA PHE A 267 33.98 -15.35 6.07
C PHE A 267 35.14 -16.29 6.42
N VAL A 268 35.13 -16.87 7.63
CA VAL A 268 36.16 -17.80 8.09
C VAL A 268 36.22 -19.02 7.16
N ALA A 269 35.04 -19.60 6.80
CA ALA A 269 35.00 -20.72 5.85
C ALA A 269 35.65 -20.31 4.52
N VAL A 270 35.42 -19.08 4.05
CA VAL A 270 36.10 -18.64 2.82
C VAL A 270 37.62 -18.66 3.10
N ILE A 271 38.11 -18.04 4.23
CA ILE A 271 39.53 -18.05 4.54
C ILE A 271 40.08 -19.48 4.53
N GLU A 272 39.44 -20.44 5.26
CA GLU A 272 39.91 -21.83 5.28
C GLU A 272 40.05 -22.39 3.88
N VAL A 273 38.97 -22.26 3.09
CA VAL A 273 38.89 -22.72 1.70
C VAL A 273 40.03 -22.14 0.86
N THR A 274 40.31 -20.82 1.07
CA THR A 274 41.37 -20.08 0.37
C THR A 274 42.74 -20.65 0.74
N VAL A 275 43.00 -20.79 2.08
CA VAL A 275 44.25 -21.28 2.68
C VAL A 275 44.54 -22.70 2.22
N GLN A 276 43.57 -23.62 2.35
CA GLN A 276 43.66 -25.01 1.87
C GLN A 276 44.15 -25.03 0.44
N HIS A 277 43.53 -24.24 -0.46
CA HIS A 277 43.92 -24.21 -1.88
C HIS A 277 45.35 -23.76 -2.06
N TYR A 278 45.74 -22.67 -1.36
CA TYR A 278 47.06 -22.05 -1.43
C TYR A 278 48.15 -23.05 -1.12
N LEU A 279 47.94 -23.81 -0.05
CA LEU A 279 48.88 -24.80 0.42
C LEU A 279 48.97 -25.93 -0.56
N LYS A 280 47.85 -26.37 -1.09
CA LYS A 280 47.85 -27.41 -2.12
C LYS A 280 48.63 -26.94 -3.38
N VAL A 281 48.47 -25.67 -3.77
CA VAL A 281 49.17 -25.13 -4.93
C VAL A 281 50.69 -25.03 -4.67
N GLU A 282 51.08 -24.93 -3.39
CA GLU A 282 52.45 -24.79 -2.92
C GLU A 282 53.08 -26.13 -2.56
N SER A 283 52.39 -27.23 -2.92
CA SER A 283 52.80 -28.60 -2.62
C SER A 283 52.99 -28.82 -1.10
N GLN A 284 52.03 -28.29 -0.31
CA GLN A 284 51.94 -28.48 1.13
C GLN A 284 50.55 -29.10 1.46
N PRO A 285 50.09 -30.20 0.77
CA PRO A 285 48.75 -30.72 1.07
C PRO A 285 48.59 -31.38 2.44
N ALA A 286 49.70 -31.69 3.12
CA ALA A 286 49.68 -32.30 4.46
C ALA A 286 49.26 -31.29 5.54
N ARG A 287 49.83 -30.04 5.49
CA ARG A 287 49.53 -28.94 6.40
C ARG A 287 48.08 -28.52 6.18
N ALA A 288 47.68 -28.40 4.90
CA ALA A 288 46.35 -28.04 4.45
C ALA A 288 45.34 -29.08 4.94
N ALA A 289 45.69 -30.38 4.93
CA ALA A 289 44.82 -31.47 5.39
C ALA A 289 44.56 -31.39 6.88
N SER A 290 45.55 -30.92 7.66
CA SER A 290 45.36 -30.86 9.12
C SER A 290 44.46 -29.69 9.50
N ILE A 291 44.59 -28.54 8.79
CA ILE A 291 43.73 -27.37 8.97
C ILE A 291 42.25 -27.74 8.68
N THR A 292 41.99 -28.44 7.55
CA THR A 292 40.66 -28.89 7.12
C THR A 292 40.06 -29.90 8.11
N ARG A 293 40.91 -30.78 8.68
CA ARG A 293 40.50 -31.80 9.64
C ARG A 293 40.11 -31.15 10.97
N ALA A 294 40.78 -30.04 11.31
CA ALA A 294 40.49 -29.29 12.51
C ALA A 294 39.15 -28.57 12.30
N SER A 295 39.02 -27.86 11.15
CA SER A 295 37.84 -27.12 10.74
C SER A 295 36.56 -27.95 10.85
N ARG A 296 36.59 -29.23 10.41
CA ARG A 296 35.45 -30.17 10.47
C ARG A 296 34.81 -30.26 11.84
N ILE A 297 35.61 -30.18 12.94
CA ILE A 297 35.14 -30.21 14.32
C ILE A 297 34.97 -28.77 14.83
N ALA A 298 36.00 -27.93 14.67
CA ALA A 298 36.02 -26.55 15.17
C ALA A 298 34.80 -25.71 14.75
N PHE A 299 34.43 -25.72 13.45
CA PHE A 299 33.26 -24.99 12.96
C PHE A 299 31.95 -25.41 13.68
N PRO A 300 31.50 -26.71 13.69
CA PRO A 300 30.27 -27.03 14.45
C PRO A 300 30.36 -26.74 15.96
N VAL A 301 31.55 -26.92 16.59
CA VAL A 301 31.75 -26.71 18.03
C VAL A 301 31.65 -25.22 18.38
N VAL A 302 32.45 -24.35 17.74
CA VAL A 302 32.41 -22.89 17.95
C VAL A 302 30.99 -22.35 17.64
N PHE A 303 30.27 -22.99 16.69
CA PHE A 303 28.90 -22.61 16.38
C PHE A 303 27.95 -22.89 17.55
N LEU A 304 27.91 -24.15 18.04
CA LEU A 304 27.04 -24.55 19.16
C LEU A 304 27.37 -23.74 20.42
N LEU A 305 28.66 -23.49 20.69
CA LEU A 305 29.05 -22.71 21.86
C LEU A 305 28.55 -21.28 21.79
N ALA A 306 28.80 -20.58 20.67
CA ALA A 306 28.38 -19.18 20.48
C ALA A 306 26.86 -19.02 20.55
N ASN A 307 26.09 -20.05 20.12
CA ASN A 307 24.63 -20.03 20.22
C ASN A 307 24.18 -20.20 21.68
N ILE A 308 24.95 -20.96 22.48
CA ILE A 308 24.71 -21.13 23.92
C ILE A 308 24.98 -19.76 24.57
N ILE A 309 26.14 -19.13 24.27
CA ILE A 309 26.45 -17.79 24.77
C ILE A 309 25.30 -16.82 24.45
N LEU A 310 24.88 -16.74 23.16
CA LEU A 310 23.82 -15.82 22.71
C LEU A 310 22.48 -16.05 23.39
N ALA A 311 21.99 -17.31 23.45
CA ALA A 311 20.71 -17.61 24.09
C ALA A 311 20.72 -17.22 25.57
N PHE A 312 21.88 -17.33 26.21
CA PHE A 312 22.09 -16.97 27.62
C PHE A 312 21.99 -15.45 27.77
N LEU A 313 22.73 -14.68 26.95
CA LEU A 313 22.73 -13.22 26.99
C LEU A 313 21.41 -12.60 26.55
N PHE A 314 20.55 -13.38 25.87
CA PHE A 314 19.26 -12.85 25.41
C PHE A 314 18.06 -13.28 26.26
N PHE A 315 18.16 -14.41 27.02
CA PHE A 315 17.04 -14.93 27.81
C PHE A 315 17.34 -15.21 29.29
N VAL B 5 -37.52 9.50 21.11
CA VAL B 5 -37.58 8.13 20.60
C VAL B 5 -37.19 7.10 21.68
N SER B 6 -37.96 6.02 21.79
CA SER B 6 -37.73 4.93 22.75
C SER B 6 -38.32 3.61 22.18
N PRO B 7 -37.94 2.39 22.65
CA PRO B 7 -38.50 1.17 22.02
C PRO B 7 -40.03 1.03 22.16
N PRO B 8 -40.74 0.42 21.17
CA PRO B 8 -42.20 0.26 21.32
C PRO B 8 -42.56 -0.52 22.58
N PRO B 9 -43.71 -0.24 23.24
CA PRO B 9 -44.02 -0.96 24.47
C PRO B 9 -44.57 -2.37 24.22
N PRO B 10 -44.34 -3.33 25.13
CA PRO B 10 -44.89 -4.68 24.91
C PRO B 10 -46.37 -4.78 25.30
N ILE B 11 -47.14 -5.59 24.53
CA ILE B 11 -48.56 -5.85 24.84
C ILE B 11 -48.61 -6.73 26.10
N ALA B 12 -47.71 -7.73 26.15
CA ALA B 12 -47.49 -8.70 27.23
C ALA B 12 -46.01 -8.63 27.61
N ASP B 13 -45.51 -9.52 28.48
CA ASP B 13 -44.12 -9.53 28.91
C ASP B 13 -43.10 -10.04 27.83
N GLU B 14 -43.55 -10.23 26.57
CA GLU B 14 -42.74 -10.70 25.42
C GLU B 14 -41.62 -9.72 24.95
N PRO B 15 -40.48 -10.20 24.37
CA PRO B 15 -39.46 -9.25 23.90
C PRO B 15 -39.74 -8.79 22.48
N LEU B 16 -39.14 -7.65 22.08
CA LEU B 16 -39.32 -7.15 20.73
C LEU B 16 -38.44 -7.93 19.73
N THR B 17 -39.08 -8.59 18.77
CA THR B 17 -38.46 -9.41 17.73
C THR B 17 -38.17 -8.54 16.52
N VAL B 18 -36.88 -8.46 16.13
CA VAL B 18 -36.44 -7.75 14.93
C VAL B 18 -36.00 -8.80 13.92
N ASN B 19 -36.69 -8.86 12.78
CA ASN B 19 -36.38 -9.80 11.72
C ASN B 19 -35.29 -9.22 10.83
N THR B 20 -34.29 -10.07 10.51
CA THR B 20 -33.14 -9.66 9.71
C THR B 20 -33.01 -10.42 8.42
N GLY B 21 -32.24 -9.83 7.53
CA GLY B 21 -31.96 -10.34 6.20
C GLY B 21 -30.77 -9.63 5.59
N ILE B 22 -29.88 -10.42 4.98
CA ILE B 22 -28.70 -9.91 4.31
C ILE B 22 -28.72 -10.44 2.88
N TYR B 23 -28.70 -9.53 1.91
CA TYR B 23 -28.66 -9.94 0.51
C TYR B 23 -27.37 -9.42 -0.14
N LEU B 24 -26.43 -10.35 -0.48
CA LEU B 24 -25.14 -10.00 -1.08
C LEU B 24 -25.26 -9.54 -2.52
N ILE B 25 -24.74 -8.33 -2.79
CA ILE B 25 -24.70 -7.71 -4.11
C ILE B 25 -23.32 -7.97 -4.69
N GLU B 26 -22.27 -7.73 -3.87
CA GLU B 26 -20.87 -7.90 -4.23
C GLU B 26 -20.03 -8.44 -3.06
N SER B 27 -19.12 -9.40 -3.36
CA SER B 27 -18.16 -9.96 -2.41
C SER B 27 -16.86 -9.77 -3.11
N TYR B 28 -15.83 -9.37 -2.37
CA TYR B 28 -14.50 -9.09 -2.92
C TYR B 28 -13.41 -8.98 -1.87
N SER B 29 -12.17 -8.83 -2.33
CA SER B 29 -10.96 -8.66 -1.54
C SER B 29 -10.78 -9.69 -0.40
N LEU B 30 -10.72 -11.01 -0.74
CA LEU B 30 -10.40 -11.95 0.32
C LEU B 30 -8.88 -11.88 0.51
N ASP B 31 -8.48 -11.31 1.64
CA ASP B 31 -7.12 -11.08 2.05
C ASP B 31 -6.74 -12.15 3.10
N ASP B 32 -5.91 -13.13 2.70
CA ASP B 32 -5.49 -14.25 3.54
C ASP B 32 -4.65 -13.83 4.75
N LYS B 33 -3.69 -12.90 4.53
CA LYS B 33 -2.79 -12.45 5.58
C LYS B 33 -3.57 -11.80 6.67
N ALA B 34 -4.51 -10.90 6.30
CA ALA B 34 -5.39 -10.14 7.22
C ALA B 34 -6.54 -10.94 7.78
N GLU B 35 -6.91 -12.04 7.10
CA GLU B 35 -8.02 -12.91 7.48
C GLU B 35 -9.34 -12.12 7.40
N THR B 36 -9.51 -11.33 6.30
CA THR B 36 -10.66 -10.48 6.03
C THR B 36 -11.19 -10.60 4.63
N PHE B 37 -12.40 -10.07 4.42
CA PHE B 37 -13.08 -9.95 3.13
C PHE B 37 -13.91 -8.69 3.14
N LYS B 38 -14.32 -8.25 1.95
CA LYS B 38 -15.14 -7.06 1.80
C LYS B 38 -16.43 -7.47 1.16
N VAL B 39 -17.53 -6.90 1.64
CA VAL B 39 -18.86 -7.23 1.16
C VAL B 39 -19.66 -5.95 0.89
N ASN B 40 -20.60 -6.04 -0.06
CA ASN B 40 -21.52 -4.97 -0.43
C ASN B 40 -22.88 -5.63 -0.48
N ALA B 41 -23.75 -5.32 0.51
CA ALA B 41 -25.02 -6.02 0.61
C ALA B 41 -26.20 -5.16 1.03
N PHE B 42 -27.39 -5.79 1.01
CA PHE B 42 -28.64 -5.21 1.50
C PHE B 42 -28.86 -5.74 2.89
N LEU B 43 -29.18 -4.85 3.84
CA LEU B 43 -29.54 -5.23 5.20
C LEU B 43 -31.02 -4.84 5.40
N SER B 44 -31.90 -5.85 5.50
CA SER B 44 -33.32 -5.63 5.75
C SER B 44 -33.66 -5.85 7.23
N LEU B 45 -34.44 -4.93 7.82
CA LEU B 45 -34.87 -5.01 9.22
C LEU B 45 -36.39 -4.83 9.27
N SER B 46 -37.07 -5.64 10.10
CA SER B 46 -38.52 -5.58 10.25
C SER B 46 -39.00 -5.83 11.69
N TRP B 47 -39.74 -4.85 12.23
CA TRP B 47 -40.28 -4.86 13.61
C TRP B 47 -41.64 -4.17 13.69
N LYS B 48 -42.47 -4.53 14.70
CA LYS B 48 -43.79 -3.90 14.91
C LYS B 48 -43.67 -2.77 15.92
N ASP B 49 -44.14 -1.58 15.53
CA ASP B 49 -44.23 -0.38 16.37
C ASP B 49 -45.66 0.17 16.22
N ARG B 50 -46.59 -0.29 17.10
CA ARG B 50 -48.00 0.10 17.04
C ARG B 50 -48.22 1.61 17.23
N ARG B 51 -47.30 2.31 17.91
CA ARG B 51 -47.34 3.78 18.03
C ARG B 51 -47.33 4.46 16.63
N LEU B 52 -47.00 3.69 15.58
CA LEU B 52 -46.93 4.13 14.18
C LEU B 52 -48.16 3.74 13.35
N ALA B 53 -49.15 3.07 13.97
CA ALA B 53 -50.38 2.64 13.29
C ALA B 53 -51.16 3.83 12.72
N PHE B 54 -51.80 3.63 11.56
CA PHE B 54 -52.56 4.67 10.88
C PHE B 54 -53.72 4.09 10.08
N ASP B 55 -54.71 4.94 9.73
CA ASP B 55 -55.86 4.56 8.91
C ASP B 55 -55.57 4.90 7.45
N PRO B 56 -55.59 3.89 6.55
CA PRO B 56 -55.33 4.16 5.12
C PRO B 56 -56.33 5.12 4.49
N VAL B 57 -57.60 5.08 4.95
CA VAL B 57 -58.69 5.93 4.46
C VAL B 57 -58.44 7.38 4.90
N ARG B 58 -58.03 7.58 6.17
CA ARG B 58 -57.74 8.90 6.71
C ARG B 58 -56.49 9.50 6.05
N SER B 59 -55.35 8.78 6.14
CA SER B 59 -54.04 9.19 5.58
C SER B 59 -53.99 9.23 4.04
N GLY B 60 -54.84 8.44 3.37
CA GLY B 60 -54.90 8.36 1.92
C GLY B 60 -54.11 7.20 1.35
N VAL B 61 -52.87 7.03 1.83
CA VAL B 61 -51.91 6.00 1.41
C VAL B 61 -52.02 4.69 2.23
N ARG B 62 -51.71 3.54 1.60
CA ARG B 62 -51.72 2.22 2.22
C ARG B 62 -50.42 1.94 3.01
N VAL B 63 -49.31 2.62 2.65
CA VAL B 63 -47.99 2.47 3.28
C VAL B 63 -47.39 3.85 3.52
N LYS B 64 -46.90 4.10 4.73
CA LYS B 64 -46.25 5.36 5.04
C LYS B 64 -44.75 5.20 4.85
N THR B 65 -44.08 6.24 4.37
CA THR B 65 -42.62 6.28 4.19
C THR B 65 -42.05 7.28 5.18
N TYR B 66 -41.00 6.88 5.92
CA TYR B 66 -40.39 7.74 6.93
C TYR B 66 -38.90 7.97 6.72
N GLU B 67 -38.38 9.02 7.38
CA GLU B 67 -36.98 9.37 7.43
C GLU B 67 -36.47 8.68 8.71
N PRO B 68 -35.26 8.05 8.69
CA PRO B 68 -34.76 7.37 9.90
C PRO B 68 -34.89 8.12 11.22
N GLU B 69 -34.69 9.43 11.17
CA GLU B 69 -34.73 10.32 12.34
C GLU B 69 -36.15 10.45 12.93
N ALA B 70 -37.19 10.34 12.09
CA ALA B 70 -38.60 10.47 12.47
C ALA B 70 -39.14 9.37 13.37
N ILE B 71 -38.54 8.18 13.34
CA ILE B 71 -39.03 7.04 14.12
C ILE B 71 -37.95 6.35 14.94
N TRP B 72 -38.36 5.42 15.83
CA TRP B 72 -37.43 4.61 16.60
C TRP B 72 -36.98 3.50 15.66
N ILE B 73 -35.65 3.29 15.58
CA ILE B 73 -35.02 2.26 14.78
C ILE B 73 -34.09 1.46 15.69
N PRO B 74 -34.14 0.11 15.68
CA PRO B 74 -33.26 -0.67 16.58
C PRO B 74 -31.78 -0.49 16.24
N GLU B 75 -30.92 -0.45 17.27
CA GLU B 75 -29.46 -0.28 17.15
C GLU B 75 -28.82 -1.62 16.85
N ILE B 76 -28.98 -2.13 15.61
CA ILE B 76 -28.40 -3.38 15.10
C ILE B 76 -26.98 -3.10 14.65
N ARG B 77 -26.00 -3.81 15.21
CA ARG B 77 -24.61 -3.57 14.83
C ARG B 77 -23.93 -4.85 14.35
N PHE B 78 -22.74 -4.70 13.76
CA PHE B 78 -21.91 -5.82 13.32
C PHE B 78 -20.87 -6.06 14.36
N VAL B 79 -20.61 -7.33 14.68
CA VAL B 79 -19.60 -7.64 15.68
C VAL B 79 -18.17 -7.47 15.11
N ASN B 80 -17.86 -8.28 14.08
CA ASN B 80 -16.56 -8.43 13.44
C ASN B 80 -16.31 -7.56 12.18
N VAL B 81 -16.43 -6.24 12.28
CA VAL B 81 -16.12 -5.39 11.13
C VAL B 81 -14.97 -4.49 11.47
N GLU B 82 -14.00 -4.35 10.55
CA GLU B 82 -12.83 -3.49 10.74
C GLU B 82 -13.25 -2.11 10.27
N ASN B 83 -13.69 -2.01 9.00
CA ASN B 83 -14.16 -0.76 8.43
C ASN B 83 -15.64 -0.63 8.62
N ALA B 84 -16.01 0.41 9.42
CA ALA B 84 -17.36 0.82 9.80
C ALA B 84 -18.31 0.63 8.63
N ARG B 85 -19.46 -0.04 8.89
CA ARG B 85 -20.41 -0.29 7.83
C ARG B 85 -20.96 1.03 7.27
N ASP B 86 -20.47 1.36 6.07
CA ASP B 86 -20.84 2.53 5.31
C ASP B 86 -22.24 2.17 4.88
N ALA B 87 -23.23 2.78 5.55
CA ALA B 87 -24.63 2.46 5.34
C ALA B 87 -25.41 3.60 4.72
N ASP B 88 -26.45 3.26 3.94
CA ASP B 88 -27.33 4.22 3.32
C ASP B 88 -28.75 3.68 3.18
N VAL B 89 -29.70 4.34 3.86
CA VAL B 89 -31.10 3.95 3.90
C VAL B 89 -31.72 4.11 2.52
N VAL B 90 -32.25 2.99 2.02
CA VAL B 90 -32.91 2.86 0.72
C VAL B 90 -34.41 3.15 0.91
N ASP B 91 -35.02 2.53 1.93
CA ASP B 91 -36.45 2.66 2.18
C ASP B 91 -36.80 2.35 3.62
N ILE B 92 -37.79 3.08 4.14
CA ILE B 92 -38.41 2.86 5.44
C ILE B 92 -39.90 2.88 5.16
N SER B 93 -40.54 1.71 5.27
CA SER B 93 -41.95 1.55 4.99
C SER B 93 -42.75 1.05 6.20
N VAL B 94 -43.75 1.84 6.62
CA VAL B 94 -44.65 1.55 7.73
C VAL B 94 -46.04 1.15 7.18
N SER B 95 -46.58 0.03 7.66
CA SER B 95 -47.91 -0.42 7.23
C SER B 95 -48.97 -0.04 8.32
N PRO B 96 -50.31 -0.03 8.01
CA PRO B 96 -51.32 0.38 9.02
C PRO B 96 -51.25 -0.26 10.40
N ASP B 97 -50.84 -1.54 10.49
CA ASP B 97 -50.73 -2.23 11.78
C ASP B 97 -49.51 -1.78 12.61
N GLY B 98 -48.60 -1.03 11.98
CA GLY B 98 -47.39 -0.55 12.63
C GLY B 98 -46.15 -1.37 12.30
N THR B 99 -46.26 -2.29 11.33
CA THR B 99 -45.13 -3.11 10.89
C THR B 99 -44.17 -2.24 10.05
N VAL B 100 -42.93 -2.12 10.54
CA VAL B 100 -41.86 -1.36 9.89
C VAL B 100 -40.99 -2.29 9.03
N GLN B 101 -40.70 -1.85 7.81
CA GLN B 101 -39.84 -2.52 6.84
C GLN B 101 -38.73 -1.54 6.47
N TYR B 102 -37.56 -1.77 7.06
CA TYR B 102 -36.32 -1.00 6.91
C TYR B 102 -35.38 -1.68 5.91
N LEU B 103 -34.84 -0.89 4.96
CA LEU B 103 -33.87 -1.38 3.98
C LEU B 103 -32.67 -0.43 3.83
N GLU B 104 -31.47 -0.95 4.17
CA GLU B 104 -30.23 -0.20 4.03
C GLU B 104 -29.24 -0.95 3.20
N ARG B 105 -28.49 -0.24 2.38
CA ARG B 105 -27.43 -0.88 1.62
C ARG B 105 -26.13 -0.57 2.37
N PHE B 106 -25.30 -1.59 2.57
CA PHE B 106 -24.05 -1.38 3.29
C PHE B 106 -22.87 -1.99 2.54
N SER B 107 -21.67 -1.67 3.04
CA SER B 107 -20.38 -2.19 2.60
C SER B 107 -19.51 -2.22 3.85
N ALA B 108 -18.82 -3.34 4.10
CA ALA B 108 -17.96 -3.50 5.29
C ALA B 108 -16.77 -4.41 5.03
N ARG B 109 -15.71 -4.27 5.88
CA ARG B 109 -14.54 -5.12 5.83
C ARG B 109 -14.69 -6.05 7.02
N VAL B 110 -15.20 -7.24 6.76
CA VAL B 110 -15.46 -8.26 7.77
C VAL B 110 -14.15 -9.00 8.11
N LEU B 111 -13.85 -9.18 9.39
CA LEU B 111 -12.68 -9.91 9.89
C LEU B 111 -13.19 -11.29 10.34
N SER B 112 -12.81 -12.33 9.63
CA SER B 112 -13.26 -13.68 9.94
C SER B 112 -12.08 -14.64 9.78
N PRO B 113 -11.70 -15.40 10.86
CA PRO B 113 -10.53 -16.30 10.76
C PRO B 113 -10.67 -17.47 9.78
N LEU B 114 -9.52 -17.78 9.14
CA LEU B 114 -9.30 -18.77 8.10
C LEU B 114 -8.39 -19.88 8.60
N ASP B 115 -8.68 -21.12 8.20
CA ASP B 115 -7.90 -22.29 8.60
C ASP B 115 -7.10 -22.72 7.40
N PHE B 116 -5.78 -22.49 7.45
CA PHE B 116 -4.86 -22.75 6.34
C PHE B 116 -4.21 -24.12 6.33
N ARG B 117 -4.59 -25.02 7.26
CA ARG B 117 -4.05 -26.37 7.37
C ARG B 117 -4.01 -27.14 6.00
N ARG B 118 -5.05 -27.00 5.18
CA ARG B 118 -5.13 -27.71 3.90
C ARG B 118 -4.74 -26.84 2.69
N TYR B 119 -4.21 -25.62 2.92
CA TYR B 119 -3.82 -24.69 1.86
C TYR B 119 -2.91 -25.36 0.81
N PRO B 120 -3.17 -25.19 -0.50
CA PRO B 120 -4.24 -24.39 -1.13
C PRO B 120 -5.50 -25.19 -1.51
N PHE B 121 -5.75 -26.37 -0.88
CA PHE B 121 -6.92 -27.20 -1.18
C PHE B 121 -7.99 -27.06 -0.05
N ASP B 122 -7.95 -25.92 0.64
CA ASP B 122 -8.77 -25.56 1.80
C ASP B 122 -10.13 -24.92 1.47
N SER B 123 -11.01 -24.98 2.47
CA SER B 123 -12.36 -24.43 2.41
C SER B 123 -12.57 -23.61 3.65
N GLN B 124 -13.37 -22.56 3.53
CA GLN B 124 -13.61 -21.66 4.65
C GLN B 124 -15.06 -21.43 4.89
N THR B 125 -15.40 -21.05 6.12
CA THR B 125 -16.75 -20.63 6.51
C THR B 125 -16.58 -19.21 7.03
N LEU B 126 -16.87 -18.24 6.16
CA LEU B 126 -16.76 -16.84 6.53
C LEU B 126 -18.01 -16.43 7.31
N HIS B 127 -17.86 -15.59 8.36
CA HIS B 127 -18.98 -15.16 9.18
C HIS B 127 -19.22 -13.66 9.21
N ILE B 128 -20.50 -13.27 9.21
CA ILE B 128 -20.96 -11.89 9.42
C ILE B 128 -21.93 -12.01 10.59
N TYR B 129 -21.50 -11.48 11.75
CA TYR B 129 -22.25 -11.48 13.00
C TYR B 129 -23.04 -10.22 13.21
N LEU B 130 -24.38 -10.35 13.30
CA LEU B 130 -25.30 -9.26 13.58
C LEU B 130 -25.60 -9.28 15.05
N ILE B 131 -25.77 -8.12 15.64
CA ILE B 131 -26.03 -8.07 17.09
C ILE B 131 -26.95 -6.90 17.52
N VAL B 132 -27.55 -7.00 18.72
CA VAL B 132 -28.41 -5.98 19.33
C VAL B 132 -28.36 -6.05 20.86
N ARG B 133 -28.10 -4.91 21.49
CA ARG B 133 -28.15 -4.82 22.95
C ARG B 133 -29.58 -4.35 23.33
N SER B 134 -30.16 -5.03 24.34
CA SER B 134 -31.49 -4.77 24.88
C SER B 134 -31.50 -3.59 25.85
N CYS B 135 -32.64 -2.86 25.89
CA CYS B 135 -32.86 -1.70 26.77
C CYS B 135 -33.22 -2.15 28.19
N ASP B 136 -33.31 -1.17 29.11
CA ASP B 136 -33.75 -1.39 30.49
C ASP B 136 -35.29 -1.50 30.43
N THR B 137 -35.90 -0.69 29.53
CA THR B 137 -37.33 -0.64 29.22
C THR B 137 -37.81 -2.01 28.71
N ARG B 138 -37.25 -2.49 27.57
CA ARG B 138 -37.60 -3.81 27.04
C ARG B 138 -36.47 -4.46 26.20
N ASN B 139 -36.51 -5.80 26.19
CA ASN B 139 -35.58 -6.69 25.52
C ASN B 139 -35.85 -6.83 24.04
N ILE B 140 -34.76 -6.77 23.24
CA ILE B 140 -34.79 -6.92 21.79
C ILE B 140 -34.10 -8.22 21.44
N VAL B 141 -34.70 -8.98 20.55
CA VAL B 141 -34.19 -10.27 20.12
C VAL B 141 -34.21 -10.34 18.60
N LEU B 142 -33.09 -10.76 18.00
CA LEU B 142 -32.95 -10.89 16.56
C LEU B 142 -33.56 -12.20 16.06
N ALA B 143 -34.03 -12.19 14.81
CA ALA B 143 -34.62 -13.35 14.14
C ALA B 143 -34.29 -13.26 12.67
N VAL B 144 -34.34 -14.39 11.97
CA VAL B 144 -34.01 -14.42 10.54
C VAL B 144 -35.23 -14.65 9.68
N ASP B 145 -35.53 -13.71 8.74
CA ASP B 145 -36.59 -13.91 7.75
C ASP B 145 -35.86 -14.60 6.60
N LEU B 146 -36.00 -15.94 6.48
CA LEU B 146 -35.32 -16.73 5.43
C LEU B 146 -35.61 -16.25 4.01
N GLU B 147 -36.75 -15.58 3.82
CA GLU B 147 -37.20 -15.04 2.55
C GLU B 147 -36.39 -13.80 2.11
N LYS B 148 -35.56 -13.23 3.02
CA LYS B 148 -34.77 -12.03 2.74
C LYS B 148 -33.24 -12.24 2.90
N VAL B 149 -32.82 -13.51 2.89
CA VAL B 149 -31.42 -13.91 3.02
C VAL B 149 -30.99 -14.51 1.69
N GLY B 150 -29.89 -14.00 1.12
CA GLY B 150 -29.39 -14.49 -0.16
C GLY B 150 -28.27 -13.70 -0.80
N LYS B 151 -28.04 -13.99 -2.09
CA LYS B 151 -27.00 -13.39 -2.92
C LYS B 151 -27.38 -13.39 -4.39
N ASN B 152 -26.99 -12.33 -5.11
CA ASN B 152 -27.24 -12.19 -6.54
C ASN B 152 -26.44 -13.27 -7.29
N ASP B 153 -26.98 -13.81 -8.41
CA ASP B 153 -26.35 -14.89 -9.18
C ASP B 153 -24.94 -14.56 -9.70
N ASP B 154 -24.67 -13.26 -9.93
CA ASP B 154 -23.40 -12.72 -10.40
C ASP B 154 -22.29 -12.68 -9.33
N VAL B 155 -22.63 -12.69 -8.01
CA VAL B 155 -21.66 -12.61 -6.89
C VAL B 155 -20.50 -13.57 -7.11
N PHE B 156 -19.28 -13.03 -7.09
CA PHE B 156 -18.05 -13.78 -7.30
C PHE B 156 -16.97 -13.34 -6.34
N LEU B 157 -16.09 -14.29 -5.95
CA LEU B 157 -14.96 -13.98 -5.07
C LEU B 157 -13.72 -14.48 -5.79
N THR B 158 -13.02 -13.54 -6.45
CA THR B 158 -11.78 -13.75 -7.21
C THR B 158 -10.86 -14.71 -6.47
N GLY B 159 -10.54 -15.82 -7.12
CA GLY B 159 -9.70 -16.89 -6.57
C GLY B 159 -10.40 -17.92 -5.69
N TRP B 160 -11.74 -17.84 -5.59
CA TRP B 160 -12.54 -18.75 -4.76
C TRP B 160 -13.83 -19.17 -5.47
N ASP B 161 -14.43 -20.25 -5.03
CA ASP B 161 -15.74 -20.70 -5.50
C ASP B 161 -16.67 -20.43 -4.34
N ILE B 162 -17.79 -19.74 -4.58
CA ILE B 162 -18.79 -19.49 -3.53
C ILE B 162 -19.77 -20.65 -3.51
N GLU B 163 -19.79 -21.40 -2.41
CA GLU B 163 -20.67 -22.55 -2.21
C GLU B 163 -22.08 -22.09 -1.78
N SER B 164 -22.21 -21.48 -0.59
CA SER B 164 -23.49 -21.03 -0.04
C SER B 164 -23.39 -19.76 0.80
N PHE B 165 -24.54 -19.12 1.05
CA PHE B 165 -24.71 -17.98 1.95
C PHE B 165 -26.07 -18.20 2.61
N THR B 166 -26.03 -18.61 3.89
CA THR B 166 -27.20 -18.94 4.71
C THR B 166 -27.01 -18.33 6.10
N ALA B 167 -28.08 -18.33 6.92
CA ALA B 167 -27.97 -17.82 8.28
C ALA B 167 -28.29 -18.93 9.29
N VAL B 168 -27.68 -18.84 10.48
CA VAL B 168 -27.95 -19.74 11.62
C VAL B 168 -29.09 -19.00 12.32
N VAL B 169 -30.33 -19.46 12.03
CA VAL B 169 -31.61 -18.87 12.44
C VAL B 169 -31.76 -18.64 13.96
N LYS B 170 -31.25 -19.57 14.79
CA LYS B 170 -31.34 -19.44 16.25
C LYS B 170 -30.32 -18.43 16.76
N PRO B 171 -30.72 -17.24 17.26
CA PRO B 171 -29.73 -16.28 17.76
C PRO B 171 -29.07 -16.72 19.05
N ALA B 172 -27.87 -16.21 19.29
CA ALA B 172 -27.14 -16.47 20.51
C ALA B 172 -27.53 -15.34 21.44
N ASN B 173 -28.42 -15.63 22.40
CA ASN B 173 -28.90 -14.68 23.39
C ASN B 173 -28.07 -14.89 24.66
N PHE B 174 -27.35 -13.85 25.09
CA PHE B 174 -26.45 -13.93 26.23
C PHE B 174 -26.37 -12.60 26.95
N ALA B 175 -25.73 -12.59 28.12
CA ALA B 175 -25.57 -11.38 28.92
C ALA B 175 -24.19 -10.78 28.77
N LEU B 176 -24.11 -9.47 28.62
CA LEU B 176 -22.84 -8.76 28.51
C LEU B 176 -22.96 -7.40 29.18
N GLU B 177 -22.07 -7.11 30.17
CA GLU B 177 -22.02 -5.87 30.98
C GLU B 177 -23.41 -5.53 31.57
N ASP B 178 -24.05 -6.55 32.19
CA ASP B 178 -25.37 -6.53 32.85
C ASP B 178 -26.54 -6.06 31.95
N ARG B 179 -26.53 -6.48 30.67
CA ARG B 179 -27.59 -6.23 29.68
C ARG B 179 -27.68 -7.42 28.70
N LEU B 180 -28.87 -7.62 28.10
CA LEU B 180 -29.07 -8.71 27.15
C LEU B 180 -28.54 -8.34 25.77
N GLU B 181 -27.87 -9.31 25.13
CA GLU B 181 -27.28 -9.22 23.80
C GLU B 181 -27.88 -10.36 22.96
N SER B 182 -28.26 -10.06 21.70
CA SER B 182 -28.85 -11.05 20.77
C SER B 182 -28.04 -11.06 19.45
N LYS B 183 -27.26 -12.14 19.24
CA LYS B 183 -26.32 -12.31 18.10
C LYS B 183 -26.81 -13.27 17.01
N LEU B 184 -26.70 -12.84 15.73
CA LEU B 184 -27.00 -13.70 14.58
C LEU B 184 -25.71 -14.05 13.80
N ASP B 185 -25.69 -15.25 13.20
CA ASP B 185 -24.54 -15.72 12.46
C ASP B 185 -24.89 -16.06 11.05
N TYR B 186 -24.51 -15.16 10.13
CA TYR B 186 -24.64 -15.34 8.68
C TYR B 186 -23.33 -15.98 8.19
N GLN B 187 -23.44 -17.07 7.43
CA GLN B 187 -22.29 -17.86 6.99
C GLN B 187 -22.15 -17.94 5.48
N LEU B 188 -20.99 -17.47 4.99
CA LEU B 188 -20.63 -17.48 3.58
C LEU B 188 -19.57 -18.56 3.35
N ARG B 189 -19.96 -19.66 2.67
CA ARG B 189 -19.10 -20.81 2.41
C ARG B 189 -18.34 -20.71 1.13
N ILE B 190 -17.02 -20.87 1.23
CA ILE B 190 -16.13 -20.79 0.07
C ILE B 190 -15.11 -21.93 0.03
N SER B 191 -14.75 -22.34 -1.16
CA SER B 191 -13.69 -23.32 -1.36
C SER B 191 -12.73 -22.68 -2.34
N ARG B 192 -11.43 -22.80 -2.03
CA ARG B 192 -10.33 -22.22 -2.78
C ARG B 192 -10.10 -22.88 -4.13
N GLN B 193 -9.97 -22.05 -5.17
CA GLN B 193 -9.64 -22.47 -6.54
C GLN B 193 -8.13 -22.72 -6.59
N TYR B 194 -7.73 -23.97 -6.31
CA TYR B 194 -6.32 -24.42 -6.27
C TYR B 194 -5.61 -24.51 -7.63
N PHE B 195 -6.36 -24.48 -8.74
CA PHE B 195 -5.85 -24.62 -10.11
C PHE B 195 -4.51 -23.94 -10.37
N SER B 196 -4.43 -22.62 -10.25
CA SER B 196 -3.21 -21.84 -10.55
C SER B 196 -1.95 -22.33 -9.80
N TYR B 197 -2.08 -22.76 -8.53
CA TYR B 197 -0.98 -23.25 -7.69
C TYR B 197 -0.17 -24.38 -8.32
N ILE B 198 -0.82 -25.25 -9.10
CA ILE B 198 -0.20 -26.37 -9.79
C ILE B 198 0.81 -25.88 -10.85
N PRO B 199 0.41 -25.20 -11.96
CA PRO B 199 1.43 -24.76 -12.93
C PRO B 199 2.38 -23.66 -12.46
N ASN B 200 2.01 -22.89 -11.40
CA ASN B 200 2.82 -21.75 -10.97
C ASN B 200 3.75 -22.00 -9.81
N ILE B 201 3.41 -22.95 -8.92
CA ILE B 201 4.23 -23.24 -7.74
C ILE B 201 4.57 -24.72 -7.64
N ILE B 202 3.55 -25.60 -7.55
CA ILE B 202 3.74 -27.04 -7.34
C ILE B 202 4.64 -27.68 -8.38
N LEU B 203 4.27 -27.66 -9.68
CA LEU B 203 5.06 -28.33 -10.72
C LEU B 203 6.43 -27.65 -10.92
N PRO B 204 6.58 -26.30 -11.03
CA PRO B 204 7.95 -25.73 -11.11
C PRO B 204 8.86 -26.18 -9.99
N MET B 205 8.32 -26.35 -8.78
CA MET B 205 9.06 -26.81 -7.59
C MET B 205 9.49 -28.27 -7.74
N LEU B 206 8.67 -29.09 -8.43
CA LEU B 206 9.00 -30.50 -8.65
C LEU B 206 10.03 -30.64 -9.78
N PHE B 207 9.93 -29.80 -10.82
CA PHE B 207 10.89 -29.81 -11.91
C PHE B 207 12.30 -29.52 -11.42
N ILE B 208 12.45 -28.50 -10.53
CA ILE B 208 13.75 -28.15 -9.98
C ILE B 208 14.26 -29.28 -9.05
N LEU B 209 13.36 -29.90 -8.25
CA LEU B 209 13.75 -31.03 -7.39
C LEU B 209 14.32 -32.20 -8.23
N PHE B 210 13.64 -32.53 -9.34
CA PHE B 210 14.06 -33.62 -10.21
C PHE B 210 15.33 -33.27 -10.97
N ILE B 211 15.53 -31.98 -11.29
CA ILE B 211 16.78 -31.51 -11.93
C ILE B 211 17.96 -31.78 -11.00
N SER B 212 17.77 -31.63 -9.69
CA SER B 212 18.84 -31.91 -8.72
C SER B 212 19.17 -33.41 -8.69
N TRP B 213 18.17 -34.28 -9.00
CA TRP B 213 18.33 -35.73 -8.97
C TRP B 213 19.15 -36.28 -10.14
N THR B 214 19.43 -35.43 -11.14
CA THR B 214 20.30 -35.80 -12.26
C THR B 214 21.75 -35.93 -11.76
N ALA B 215 22.08 -35.39 -10.57
CA ALA B 215 23.40 -35.52 -9.94
C ALA B 215 23.73 -36.99 -9.61
N PHE B 216 22.70 -37.89 -9.61
CA PHE B 216 22.89 -39.34 -9.37
C PHE B 216 23.32 -40.09 -10.66
N TRP B 217 23.44 -39.37 -11.81
CA TRP B 217 23.90 -39.90 -13.08
C TRP B 217 25.12 -39.11 -13.52
N SER B 218 25.79 -38.48 -12.52
CA SER B 218 26.99 -37.70 -12.71
C SER B 218 28.05 -38.09 -11.72
N THR B 219 29.28 -38.15 -12.21
CA THR B 219 30.51 -38.45 -11.47
C THR B 219 31.31 -37.14 -11.25
N SER B 220 30.79 -36.01 -11.76
CA SER B 220 31.39 -34.69 -11.70
C SER B 220 30.95 -33.89 -10.45
N TYR B 221 31.79 -33.85 -9.41
CA TYR B 221 31.49 -33.12 -8.17
C TYR B 221 31.21 -31.64 -8.42
N GLU B 222 32.04 -30.95 -9.25
CA GLU B 222 31.87 -29.52 -9.52
C GLU B 222 30.53 -29.22 -10.14
N ALA B 223 30.07 -30.12 -11.03
CA ALA B 223 28.75 -30.03 -11.68
C ALA B 223 27.67 -30.31 -10.66
N ASN B 224 27.79 -31.39 -9.89
CA ASN B 224 26.78 -31.82 -8.91
C ASN B 224 26.52 -30.75 -7.86
N VAL B 225 27.59 -30.11 -7.37
CA VAL B 225 27.53 -29.03 -6.41
C VAL B 225 26.67 -27.93 -7.01
N THR B 226 26.88 -27.59 -8.30
CA THR B 226 26.07 -26.61 -9.04
C THR B 226 24.62 -27.06 -9.09
N LEU B 227 24.37 -28.30 -9.56
CA LEU B 227 23.00 -28.82 -9.66
C LEU B 227 22.21 -28.73 -8.39
N VAL B 228 22.77 -29.16 -7.26
CA VAL B 228 22.00 -29.26 -6.02
C VAL B 228 21.90 -27.89 -5.32
N VAL B 229 23.00 -27.14 -5.31
CA VAL B 229 23.04 -25.81 -4.71
C VAL B 229 22.19 -24.80 -5.49
N SER B 230 22.23 -24.83 -6.86
CA SER B 230 21.43 -23.86 -7.65
C SER B 230 19.93 -24.09 -7.50
N THR B 231 19.46 -25.35 -7.71
CA THR B 231 18.05 -25.72 -7.52
C THR B 231 17.59 -25.43 -6.08
N LEU B 232 18.49 -25.63 -5.07
CA LEU B 232 18.16 -25.31 -3.68
C LEU B 232 17.80 -23.83 -3.52
N ILE B 233 18.55 -22.95 -4.18
CA ILE B 233 18.30 -21.52 -4.14
C ILE B 233 16.95 -21.18 -4.82
N ALA B 234 16.64 -21.84 -5.96
CA ALA B 234 15.35 -21.66 -6.64
C ALA B 234 14.22 -22.11 -5.68
N HIS B 235 14.41 -23.24 -4.94
CA HIS B 235 13.44 -23.71 -3.91
C HIS B 235 13.21 -22.68 -2.81
N ILE B 236 14.31 -22.03 -2.34
CA ILE B 236 14.24 -21.00 -1.30
C ILE B 236 13.33 -19.88 -1.79
N ALA B 237 13.51 -19.41 -3.06
CA ALA B 237 12.69 -18.39 -3.72
C ALA B 237 11.22 -18.81 -3.78
N PHE B 238 10.91 -20.10 -4.01
CA PHE B 238 9.51 -20.55 -3.96
C PHE B 238 8.96 -20.46 -2.54
N ASN B 239 9.73 -20.95 -1.56
CA ASN B 239 9.34 -20.91 -0.15
C ASN B 239 9.01 -19.46 0.22
N ILE B 240 9.96 -18.49 -0.06
CA ILE B 240 9.70 -17.06 0.18
C ILE B 240 8.41 -16.62 -0.51
N LEU B 241 8.23 -16.98 -1.78
CA LEU B 241 7.02 -16.60 -2.55
C LEU B 241 5.74 -17.09 -1.90
N VAL B 242 5.70 -18.39 -1.55
CA VAL B 242 4.53 -19.02 -0.95
C VAL B 242 4.16 -18.29 0.33
N GLU B 243 5.14 -18.06 1.23
CA GLU B 243 4.85 -17.44 2.53
C GLU B 243 4.48 -15.94 2.44
N THR B 244 4.71 -15.25 1.29
CA THR B 244 4.27 -13.84 1.17
C THR B 244 2.73 -13.75 1.03
N ASN B 245 2.07 -14.82 0.52
CA ASN B 245 0.63 -15.00 0.28
C ASN B 245 -0.14 -15.51 1.54
N LEU B 246 0.57 -15.82 2.65
CA LEU B 246 0.00 -16.43 3.85
C LEU B 246 0.41 -15.77 5.15
N PRO B 247 -0.47 -15.83 6.18
CA PRO B 247 -0.06 -15.31 7.49
C PRO B 247 0.80 -16.36 8.22
N LYS B 248 1.49 -15.93 9.28
CA LYS B 248 2.29 -16.83 10.08
C LYS B 248 1.35 -17.67 10.97
N THR B 249 1.22 -18.97 10.65
CA THR B 249 0.32 -19.89 11.39
C THR B 249 1.01 -20.63 12.56
N PRO B 250 0.30 -20.90 13.68
CA PRO B 250 0.93 -21.66 14.78
C PRO B 250 0.82 -23.17 14.55
N TYR B 251 0.62 -23.57 13.28
CA TYR B 251 0.48 -24.95 12.83
C TYR B 251 1.15 -25.09 11.48
N MET B 252 1.22 -26.34 10.95
CA MET B 252 1.84 -26.60 9.64
C MET B 252 0.74 -26.63 8.59
N THR B 253 0.95 -25.96 7.45
CA THR B 253 0.02 -25.95 6.31
C THR B 253 0.48 -27.10 5.38
N TYR B 254 -0.36 -27.53 4.43
CA TYR B 254 -0.01 -28.65 3.56
C TYR B 254 1.16 -28.34 2.64
N THR B 255 1.09 -27.20 1.94
CA THR B 255 2.16 -26.70 1.06
C THR B 255 3.44 -26.52 1.93
N GLY B 256 3.26 -25.95 3.11
CA GLY B 256 4.36 -25.69 4.05
C GLY B 256 5.13 -26.93 4.43
N ALA B 257 4.39 -28.04 4.65
CA ALA B 257 4.93 -29.34 5.01
C ALA B 257 5.77 -29.88 3.83
N ILE B 258 5.20 -29.89 2.60
CA ILE B 258 5.89 -30.32 1.37
C ILE B 258 7.16 -29.50 1.17
N ILE B 259 7.01 -28.16 1.16
CA ILE B 259 8.10 -27.19 1.03
C ILE B 259 9.22 -27.50 2.02
N PHE B 260 8.89 -27.77 3.28
CA PHE B 260 9.89 -28.05 4.31
C PHE B 260 10.62 -29.39 4.05
N MET B 261 9.83 -30.47 3.91
CA MET B 261 10.33 -31.82 3.68
C MET B 261 11.30 -31.85 2.50
N ILE B 262 10.98 -31.08 1.43
CA ILE B 262 11.83 -31.01 0.24
C ILE B 262 13.21 -30.48 0.60
N TYR B 263 13.37 -29.58 1.61
CA TYR B 263 14.72 -29.12 2.02
C TYR B 263 15.50 -30.29 2.58
N LEU B 264 14.84 -31.22 3.30
CA LEU B 264 15.56 -32.37 3.86
C LEU B 264 16.14 -33.21 2.74
N PHE B 265 15.40 -33.33 1.61
CA PHE B 265 15.85 -34.00 0.39
C PHE B 265 17.06 -33.32 -0.22
N TYR B 266 17.10 -31.97 -0.24
CA TYR B 266 18.25 -31.24 -0.78
C TYR B 266 19.49 -31.46 0.08
N PHE B 267 19.30 -31.46 1.42
CA PHE B 267 20.37 -31.71 2.39
C PHE B 267 20.95 -33.12 2.20
N VAL B 268 20.09 -34.16 2.17
CA VAL B 268 20.55 -35.53 1.96
C VAL B 268 21.27 -35.68 0.60
N ALA B 269 20.73 -35.06 -0.48
CA ALA B 269 21.36 -35.07 -1.80
C ALA B 269 22.79 -34.49 -1.72
N VAL B 270 22.98 -33.35 -1.02
CA VAL B 270 24.29 -32.73 -0.83
C VAL B 270 25.21 -33.74 -0.11
N ILE B 271 24.70 -34.39 0.96
CA ILE B 271 25.46 -35.39 1.68
C ILE B 271 25.95 -36.44 0.70
N GLU B 272 25.03 -37.07 -0.10
CA GLU B 272 25.41 -38.07 -1.09
C GLU B 272 26.45 -37.54 -2.09
N VAL B 273 26.24 -36.36 -2.65
CA VAL B 273 27.18 -35.75 -3.61
C VAL B 273 28.61 -35.63 -2.99
N THR B 274 28.66 -35.29 -1.68
CA THR B 274 29.88 -35.12 -0.88
C THR B 274 30.56 -36.48 -0.64
N VAL B 275 29.76 -37.50 -0.26
CA VAL B 275 30.18 -38.86 0.05
C VAL B 275 30.80 -39.48 -1.21
N GLN B 276 30.02 -39.50 -2.33
CA GLN B 276 30.42 -40.01 -3.63
C GLN B 276 31.79 -39.47 -4.04
N HIS B 277 32.02 -38.15 -3.90
CA HIS B 277 33.30 -37.52 -4.26
C HIS B 277 34.44 -37.94 -3.34
N TYR B 278 34.17 -38.00 -2.02
CA TYR B 278 35.14 -38.38 -1.00
C TYR B 278 35.69 -39.77 -1.30
N LEU B 279 34.78 -40.72 -1.58
CA LEU B 279 35.15 -42.09 -1.92
C LEU B 279 35.93 -42.18 -3.23
N LYS B 280 35.49 -41.45 -4.28
N LYS B 280 35.50 -41.45 -4.28
CA LYS B 280 36.17 -41.38 -5.57
CA LYS B 280 36.16 -41.36 -5.58
C LYS B 280 37.61 -40.86 -5.40
C LYS B 280 37.61 -40.86 -5.39
N VAL B 281 37.80 -39.88 -4.52
CA VAL B 281 39.13 -39.29 -4.20
C VAL B 281 39.97 -40.28 -3.35
N GLU B 282 39.32 -41.01 -2.44
CA GLU B 282 39.92 -42.00 -1.54
C GLU B 282 40.26 -43.27 -2.28
N SER B 283 40.06 -43.26 -3.60
CA SER B 283 40.31 -44.36 -4.52
C SER B 283 39.47 -45.59 -4.19
N GLN B 284 38.16 -45.37 -3.97
CA GLN B 284 37.15 -46.41 -3.78
C GLN B 284 35.87 -46.00 -4.52
N PRO B 285 35.94 -45.94 -5.88
CA PRO B 285 34.78 -45.52 -6.66
C PRO B 285 33.69 -46.57 -6.73
N ALA B 286 34.03 -47.83 -6.46
CA ALA B 286 33.09 -48.94 -6.48
C ALA B 286 32.05 -48.74 -5.40
N ARG B 287 32.48 -48.30 -4.18
CA ARG B 287 31.61 -48.00 -3.04
C ARG B 287 30.67 -46.85 -3.39
N ALA B 288 31.27 -45.77 -3.92
CA ALA B 288 30.59 -44.58 -4.37
C ALA B 288 29.51 -44.98 -5.39
N ALA B 289 29.85 -45.87 -6.34
CA ALA B 289 28.95 -46.39 -7.38
C ALA B 289 27.72 -47.07 -6.78
N SER B 290 27.91 -47.76 -5.65
CA SER B 290 26.82 -48.47 -4.97
C SER B 290 25.92 -47.50 -4.25
N ILE B 291 26.49 -46.44 -3.65
CA ILE B 291 25.71 -45.42 -2.96
C ILE B 291 24.88 -44.61 -3.99
N THR B 292 25.52 -44.21 -5.12
CA THR B 292 24.91 -43.44 -6.19
C THR B 292 23.79 -44.23 -6.89
N ARG B 293 23.98 -45.54 -7.09
CA ARG B 293 22.99 -46.36 -7.78
C ARG B 293 21.74 -46.58 -6.96
N ALA B 294 21.92 -46.71 -5.61
CA ALA B 294 20.84 -46.90 -4.65
C ALA B 294 20.01 -45.61 -4.60
N SER B 295 20.72 -44.46 -4.48
CA SER B 295 20.18 -43.11 -4.44
C SER B 295 19.18 -42.86 -5.57
N ARG B 296 19.48 -43.36 -6.79
CA ARG B 296 18.64 -43.27 -8.01
C ARG B 296 17.22 -43.77 -7.80
N ILE B 297 17.07 -44.79 -6.91
CA ILE B 297 15.77 -45.37 -6.57
C ILE B 297 15.27 -44.79 -5.25
N ALA B 298 16.10 -44.83 -4.21
CA ALA B 298 15.77 -44.38 -2.87
C ALA B 298 15.18 -42.98 -2.82
N PHE B 299 15.82 -41.99 -3.48
CA PHE B 299 15.32 -40.61 -3.47
C PHE B 299 13.90 -40.51 -4.05
N PRO B 300 13.57 -40.96 -5.30
CA PRO B 300 12.17 -40.88 -5.74
C PRO B 300 11.19 -41.70 -4.88
N VAL B 301 11.60 -42.91 -4.40
CA VAL B 301 10.73 -43.80 -3.60
C VAL B 301 10.40 -43.15 -2.24
N VAL B 302 11.43 -42.66 -1.51
CA VAL B 302 11.22 -41.99 -0.23
C VAL B 302 10.36 -40.74 -0.46
N PHE B 303 10.58 -40.02 -1.58
CA PHE B 303 9.77 -38.85 -1.94
C PHE B 303 8.31 -39.21 -2.20
N LEU B 304 8.08 -40.35 -2.88
CA LEU B 304 6.74 -40.86 -3.21
C LEU B 304 6.00 -41.16 -1.93
N LEU B 305 6.58 -42.01 -1.09
CA LEU B 305 5.98 -42.46 0.16
C LEU B 305 5.78 -41.39 1.16
N ALA B 306 6.71 -40.41 1.22
CA ALA B 306 6.63 -39.28 2.16
C ALA B 306 5.42 -38.43 1.85
N ASN B 307 5.18 -38.15 0.56
CA ASN B 307 4.03 -37.40 0.10
C ASN B 307 2.71 -38.13 0.35
N ILE B 308 2.70 -39.49 0.23
CA ILE B 308 1.52 -40.32 0.51
C ILE B 308 1.16 -40.19 2.01
N ILE B 309 2.16 -40.37 2.89
CA ILE B 309 2.00 -40.20 4.34
C ILE B 309 1.44 -38.80 4.60
N LEU B 310 2.08 -37.72 4.07
CA LEU B 310 1.60 -36.33 4.27
C LEU B 310 0.16 -36.11 3.81
N ALA B 311 -0.15 -36.48 2.55
CA ALA B 311 -1.49 -36.33 1.99
C ALA B 311 -2.53 -37.05 2.85
N PHE B 312 -2.17 -38.23 3.37
CA PHE B 312 -3.02 -39.00 4.27
C PHE B 312 -3.22 -38.26 5.60
N LEU B 313 -2.13 -37.71 6.19
CA LEU B 313 -2.21 -36.99 7.46
C LEU B 313 -3.00 -35.68 7.37
N PHE B 314 -3.05 -35.05 6.18
CA PHE B 314 -3.73 -33.77 6.03
C PHE B 314 -5.17 -33.90 5.51
N PHE B 315 -5.47 -34.96 4.74
CA PHE B 315 -6.81 -35.16 4.14
C PHE B 315 -7.38 -36.56 4.36
N VAL C 5 -42.89 15.45 -1.01
CA VAL C 5 -41.94 14.60 -1.73
C VAL C 5 -42.38 13.11 -1.66
N SER C 6 -42.89 12.60 -2.79
CA SER C 6 -43.39 11.23 -3.00
C SER C 6 -43.37 10.92 -4.52
N PRO C 7 -43.48 9.65 -5.00
CA PRO C 7 -43.43 9.42 -6.45
C PRO C 7 -44.60 10.03 -7.23
N PRO C 8 -44.39 10.59 -8.45
CA PRO C 8 -45.52 11.14 -9.22
C PRO C 8 -46.54 10.06 -9.59
N PRO C 9 -47.86 10.30 -9.35
CA PRO C 9 -48.86 9.25 -9.64
C PRO C 9 -49.07 8.98 -11.13
N PRO C 10 -49.45 7.74 -11.51
CA PRO C 10 -49.61 7.44 -12.94
C PRO C 10 -50.89 7.99 -13.57
N ILE C 11 -50.79 8.52 -14.82
CA ILE C 11 -51.96 9.01 -15.58
C ILE C 11 -52.85 7.81 -15.94
N ALA C 12 -52.25 6.80 -16.61
CA ALA C 12 -52.84 5.52 -16.92
C ALA C 12 -52.22 4.56 -15.86
N ASP C 13 -52.21 3.22 -16.05
CA ASP C 13 -51.60 2.33 -15.06
C ASP C 13 -50.10 2.03 -15.33
N GLU C 14 -49.53 2.65 -16.40
CA GLU C 14 -48.14 2.52 -16.89
C GLU C 14 -47.04 2.84 -15.83
N PRO C 15 -45.83 2.21 -15.91
CA PRO C 15 -44.79 2.53 -14.92
C PRO C 15 -44.05 3.83 -15.25
N LEU C 16 -43.33 4.41 -14.26
CA LEU C 16 -42.58 5.64 -14.45
C LEU C 16 -41.26 5.36 -15.18
N THR C 17 -40.99 6.09 -16.28
CA THR C 17 -39.77 5.92 -17.05
C THR C 17 -38.72 6.94 -16.59
N VAL C 18 -37.57 6.42 -16.11
CA VAL C 18 -36.44 7.27 -15.73
C VAL C 18 -35.42 7.08 -16.84
N ASN C 19 -35.21 8.12 -17.65
CA ASN C 19 -34.25 8.11 -18.74
C ASN C 19 -32.88 8.41 -18.14
N THR C 20 -31.88 7.55 -18.42
CA THR C 20 -30.52 7.68 -17.87
C THR C 20 -29.45 7.86 -18.94
N GLY C 21 -28.34 8.47 -18.53
CA GLY C 21 -27.16 8.69 -19.36
C GLY C 21 -25.89 8.91 -18.57
N ILE C 22 -24.86 8.10 -18.84
CA ILE C 22 -23.56 8.24 -18.20
C ILE C 22 -22.61 8.82 -19.24
N TYR C 23 -21.88 9.90 -18.89
CA TYR C 23 -20.90 10.55 -19.76
C TYR C 23 -19.56 10.64 -18.99
N LEU C 24 -18.55 9.81 -19.42
CA LEU C 24 -17.22 9.72 -18.79
C LEU C 24 -16.40 10.98 -19.04
N ILE C 25 -15.79 11.50 -17.96
CA ILE C 25 -14.93 12.66 -17.95
C ILE C 25 -13.49 12.19 -17.80
N GLU C 26 -13.28 11.22 -16.89
CA GLU C 26 -11.99 10.56 -16.61
C GLU C 26 -12.21 9.08 -16.29
N SER C 27 -11.31 8.23 -16.74
CA SER C 27 -11.29 6.79 -16.45
C SER C 27 -9.84 6.57 -16.08
N TYR C 28 -9.61 5.81 -15.01
CA TYR C 28 -8.25 5.58 -14.50
C TYR C 28 -8.17 4.35 -13.59
N SER C 29 -6.93 3.99 -13.20
CA SER C 29 -6.56 2.91 -12.29
C SER C 29 -7.24 1.55 -12.57
N LEU C 30 -6.89 0.89 -13.71
CA LEU C 30 -7.39 -0.45 -13.98
C LEU C 30 -6.44 -1.46 -13.28
N ASP C 31 -6.94 -2.07 -12.22
CA ASP C 31 -6.26 -3.00 -11.37
C ASP C 31 -6.72 -4.40 -11.76
N ASP C 32 -5.81 -5.22 -12.35
CA ASP C 32 -6.09 -6.58 -12.81
C ASP C 32 -6.36 -7.55 -11.68
N LYS C 33 -5.56 -7.48 -10.61
CA LYS C 33 -5.67 -8.36 -9.45
C LYS C 33 -6.98 -8.14 -8.75
N ALA C 34 -7.33 -6.85 -8.53
CA ALA C 34 -8.60 -6.44 -7.91
C ALA C 34 -9.78 -6.63 -8.84
N GLU C 35 -9.56 -6.55 -10.17
CA GLU C 35 -10.57 -6.63 -11.23
C GLU C 35 -11.48 -5.41 -11.07
N THR C 36 -10.84 -4.22 -10.88
CA THR C 36 -11.53 -2.95 -10.68
C THR C 36 -10.91 -1.80 -11.48
N PHE C 37 -11.75 -0.80 -11.77
CA PHE C 37 -11.37 0.43 -12.45
C PHE C 37 -12.08 1.57 -11.76
N LYS C 38 -11.48 2.75 -11.83
CA LYS C 38 -12.09 3.91 -11.21
C LYS C 38 -12.65 4.78 -12.32
N VAL C 39 -13.67 5.61 -12.01
CA VAL C 39 -14.30 6.43 -13.03
C VAL C 39 -14.76 7.77 -12.49
N ASN C 40 -14.78 8.77 -13.34
CA ASN C 40 -15.24 10.13 -13.03
C ASN C 40 -16.17 10.49 -14.18
N ALA C 41 -17.48 10.57 -13.90
CA ALA C 41 -18.50 10.78 -14.93
C ALA C 41 -19.70 11.63 -14.51
N PHE C 42 -20.56 11.99 -15.49
CA PHE C 42 -21.82 12.68 -15.29
C PHE C 42 -22.91 11.64 -15.34
N LEU C 43 -23.86 11.68 -14.40
CA LEU C 43 -25.05 10.82 -14.40
C LEU C 43 -26.23 11.74 -14.69
N SER C 44 -26.94 11.45 -15.79
CA SER C 44 -28.09 12.23 -16.23
C SER C 44 -29.36 11.44 -16.00
N LEU C 45 -30.36 12.07 -15.36
CA LEU C 45 -31.67 11.47 -15.06
C LEU C 45 -32.79 12.38 -15.57
N SER C 46 -33.80 11.77 -16.21
CA SER C 46 -34.93 12.51 -16.76
C SER C 46 -36.23 11.74 -16.65
N TRP C 47 -37.20 12.35 -16.00
CA TRP C 47 -38.52 11.78 -15.78
C TRP C 47 -39.56 12.93 -15.77
N LYS C 48 -40.84 12.60 -16.03
CA LYS C 48 -41.95 13.56 -16.02
C LYS C 48 -42.69 13.51 -14.69
N ASP C 49 -42.78 14.68 -14.03
CA ASP C 49 -43.50 14.88 -12.78
C ASP C 49 -44.53 16.02 -13.01
N ARG C 50 -45.78 15.65 -13.40
CA ARG C 50 -46.84 16.63 -13.72
C ARG C 50 -47.17 17.60 -12.56
N ARG C 51 -46.98 17.16 -11.30
CA ARG C 51 -47.14 17.97 -10.08
C ARG C 51 -46.21 19.19 -10.11
N LEU C 52 -45.19 19.15 -10.98
CA LEU C 52 -44.19 20.21 -11.17
C LEU C 52 -44.47 21.11 -12.37
N ALA C 53 -45.39 20.70 -13.27
CA ALA C 53 -45.78 21.45 -14.47
C ALA C 53 -46.23 22.89 -14.20
N PHE C 54 -46.04 23.78 -15.18
CA PHE C 54 -46.41 25.19 -15.10
C PHE C 54 -46.77 25.77 -16.48
N ASP C 55 -47.40 26.96 -16.51
CA ASP C 55 -47.82 27.62 -17.76
C ASP C 55 -46.67 28.46 -18.33
N PRO C 56 -46.21 28.20 -19.58
CA PRO C 56 -45.10 28.99 -20.14
C PRO C 56 -45.44 30.47 -20.38
N VAL C 57 -46.67 30.77 -20.83
CA VAL C 57 -47.15 32.12 -21.11
C VAL C 57 -47.35 32.93 -19.82
N ARG C 58 -48.09 32.37 -18.81
CA ARG C 58 -48.37 33.00 -17.52
C ARG C 58 -47.09 33.25 -16.71
N SER C 59 -46.26 32.21 -16.53
CA SER C 59 -45.01 32.26 -15.77
C SER C 59 -43.95 33.14 -16.41
N GLY C 60 -43.86 33.09 -17.75
CA GLY C 60 -42.87 33.83 -18.51
C GLY C 60 -41.52 33.13 -18.54
N VAL C 61 -41.16 32.48 -17.39
CA VAL C 61 -39.93 31.69 -17.19
C VAL C 61 -40.03 30.37 -17.96
N ARG C 62 -38.96 30.03 -18.70
CA ARG C 62 -38.89 28.84 -19.54
C ARG C 62 -38.65 27.57 -18.74
N VAL C 63 -37.76 27.65 -17.75
CA VAL C 63 -37.35 26.53 -16.92
C VAL C 63 -37.22 26.94 -15.44
N LYS C 64 -37.53 26.01 -14.54
CA LYS C 64 -37.44 26.22 -13.10
C LYS C 64 -36.32 25.34 -12.49
N THR C 65 -35.50 25.92 -11.61
CA THR C 65 -34.41 25.24 -10.91
C THR C 65 -34.80 24.95 -9.46
N TYR C 66 -34.74 23.67 -9.04
CA TYR C 66 -35.05 23.23 -7.67
C TYR C 66 -33.82 22.57 -7.02
N GLU C 67 -33.82 22.52 -5.67
CA GLU C 67 -32.78 21.87 -4.86
C GLU C 67 -33.20 20.40 -4.62
N PRO C 68 -32.25 19.44 -4.53
CA PRO C 68 -32.64 18.01 -4.41
C PRO C 68 -33.72 17.68 -3.39
N GLU C 69 -33.67 18.31 -2.20
CA GLU C 69 -34.61 18.10 -1.09
C GLU C 69 -36.04 18.53 -1.44
N ALA C 70 -36.18 19.69 -2.10
CA ALA C 70 -37.44 20.31 -2.53
C ALA C 70 -38.35 19.41 -3.37
N ILE C 71 -37.79 18.63 -4.32
CA ILE C 71 -38.58 17.77 -5.22
C ILE C 71 -38.24 16.28 -5.07
N TRP C 72 -39.13 15.42 -5.61
CA TRP C 72 -38.89 13.98 -5.59
C TRP C 72 -37.91 13.61 -6.69
N ILE C 73 -36.88 12.83 -6.32
CA ILE C 73 -35.82 12.33 -7.19
C ILE C 73 -35.71 10.81 -7.02
N PRO C 74 -35.70 10.03 -8.13
CA PRO C 74 -35.60 8.57 -8.00
C PRO C 74 -34.24 8.11 -7.46
N GLU C 75 -34.26 7.01 -6.68
CA GLU C 75 -33.09 6.41 -6.05
C GLU C 75 -32.41 5.45 -7.01
N ILE C 76 -31.50 6.00 -7.82
CA ILE C 76 -30.72 5.25 -8.79
C ILE C 76 -29.39 4.96 -8.14
N ARG C 77 -29.15 3.66 -7.85
CA ARG C 77 -27.91 3.20 -7.25
C ARG C 77 -27.10 2.39 -8.27
N PHE C 78 -25.82 2.22 -7.99
CA PHE C 78 -24.91 1.45 -8.81
C PHE C 78 -24.81 0.07 -8.23
N VAL C 79 -24.91 -0.96 -9.07
CA VAL C 79 -24.82 -2.34 -8.59
C VAL C 79 -23.39 -2.73 -8.22
N ASN C 80 -22.48 -2.69 -9.19
CA ASN C 80 -21.09 -3.17 -9.03
C ASN C 80 -20.08 -2.11 -8.54
N VAL C 81 -20.42 -1.25 -7.59
CA VAL C 81 -19.40 -0.34 -7.06
C VAL C 81 -18.81 -0.87 -5.75
N GLU C 82 -17.49 -0.64 -5.53
CA GLU C 82 -16.74 -1.05 -4.34
C GLU C 82 -17.26 -0.21 -3.18
N ASN C 83 -17.15 1.11 -3.30
CA ASN C 83 -17.73 1.98 -2.29
C ASN C 83 -18.60 3.05 -2.93
N ALA C 84 -19.87 3.14 -2.41
CA ALA C 84 -20.95 4.05 -2.84
C ALA C 84 -20.44 5.43 -3.29
N ARG C 85 -20.74 5.75 -4.58
CA ARG C 85 -20.35 6.93 -5.35
C ARG C 85 -20.35 8.26 -4.56
N ASP C 86 -19.29 9.04 -4.78
CA ASP C 86 -19.12 10.36 -4.23
C ASP C 86 -19.83 11.22 -5.24
N ALA C 87 -21.10 11.53 -4.95
CA ALA C 87 -21.96 12.32 -5.83
C ALA C 87 -22.01 13.77 -5.40
N ASP C 88 -22.23 14.66 -6.37
CA ASP C 88 -22.38 16.11 -6.23
C ASP C 88 -23.34 16.56 -7.33
N VAL C 89 -24.56 17.01 -6.92
CA VAL C 89 -25.61 17.48 -7.83
C VAL C 89 -25.15 18.79 -8.49
N VAL C 90 -25.20 18.79 -9.83
CA VAL C 90 -24.77 19.86 -10.73
C VAL C 90 -25.97 20.71 -11.16
N ASP C 91 -27.15 20.07 -11.45
CA ASP C 91 -28.35 20.76 -11.96
C ASP C 91 -29.64 19.93 -11.86
N ILE C 92 -30.76 20.61 -11.55
CA ILE C 92 -32.14 20.13 -11.53
C ILE C 92 -32.95 21.20 -12.24
N SER C 93 -33.50 20.86 -13.43
CA SER C 93 -34.25 21.75 -14.32
C SER C 93 -35.62 21.19 -14.77
N VAL C 94 -36.70 21.94 -14.46
CA VAL C 94 -38.06 21.53 -14.83
C VAL C 94 -38.56 22.38 -16.01
N SER C 95 -39.08 21.70 -17.03
CA SER C 95 -39.68 22.32 -18.22
C SER C 95 -41.18 22.63 -17.89
N PRO C 96 -41.88 23.50 -18.68
CA PRO C 96 -43.30 23.79 -18.35
C PRO C 96 -44.20 22.57 -18.28
N ASP C 97 -43.98 21.57 -19.14
CA ASP C 97 -44.77 20.34 -19.12
C ASP C 97 -44.49 19.44 -17.89
N GLY C 98 -43.54 19.83 -17.03
CA GLY C 98 -43.15 19.08 -15.85
C GLY C 98 -42.07 18.00 -16.06
N THR C 99 -41.26 18.14 -17.13
CA THR C 99 -40.18 17.21 -17.41
C THR C 99 -38.97 17.66 -16.59
N VAL C 100 -38.48 16.76 -15.74
CA VAL C 100 -37.35 17.03 -14.87
C VAL C 100 -36.05 16.56 -15.53
N GLN C 101 -35.02 17.42 -15.51
CA GLN C 101 -33.70 17.14 -16.04
C GLN C 101 -32.67 17.27 -14.92
N TYR C 102 -32.27 16.12 -14.39
CA TYR C 102 -31.33 15.96 -13.29
C TYR C 102 -29.91 15.63 -13.84
N LEU C 103 -28.88 16.22 -13.19
CA LEU C 103 -27.49 15.99 -13.55
C LEU C 103 -26.57 16.08 -12.33
N GLU C 104 -25.82 14.98 -12.08
CA GLU C 104 -24.83 14.89 -11.00
C GLU C 104 -23.52 14.43 -11.57
N ARG C 105 -22.43 14.93 -11.00
CA ARG C 105 -21.12 14.43 -11.36
C ARG C 105 -20.72 13.51 -10.22
N PHE C 106 -20.37 12.27 -10.55
CA PHE C 106 -19.96 11.26 -9.57
C PHE C 106 -18.58 10.71 -9.91
N SER C 107 -18.05 9.89 -9.01
CA SER C 107 -16.81 9.15 -9.13
C SER C 107 -17.00 7.83 -8.37
N ALA C 108 -16.65 6.71 -8.99
CA ALA C 108 -16.80 5.41 -8.32
C ALA C 108 -15.70 4.41 -8.70
N ARG C 109 -15.43 3.46 -7.80
CA ARG C 109 -14.51 2.35 -8.03
C ARG C 109 -15.48 1.23 -8.37
N VAL C 110 -15.41 0.73 -9.60
CA VAL C 110 -16.31 -0.25 -10.17
C VAL C 110 -15.63 -1.61 -10.21
N LEU C 111 -16.27 -2.63 -9.63
CA LEU C 111 -15.82 -4.00 -9.60
C LEU C 111 -16.46 -4.73 -10.77
N SER C 112 -15.67 -4.95 -11.82
CA SER C 112 -16.09 -5.62 -13.04
C SER C 112 -15.08 -6.73 -13.36
N PRO C 113 -15.55 -8.01 -13.52
CA PRO C 113 -14.60 -9.11 -13.81
C PRO C 113 -13.93 -9.07 -15.18
N LEU C 114 -12.70 -9.61 -15.22
CA LEU C 114 -11.85 -9.68 -16.40
C LEU C 114 -11.57 -11.13 -16.81
N ASP C 115 -11.35 -11.35 -18.12
CA ASP C 115 -11.03 -12.65 -18.70
C ASP C 115 -9.60 -12.65 -19.17
N PHE C 116 -8.72 -13.28 -18.40
CA PHE C 116 -7.30 -13.25 -18.68
C PHE C 116 -6.79 -14.31 -19.63
N ARG C 117 -7.66 -15.25 -20.10
CA ARG C 117 -7.33 -16.32 -21.04
C ARG C 117 -6.33 -15.92 -22.17
N ARG C 118 -6.48 -14.74 -22.75
CA ARG C 118 -5.59 -14.32 -23.83
C ARG C 118 -4.51 -13.30 -23.42
N TYR C 119 -4.30 -13.08 -22.12
CA TYR C 119 -3.32 -12.09 -21.62
C TYR C 119 -1.92 -12.34 -22.20
N PRO C 120 -1.19 -11.28 -22.66
CA PRO C 120 -1.52 -9.86 -22.62
C PRO C 120 -2.15 -9.33 -23.90
N PHE C 121 -2.74 -10.24 -24.70
CA PHE C 121 -3.41 -9.94 -25.97
C PHE C 121 -4.93 -10.02 -25.75
N ASP C 122 -5.39 -9.44 -24.62
CA ASP C 122 -6.79 -9.51 -24.23
C ASP C 122 -7.56 -8.19 -24.40
N SER C 123 -8.87 -8.36 -24.55
CA SER C 123 -9.87 -7.32 -24.68
C SER C 123 -10.88 -7.59 -23.60
N GLN C 124 -11.40 -6.53 -22.99
CA GLN C 124 -12.37 -6.68 -21.93
C GLN C 124 -13.59 -5.78 -22.16
N THR C 125 -14.74 -6.19 -21.59
CA THR C 125 -15.98 -5.40 -21.56
C THR C 125 -16.18 -5.03 -20.11
N LEU C 126 -15.84 -3.79 -19.77
CA LEU C 126 -16.05 -3.30 -18.42
C LEU C 126 -17.54 -2.96 -18.28
N HIS C 127 -18.14 -3.20 -17.11
CA HIS C 127 -19.56 -2.90 -16.89
C HIS C 127 -19.80 -1.92 -15.76
N ILE C 128 -20.87 -1.14 -15.90
CA ILE C 128 -21.34 -0.19 -14.90
C ILE C 128 -22.83 -0.42 -14.88
N TYR C 129 -23.34 -1.13 -13.87
CA TYR C 129 -24.77 -1.38 -13.78
C TYR C 129 -25.52 -0.33 -12.95
N LEU C 130 -26.54 0.31 -13.57
CA LEU C 130 -27.48 1.26 -12.96
C LEU C 130 -28.71 0.47 -12.55
N ILE C 131 -29.27 0.81 -11.39
CA ILE C 131 -30.44 0.12 -10.89
C ILE C 131 -31.44 1.05 -10.16
N VAL C 132 -32.73 0.69 -10.22
CA VAL C 132 -33.80 1.39 -9.54
C VAL C 132 -34.76 0.36 -8.93
N ARG C 133 -35.09 0.58 -7.66
CA ARG C 133 -36.02 -0.25 -6.93
C ARG C 133 -37.39 0.49 -6.92
N SER C 134 -38.44 -0.21 -7.37
CA SER C 134 -39.80 0.30 -7.44
C SER C 134 -40.40 0.29 -6.04
N CYS C 135 -41.34 1.22 -5.77
CA CYS C 135 -42.02 1.32 -4.47
C CYS C 135 -43.41 0.66 -4.47
N ASP C 136 -44.08 0.66 -3.30
CA ASP C 136 -45.40 0.07 -3.09
C ASP C 136 -46.50 0.73 -3.95
N THR C 137 -46.35 2.04 -4.24
CA THR C 137 -47.31 2.80 -5.04
C THR C 137 -47.20 2.44 -6.53
N ARG C 138 -46.05 2.78 -7.18
CA ARG C 138 -45.87 2.49 -8.60
C ARG C 138 -44.44 2.06 -8.98
N ASN C 139 -44.37 1.25 -10.06
CA ASN C 139 -43.14 0.71 -10.63
C ASN C 139 -42.36 1.77 -11.40
N ILE C 140 -41.02 1.73 -11.26
CA ILE C 140 -40.11 2.64 -11.95
C ILE C 140 -39.23 1.79 -12.86
N VAL C 141 -39.12 2.18 -14.12
CA VAL C 141 -38.35 1.46 -15.13
C VAL C 141 -37.34 2.41 -15.75
N LEU C 142 -36.12 1.89 -16.01
CA LEU C 142 -34.99 2.66 -16.55
C LEU C 142 -34.92 2.62 -18.09
N ALA C 143 -34.44 3.70 -18.70
CA ALA C 143 -34.33 3.83 -20.15
C ALA C 143 -33.04 4.52 -20.52
N VAL C 144 -32.57 4.31 -21.76
CA VAL C 144 -31.32 4.95 -22.19
C VAL C 144 -31.57 6.17 -23.09
N ASP C 145 -31.11 7.34 -22.65
CA ASP C 145 -31.15 8.56 -23.43
C ASP C 145 -29.81 8.59 -24.17
N LEU C 146 -29.76 7.96 -25.38
CA LEU C 146 -28.54 7.84 -26.20
C LEU C 146 -27.88 9.19 -26.51
N GLU C 147 -28.63 10.27 -26.43
CA GLU C 147 -28.13 11.63 -26.64
C GLU C 147 -27.22 12.06 -25.47
N LYS C 148 -27.45 11.49 -24.27
CA LYS C 148 -26.77 11.79 -23.01
C LYS C 148 -25.75 10.71 -22.57
N VAL C 149 -25.38 9.82 -23.49
CA VAL C 149 -24.42 8.75 -23.25
C VAL C 149 -23.17 9.05 -24.08
N GLY C 150 -22.00 8.89 -23.47
CA GLY C 150 -20.75 9.13 -24.16
C GLY C 150 -19.53 9.22 -23.27
N LYS C 151 -18.45 9.80 -23.85
CA LYS C 151 -17.14 10.02 -23.24
C LYS C 151 -16.38 11.14 -23.93
N ASN C 152 -15.69 11.93 -23.12
CA ASN C 152 -14.84 13.04 -23.48
C ASN C 152 -13.64 12.48 -24.28
N ASP C 153 -13.17 13.23 -25.30
CA ASP C 153 -12.13 12.83 -26.27
C ASP C 153 -10.80 12.39 -25.66
N ASP C 154 -10.30 13.17 -24.69
CA ASP C 154 -9.05 12.93 -23.97
C ASP C 154 -9.06 11.67 -23.05
N VAL C 155 -10.27 11.11 -22.73
CA VAL C 155 -10.41 9.96 -21.84
C VAL C 155 -9.39 8.89 -22.22
N PHE C 156 -8.49 8.60 -21.28
CA PHE C 156 -7.44 7.59 -21.42
C PHE C 156 -7.48 6.63 -20.26
N LEU C 157 -6.98 5.41 -20.47
CA LEU C 157 -6.86 4.39 -19.44
C LEU C 157 -5.51 3.79 -19.68
N THR C 158 -4.52 4.26 -18.91
CA THR C 158 -3.12 3.84 -18.95
C THR C 158 -3.02 2.32 -19.10
N GLY C 159 -2.29 1.90 -20.16
CA GLY C 159 -2.07 0.50 -20.52
C GLY C 159 -3.13 -0.13 -21.40
N TRP C 160 -4.15 0.66 -21.78
CA TRP C 160 -5.27 0.15 -22.57
C TRP C 160 -5.68 1.13 -23.65
N ASP C 161 -6.30 0.59 -24.70
CA ASP C 161 -6.92 1.32 -25.81
C ASP C 161 -8.41 1.26 -25.49
N ILE C 162 -9.05 2.45 -25.43
CA ILE C 162 -10.50 2.54 -25.19
C ILE C 162 -11.21 2.47 -26.54
N GLU C 163 -12.04 1.45 -26.71
CA GLU C 163 -12.72 1.17 -27.96
C GLU C 163 -14.14 1.73 -28.12
N SER C 164 -14.96 1.72 -27.05
CA SER C 164 -16.36 2.14 -27.07
C SER C 164 -16.86 2.31 -25.66
N PHE C 165 -17.94 3.09 -25.52
CA PHE C 165 -18.73 3.28 -24.30
C PHE C 165 -20.16 3.37 -24.80
N THR C 166 -20.90 2.27 -24.67
CA THR C 166 -22.29 2.15 -25.12
C THR C 166 -23.14 1.40 -24.09
N ALA C 167 -24.38 1.85 -23.90
CA ALA C 167 -25.33 1.20 -22.98
C ALA C 167 -26.22 0.25 -23.76
N VAL C 168 -26.69 -0.79 -23.08
CA VAL C 168 -27.64 -1.78 -23.62
C VAL C 168 -28.98 -1.16 -23.29
N VAL C 169 -29.69 -0.69 -24.34
CA VAL C 169 -30.95 0.07 -24.31
C VAL C 169 -32.08 -0.65 -23.58
N LYS C 170 -32.21 -1.98 -23.76
CA LYS C 170 -33.25 -2.76 -23.06
C LYS C 170 -32.83 -3.01 -21.61
N PRO C 171 -33.58 -2.50 -20.59
CA PRO C 171 -33.21 -2.78 -19.20
C PRO C 171 -33.56 -4.22 -18.79
N ALA C 172 -33.05 -4.65 -17.64
CA ALA C 172 -33.34 -5.95 -17.06
C ALA C 172 -34.34 -5.68 -15.92
N ASN C 173 -35.62 -6.02 -16.17
CA ASN C 173 -36.70 -5.81 -15.22
C ASN C 173 -36.97 -7.14 -14.58
N PHE C 174 -36.70 -7.21 -13.29
CA PHE C 174 -36.78 -8.43 -12.49
C PHE C 174 -37.26 -8.11 -11.09
N ALA C 175 -37.74 -9.13 -10.38
CA ALA C 175 -38.20 -8.95 -9.02
C ALA C 175 -37.26 -9.59 -8.00
N LEU C 176 -36.70 -8.75 -7.15
CA LEU C 176 -35.84 -9.15 -6.05
C LEU C 176 -36.55 -8.62 -4.79
N GLU C 177 -36.61 -9.45 -3.71
CA GLU C 177 -37.24 -9.14 -2.41
C GLU C 177 -38.64 -8.47 -2.57
N ASP C 178 -39.56 -9.21 -3.24
CA ASP C 178 -40.97 -8.87 -3.54
C ASP C 178 -41.21 -7.39 -3.87
N ARG C 179 -40.39 -6.84 -4.80
CA ARG C 179 -40.44 -5.47 -5.36
C ARG C 179 -39.76 -5.49 -6.74
N LEU C 180 -40.22 -4.64 -7.68
CA LEU C 180 -39.62 -4.58 -9.02
C LEU C 180 -38.29 -3.82 -9.03
N GLU C 181 -37.32 -4.35 -9.79
CA GLU C 181 -36.00 -3.78 -9.96
C GLU C 181 -35.73 -3.64 -11.44
N SER C 182 -35.19 -2.48 -11.84
CA SER C 182 -34.87 -2.17 -13.23
C SER C 182 -33.35 -1.89 -13.35
N LYS C 183 -32.61 -2.82 -14.01
CA LYS C 183 -31.15 -2.78 -14.16
C LYS C 183 -30.72 -2.41 -15.60
N LEU C 184 -29.80 -1.45 -15.75
CA LEU C 184 -29.25 -1.06 -17.06
C LEU C 184 -27.75 -1.39 -17.16
N ASP C 185 -27.35 -2.03 -18.27
CA ASP C 185 -25.96 -2.41 -18.54
C ASP C 185 -25.19 -1.45 -19.44
N TYR C 186 -24.38 -0.56 -18.83
CA TYR C 186 -23.46 0.34 -19.54
C TYR C 186 -22.18 -0.45 -19.76
N GLN C 187 -21.57 -0.32 -20.96
CA GLN C 187 -20.39 -1.11 -21.33
C GLN C 187 -19.22 -0.30 -21.84
N LEU C 188 -18.07 -0.41 -21.15
CA LEU C 188 -16.84 0.26 -21.56
C LEU C 188 -15.96 -0.81 -22.22
N ARG C 189 -15.77 -0.73 -23.53
CA ARG C 189 -14.97 -1.73 -24.24
C ARG C 189 -13.53 -1.29 -24.39
N ILE C 190 -12.62 -2.10 -23.87
CA ILE C 190 -11.18 -1.78 -23.88
C ILE C 190 -10.33 -2.93 -24.36
N SER C 191 -9.25 -2.61 -25.07
CA SER C 191 -8.29 -3.64 -25.50
C SER C 191 -6.91 -3.30 -24.96
N ARG C 192 -6.22 -4.32 -24.46
CA ARG C 192 -4.92 -4.17 -23.84
C ARG C 192 -3.81 -3.82 -24.81
N GLN C 193 -2.95 -2.87 -24.39
CA GLN C 193 -1.78 -2.40 -25.11
C GLN C 193 -0.59 -3.32 -24.73
N TYR C 194 -0.47 -4.43 -25.51
CA TYR C 194 0.52 -5.49 -25.35
C TYR C 194 1.95 -5.12 -25.65
N PHE C 195 2.17 -4.00 -26.38
CA PHE C 195 3.50 -3.54 -26.81
C PHE C 195 4.61 -3.76 -25.79
N SER C 196 4.48 -3.24 -24.55
CA SER C 196 5.53 -3.37 -23.53
C SER C 196 5.89 -4.81 -23.17
N TYR C 197 4.93 -5.74 -23.24
CA TYR C 197 5.19 -7.16 -22.92
C TYR C 197 6.23 -7.81 -23.84
N ILE C 198 6.45 -7.28 -25.07
CA ILE C 198 7.42 -7.82 -26.02
C ILE C 198 8.88 -7.51 -25.58
N PRO C 199 9.35 -6.24 -25.47
CA PRO C 199 10.75 -6.04 -25.03
C PRO C 199 11.05 -6.33 -23.55
N ASN C 200 10.03 -6.34 -22.69
CA ASN C 200 10.27 -6.50 -21.26
C ASN C 200 10.07 -7.91 -20.71
N ILE C 201 9.21 -8.72 -21.35
CA ILE C 201 8.96 -10.08 -20.85
C ILE C 201 9.18 -11.17 -21.92
N ILE C 202 8.50 -11.12 -23.08
CA ILE C 202 8.58 -12.19 -24.08
C ILE C 202 9.97 -12.36 -24.69
N LEU C 203 10.50 -11.35 -25.38
CA LEU C 203 11.82 -11.45 -25.98
C LEU C 203 12.90 -11.81 -24.92
N PRO C 204 13.01 -11.15 -23.71
CA PRO C 204 14.00 -11.60 -22.72
C PRO C 204 13.85 -13.07 -22.36
N MET C 205 12.61 -13.54 -22.20
CA MET C 205 12.32 -14.94 -21.90
C MET C 205 12.79 -15.90 -22.99
N LEU C 206 12.73 -15.48 -24.27
CA LEU C 206 13.16 -16.33 -25.39
C LEU C 206 14.68 -16.38 -25.53
N PHE C 207 15.36 -15.22 -25.38
CA PHE C 207 16.82 -15.13 -25.42
C PHE C 207 17.45 -16.09 -24.45
N ILE C 208 17.04 -16.02 -23.16
CA ILE C 208 17.56 -16.90 -22.11
C ILE C 208 17.29 -18.36 -22.46
N LEU C 209 16.17 -18.67 -23.12
CA LEU C 209 15.89 -20.06 -23.56
C LEU C 209 16.88 -20.48 -24.70
N PHE C 210 17.03 -19.63 -25.73
CA PHE C 210 17.96 -19.85 -26.83
C PHE C 210 19.39 -20.02 -26.32
N ILE C 211 19.76 -19.28 -25.24
CA ILE C 211 21.06 -19.44 -24.58
C ILE C 211 21.16 -20.86 -23.97
N SER C 212 20.08 -21.40 -23.37
CA SER C 212 20.17 -22.76 -22.83
C SER C 212 20.44 -23.79 -23.95
N TRP C 213 20.03 -23.44 -25.19
CA TRP C 213 20.20 -24.29 -26.37
C TRP C 213 21.65 -24.27 -26.91
N THR C 214 22.50 -23.32 -26.49
CA THR C 214 23.91 -23.35 -26.93
C THR C 214 24.66 -24.53 -26.27
N ALA C 215 24.03 -25.18 -25.26
CA ALA C 215 24.55 -26.38 -24.61
C ALA C 215 24.59 -27.52 -25.64
N PHE C 216 23.85 -27.41 -26.75
CA PHE C 216 23.80 -28.47 -27.77
C PHE C 216 25.02 -28.46 -28.71
N TRP C 217 25.86 -27.39 -28.65
CA TRP C 217 27.09 -27.23 -29.40
C TRP C 217 28.27 -27.19 -28.40
N SER C 218 28.10 -27.91 -27.26
CA SER C 218 29.08 -28.00 -26.19
C SER C 218 29.18 -29.43 -25.64
N THR C 219 30.43 -29.86 -25.39
CA THR C 219 30.80 -31.18 -24.85
C THR C 219 31.16 -31.09 -23.36
N SER C 220 31.32 -29.84 -22.85
CA SER C 220 31.63 -29.52 -21.45
C SER C 220 30.38 -29.63 -20.55
N TYR C 221 30.26 -30.71 -19.76
CA TYR C 221 29.15 -30.92 -18.84
C TYR C 221 29.01 -29.78 -17.82
N GLU C 222 30.14 -29.39 -17.20
CA GLU C 222 30.18 -28.34 -16.20
C GLU C 222 29.63 -27.00 -16.75
N ALA C 223 29.91 -26.67 -18.02
CA ALA C 223 29.42 -25.46 -18.69
C ALA C 223 27.94 -25.58 -19.02
N ASN C 224 27.53 -26.77 -19.44
CA ASN C 224 26.15 -27.01 -19.81
C ASN C 224 25.25 -26.93 -18.62
N VAL C 225 25.71 -27.47 -17.48
CA VAL C 225 24.95 -27.49 -16.24
C VAL C 225 24.76 -26.05 -15.83
N THR C 226 25.78 -25.23 -15.99
CA THR C 226 25.73 -23.79 -15.73
C THR C 226 24.76 -23.12 -16.68
N LEU C 227 24.85 -23.40 -17.99
CA LEU C 227 23.94 -22.81 -18.98
C LEU C 227 22.47 -23.08 -18.68
N VAL C 228 22.06 -24.37 -18.61
CA VAL C 228 20.68 -24.82 -18.46
C VAL C 228 20.08 -24.41 -17.11
N VAL C 229 20.83 -24.60 -16.04
CA VAL C 229 20.36 -24.29 -14.69
C VAL C 229 20.34 -22.76 -14.41
N SER C 230 21.38 -21.97 -14.82
CA SER C 230 21.35 -20.51 -14.58
C SER C 230 20.19 -19.87 -15.32
N THR C 231 19.97 -20.25 -16.60
CA THR C 231 18.85 -19.71 -17.39
C THR C 231 17.50 -20.14 -16.83
N LEU C 232 17.42 -21.35 -16.20
CA LEU C 232 16.17 -21.81 -15.60
C LEU C 232 15.82 -20.98 -14.40
N ILE C 233 16.86 -20.47 -13.72
CA ILE C 233 16.67 -19.59 -12.57
C ILE C 233 16.11 -18.25 -13.08
N ALA C 234 16.64 -17.74 -14.22
CA ALA C 234 16.10 -16.48 -14.80
C ALA C 234 14.67 -16.69 -15.34
N HIS C 235 14.33 -17.92 -15.80
CA HIS C 235 12.94 -18.20 -16.22
C HIS C 235 11.97 -18.14 -15.03
N ILE C 236 12.41 -18.62 -13.83
CA ILE C 236 11.60 -18.59 -12.60
C ILE C 236 11.30 -17.15 -12.25
N ALA C 237 12.31 -16.25 -12.33
CA ALA C 237 12.21 -14.81 -12.08
C ALA C 237 11.09 -14.19 -12.91
N PHE C 238 11.03 -14.53 -14.22
CA PHE C 238 10.00 -14.03 -15.12
C PHE C 238 8.63 -14.62 -14.79
N ASN C 239 8.54 -15.95 -14.53
CA ASN C 239 7.25 -16.56 -14.15
C ASN C 239 6.72 -15.80 -12.95
N ILE C 240 7.60 -15.63 -11.89
CA ILE C 240 7.24 -14.89 -10.69
C ILE C 240 6.81 -13.47 -11.06
N LEU C 241 7.62 -12.74 -11.87
CA LEU C 241 7.28 -11.35 -12.24
C LEU C 241 5.89 -11.26 -12.84
N VAL C 242 5.62 -12.16 -13.79
CA VAL C 242 4.37 -12.22 -14.52
C VAL C 242 3.20 -12.43 -13.58
N GLU C 243 3.25 -13.48 -12.73
CA GLU C 243 2.16 -13.82 -11.83
C GLU C 243 1.90 -12.74 -10.76
N THR C 244 2.83 -11.80 -10.51
CA THR C 244 2.59 -10.70 -9.56
C THR C 244 1.66 -9.63 -10.15
N ASN C 245 1.51 -9.59 -11.50
CA ASN C 245 0.64 -8.64 -12.21
C ASN C 245 -0.77 -9.21 -12.42
N LEU C 246 -1.03 -10.46 -12.02
CA LEU C 246 -2.30 -11.12 -12.32
C LEU C 246 -2.94 -11.85 -11.18
N PRO C 247 -4.28 -11.89 -11.12
CA PRO C 247 -4.93 -12.71 -10.10
C PRO C 247 -4.85 -14.20 -10.41
N LYS C 248 -5.05 -15.02 -9.38
CA LYS C 248 -5.05 -16.46 -9.52
C LYS C 248 -6.35 -16.91 -10.24
N THR C 249 -6.21 -17.36 -11.50
CA THR C 249 -7.30 -17.79 -12.41
C THR C 249 -7.60 -19.31 -12.41
N PRO C 250 -8.87 -19.76 -12.50
CA PRO C 250 -9.12 -21.22 -12.52
C PRO C 250 -8.99 -21.85 -13.93
N TYR C 251 -8.18 -21.20 -14.77
CA TYR C 251 -7.93 -21.57 -16.16
C TYR C 251 -6.52 -21.12 -16.49
N MET C 252 -5.94 -21.65 -17.59
CA MET C 252 -4.60 -21.21 -18.03
C MET C 252 -4.73 -19.94 -18.83
N THR C 253 -3.76 -19.03 -18.72
CA THR C 253 -3.74 -17.83 -19.57
C THR C 253 -2.74 -18.14 -20.70
N TYR C 254 -2.66 -17.27 -21.71
CA TYR C 254 -1.78 -17.49 -22.83
C TYR C 254 -0.30 -17.42 -22.42
N THR C 255 0.11 -16.36 -21.69
CA THR C 255 1.48 -16.21 -21.18
C THR C 255 1.80 -17.37 -20.23
N GLY C 256 0.83 -17.72 -19.39
CA GLY C 256 0.95 -18.82 -18.45
C GLY C 256 1.25 -20.15 -19.10
N ALA C 257 0.62 -20.41 -20.25
CA ALA C 257 0.78 -21.63 -21.05
C ALA C 257 2.19 -21.71 -21.64
N ILE C 258 2.67 -20.60 -22.26
CA ILE C 258 4.02 -20.52 -22.82
C ILE C 258 5.02 -20.74 -21.71
N ILE C 259 4.90 -19.97 -20.60
CA ILE C 259 5.79 -20.02 -19.44
C ILE C 259 5.91 -21.44 -18.89
N PHE C 260 4.80 -22.14 -18.70
CA PHE C 260 4.80 -23.52 -18.18
C PHE C 260 5.51 -24.48 -19.17
N MET C 261 5.13 -24.42 -20.45
CA MET C 261 5.67 -25.24 -21.50
C MET C 261 7.21 -25.13 -21.54
N ILE C 262 7.75 -23.88 -21.41
CA ILE C 262 9.18 -23.62 -21.39
C ILE C 262 9.87 -24.41 -20.26
N TYR C 263 9.21 -24.61 -19.09
CA TYR C 263 9.80 -25.40 -17.99
C TYR C 263 10.11 -26.81 -18.47
N LEU C 264 9.18 -27.44 -19.23
CA LEU C 264 9.38 -28.81 -19.74
C LEU C 264 10.57 -28.87 -20.66
N PHE C 265 10.74 -27.84 -21.51
CA PHE C 265 11.90 -27.67 -22.39
C PHE C 265 13.19 -27.66 -21.57
N TYR C 266 13.21 -26.99 -20.40
CA TYR C 266 14.40 -26.94 -19.54
C TYR C 266 14.71 -28.29 -18.95
N PHE C 267 13.67 -28.97 -18.44
CA PHE C 267 13.77 -30.30 -17.89
C PHE C 267 14.39 -31.28 -18.90
N VAL C 268 13.92 -31.26 -20.16
CA VAL C 268 14.46 -32.11 -21.23
C VAL C 268 15.91 -31.68 -21.58
N ALA C 269 16.18 -30.36 -21.73
CA ALA C 269 17.54 -29.89 -22.01
C ALA C 269 18.49 -30.43 -20.93
N VAL C 270 18.06 -30.38 -19.65
CA VAL C 270 18.81 -30.97 -18.54
C VAL C 270 19.01 -32.48 -18.81
N ILE C 271 17.91 -33.26 -19.08
CA ILE C 271 18.03 -34.70 -19.37
C ILE C 271 19.09 -34.92 -20.46
N GLU C 272 18.96 -34.26 -21.63
CA GLU C 272 19.88 -34.35 -22.77
C GLU C 272 21.34 -34.18 -22.32
N VAL C 273 21.63 -33.09 -21.60
CA VAL C 273 22.95 -32.76 -21.07
C VAL C 273 23.49 -33.88 -20.15
N THR C 274 22.58 -34.52 -19.37
CA THR C 274 22.91 -35.61 -18.45
C THR C 274 23.25 -36.87 -19.27
N VAL C 275 22.42 -37.18 -20.28
CA VAL C 275 22.56 -38.35 -21.16
C VAL C 275 23.89 -38.24 -21.90
N GLN C 276 24.10 -37.10 -22.62
CA GLN C 276 25.35 -36.79 -23.31
C GLN C 276 26.54 -37.02 -22.37
N HIS C 277 26.51 -36.43 -21.16
CA HIS C 277 27.62 -36.63 -20.20
C HIS C 277 27.78 -38.08 -19.77
N TYR C 278 26.71 -38.85 -19.64
CA TYR C 278 26.78 -40.24 -19.18
C TYR C 278 27.43 -41.14 -20.23
N LEU C 279 27.11 -40.90 -21.53
CA LEU C 279 27.62 -41.65 -22.68
C LEU C 279 29.13 -41.42 -22.81
N LYS C 280 29.58 -40.17 -22.73
N LYS C 280 29.60 -40.16 -22.75
CA LYS C 280 31.00 -39.81 -22.61
CA LYS C 280 31.02 -39.80 -22.64
C LYS C 280 31.23 -40.25 -21.15
C LYS C 280 31.25 -40.21 -21.16
N VAL C 281 32.29 -40.99 -20.82
CA VAL C 281 32.48 -41.52 -19.41
C VAL C 281 32.20 -43.04 -19.54
N GLU C 282 31.16 -43.41 -20.33
CA GLU C 282 30.80 -44.79 -20.63
C GLU C 282 31.53 -45.15 -21.94
N SER C 283 32.31 -44.15 -22.43
CA SER C 283 33.11 -44.15 -23.64
C SER C 283 32.28 -44.43 -24.90
N GLN C 284 31.08 -43.80 -24.97
CA GLN C 284 30.20 -43.87 -26.13
C GLN C 284 29.96 -42.42 -26.66
N PRO C 285 31.01 -41.67 -27.11
CA PRO C 285 30.79 -40.28 -27.54
C PRO C 285 30.09 -40.15 -28.87
N ALA C 286 30.10 -41.22 -29.68
CA ALA C 286 29.46 -41.26 -30.99
C ALA C 286 27.94 -41.35 -30.83
N ARG C 287 27.43 -42.13 -29.84
CA ARG C 287 25.98 -42.22 -29.58
C ARG C 287 25.52 -40.89 -29.00
N ALA C 288 26.30 -40.32 -28.08
CA ALA C 288 26.07 -39.03 -27.47
C ALA C 288 26.02 -37.95 -28.54
N ALA C 289 26.96 -38.00 -29.51
CA ALA C 289 27.07 -37.05 -30.64
C ALA C 289 25.84 -37.03 -31.52
N SER C 290 25.21 -38.21 -31.67
CA SER C 290 24.04 -38.33 -32.51
C SER C 290 22.83 -37.70 -31.82
N ILE C 291 22.73 -37.84 -30.48
CA ILE C 291 21.63 -37.28 -29.68
C ILE C 291 21.68 -35.73 -29.65
N THR C 292 22.89 -35.14 -29.49
CA THR C 292 23.03 -33.67 -29.47
C THR C 292 22.69 -33.10 -30.82
N ARG C 293 23.08 -33.81 -31.90
CA ARG C 293 22.83 -33.41 -33.29
C ARG C 293 21.35 -33.35 -33.59
N ALA C 294 20.59 -34.34 -33.09
CA ALA C 294 19.14 -34.37 -33.27
C ALA C 294 18.51 -33.26 -32.44
N SER C 295 19.02 -33.07 -31.20
CA SER C 295 18.56 -32.03 -30.28
C SER C 295 18.72 -30.61 -30.87
N ARG C 296 19.77 -30.37 -31.67
CA ARG C 296 19.98 -29.06 -32.29
C ARG C 296 18.80 -28.67 -33.21
N ILE C 297 18.14 -29.67 -33.81
CA ILE C 297 16.97 -29.50 -34.67
C ILE C 297 15.68 -29.63 -33.85
N ALA C 298 15.49 -30.78 -33.18
CA ALA C 298 14.27 -31.08 -32.43
C ALA C 298 13.82 -29.96 -31.49
N PHE C 299 14.70 -29.50 -30.57
CA PHE C 299 14.40 -28.44 -29.62
C PHE C 299 13.79 -27.18 -30.26
N PRO C 300 14.39 -26.49 -31.26
CA PRO C 300 13.67 -25.34 -31.86
C PRO C 300 12.43 -25.70 -32.67
N VAL C 301 12.40 -26.91 -33.31
CA VAL C 301 11.27 -27.39 -34.15
C VAL C 301 10.05 -27.68 -33.27
N VAL C 302 10.20 -28.57 -32.27
CA VAL C 302 9.12 -28.94 -31.33
C VAL C 302 8.63 -27.68 -30.58
N PHE C 303 9.53 -26.68 -30.34
CA PHE C 303 9.18 -25.43 -29.67
C PHE C 303 8.27 -24.62 -30.54
N LEU C 304 8.65 -24.46 -31.83
CA LEU C 304 7.90 -23.72 -32.86
C LEU C 304 6.55 -24.39 -33.13
N LEU C 305 6.48 -25.72 -33.20
CA LEU C 305 5.20 -26.42 -33.40
C LEU C 305 4.26 -26.24 -32.21
N ALA C 306 4.75 -26.52 -30.99
CA ALA C 306 3.98 -26.37 -29.74
C ALA C 306 3.42 -24.95 -29.55
N ASN C 307 4.18 -23.91 -29.96
CA ASN C 307 3.75 -22.52 -29.86
C ASN C 307 2.64 -22.18 -30.85
N ILE C 308 2.63 -22.86 -32.01
CA ILE C 308 1.59 -22.74 -33.05
C ILE C 308 0.32 -23.40 -32.50
N ILE C 309 0.42 -24.66 -32.00
CA ILE C 309 -0.69 -25.40 -31.39
C ILE C 309 -1.32 -24.54 -30.28
N LEU C 310 -0.48 -23.86 -29.44
CA LEU C 310 -1.00 -22.97 -28.39
C LEU C 310 -1.71 -21.74 -28.96
N ALA C 311 -1.05 -21.00 -29.89
CA ALA C 311 -1.64 -19.80 -30.48
C ALA C 311 -2.99 -20.11 -31.12
N PHE C 312 -3.10 -21.31 -31.71
CA PHE C 312 -4.33 -21.80 -32.33
C PHE C 312 -5.40 -22.04 -31.27
N LEU C 313 -5.06 -22.78 -30.19
CA LEU C 313 -6.01 -23.05 -29.10
C LEU C 313 -6.41 -21.83 -28.28
N PHE C 314 -5.74 -20.70 -28.46
CA PHE C 314 -6.06 -19.52 -27.69
C PHE C 314 -6.66 -18.40 -28.53
N PHE C 315 -6.45 -18.42 -29.86
CA PHE C 315 -6.96 -17.36 -30.73
C PHE C 315 -7.63 -17.86 -32.01
N VAL D 5 -30.47 31.03 -3.87
CA VAL D 5 -29.82 32.09 -4.64
C VAL D 5 -29.79 31.76 -6.13
N SER D 6 -29.70 32.80 -6.98
CA SER D 6 -29.68 32.68 -8.44
C SER D 6 -28.50 33.47 -9.03
N PRO D 7 -28.02 33.19 -10.27
CA PRO D 7 -26.87 33.97 -10.80
C PRO D 7 -27.19 35.44 -11.04
N PRO D 8 -26.23 36.38 -10.89
CA PRO D 8 -26.54 37.81 -11.14
C PRO D 8 -27.10 38.03 -12.54
N PRO D 9 -28.27 38.73 -12.66
CA PRO D 9 -28.85 38.95 -14.00
C PRO D 9 -28.03 39.90 -14.87
N PRO D 10 -28.04 39.70 -16.20
CA PRO D 10 -27.23 40.58 -17.06
C PRO D 10 -27.82 41.98 -17.26
N ILE D 11 -26.95 42.96 -17.55
CA ILE D 11 -27.34 44.35 -17.87
C ILE D 11 -27.92 44.33 -19.29
N ALA D 12 -27.12 43.82 -20.25
CA ALA D 12 -27.45 43.58 -21.65
C ALA D 12 -27.49 42.04 -21.73
N ASP D 13 -27.17 41.43 -22.89
CA ASP D 13 -27.13 39.97 -23.01
C ASP D 13 -25.68 39.39 -22.92
N GLU D 14 -24.79 40.07 -22.16
CA GLU D 14 -23.39 39.65 -22.00
C GLU D 14 -23.23 38.38 -21.13
N PRO D 15 -22.14 37.58 -21.29
CA PRO D 15 -21.99 36.39 -20.44
C PRO D 15 -21.48 36.79 -19.05
N LEU D 16 -21.57 35.87 -18.08
CA LEU D 16 -21.08 36.16 -16.73
C LEU D 16 -19.61 35.70 -16.59
N THR D 17 -18.69 36.68 -16.48
CA THR D 17 -17.26 36.45 -16.36
C THR D 17 -16.87 36.22 -14.89
N VAL D 18 -16.14 35.11 -14.65
CA VAL D 18 -15.60 34.75 -13.34
C VAL D 18 -14.09 34.74 -13.51
N ASN D 19 -13.41 35.69 -12.89
CA ASN D 19 -11.96 35.78 -12.95
C ASN D 19 -11.38 34.76 -11.97
N THR D 20 -10.45 33.91 -12.45
CA THR D 20 -9.85 32.85 -11.64
C THR D 20 -8.35 33.01 -11.43
N GLY D 21 -7.87 32.39 -10.36
CA GLY D 21 -6.46 32.33 -10.00
C GLY D 21 -6.14 31.09 -9.16
N ILE D 22 -4.95 30.50 -9.38
CA ILE D 22 -4.49 29.36 -8.59
C ILE D 22 -3.11 29.68 -8.02
N TYR D 23 -2.95 29.56 -6.69
CA TYR D 23 -1.68 29.83 -6.03
C TYR D 23 -1.20 28.55 -5.30
N LEU D 24 -0.12 27.92 -5.81
CA LEU D 24 0.43 26.69 -5.22
C LEU D 24 1.11 26.95 -3.89
N ILE D 25 0.63 26.25 -2.87
CA ILE D 25 1.12 26.28 -1.49
C ILE D 25 2.11 25.10 -1.37
N GLU D 26 1.65 23.90 -1.77
CA GLU D 26 2.43 22.67 -1.77
C GLU D 26 2.12 21.77 -2.98
N SER D 27 3.16 21.10 -3.53
CA SER D 27 3.08 20.14 -4.64
C SER D 27 3.83 18.91 -4.17
N TYR D 28 3.21 17.74 -4.29
CA TYR D 28 3.81 16.50 -3.79
C TYR D 28 3.28 15.25 -4.49
N SER D 29 3.90 14.11 -4.22
CA SER D 29 3.52 12.79 -4.72
C SER D 29 3.34 12.69 -6.26
N LEU D 30 4.41 12.95 -7.04
CA LEU D 30 4.32 12.70 -8.46
C LEU D 30 4.55 11.17 -8.63
N ASP D 31 3.47 10.47 -9.02
CA ASP D 31 3.39 9.02 -9.16
C ASP D 31 3.33 8.64 -10.65
N ASP D 32 4.50 8.31 -11.22
CA ASP D 32 4.68 7.94 -12.62
C ASP D 32 3.75 6.85 -13.08
N LYS D 33 3.61 5.77 -12.30
CA LYS D 33 2.75 4.65 -12.65
C LYS D 33 1.32 5.04 -12.82
N ALA D 34 0.78 5.81 -11.87
CA ALA D 34 -0.62 6.26 -11.87
C ALA D 34 -0.87 7.56 -12.66
N GLU D 35 0.23 8.24 -13.07
CA GLU D 35 0.24 9.47 -13.85
C GLU D 35 -0.53 10.57 -13.13
N THR D 36 -0.27 10.71 -11.81
CA THR D 36 -0.93 11.67 -10.92
C THR D 36 0.07 12.48 -10.13
N PHE D 37 -0.42 13.52 -9.46
CA PHE D 37 0.33 14.37 -8.54
C PHE D 37 -0.68 15.01 -7.57
N LYS D 38 -0.23 15.26 -6.34
CA LYS D 38 -1.08 15.87 -5.32
C LYS D 38 -0.71 17.35 -5.20
N VAL D 39 -1.71 18.20 -4.97
CA VAL D 39 -1.47 19.64 -4.89
C VAL D 39 -2.23 20.27 -3.72
N ASN D 40 -1.68 21.34 -3.17
CA ASN D 40 -2.25 22.10 -2.07
C ASN D 40 -2.14 23.55 -2.51
N ALA D 41 -3.30 24.22 -2.68
CA ALA D 41 -3.30 25.57 -3.22
C ALA D 41 -4.47 26.46 -2.81
N PHE D 42 -4.34 27.75 -3.18
CA PHE D 42 -5.37 28.76 -3.03
C PHE D 42 -6.13 28.76 -4.35
N LEU D 43 -7.42 29.07 -4.30
CA LEU D 43 -8.26 29.24 -5.48
C LEU D 43 -8.98 30.57 -5.31
N SER D 44 -8.64 31.55 -6.15
CA SER D 44 -9.28 32.86 -6.12
C SER D 44 -10.33 32.95 -7.24
N LEU D 45 -11.53 33.42 -6.89
CA LEU D 45 -12.64 33.63 -7.82
C LEU D 45 -13.16 35.05 -7.60
N SER D 46 -13.46 35.76 -8.70
CA SER D 46 -13.95 37.14 -8.65
C SER D 46 -15.01 37.38 -9.71
N TRP D 47 -16.13 37.99 -9.32
CA TRP D 47 -17.27 38.27 -10.22
C TRP D 47 -18.12 39.43 -9.69
N LYS D 48 -18.75 40.20 -10.61
CA LYS D 48 -19.62 41.32 -10.26
C LYS D 48 -21.04 40.83 -9.98
N ASP D 49 -21.55 41.19 -8.80
CA ASP D 49 -22.93 40.91 -8.41
C ASP D 49 -23.52 42.25 -7.98
N ARG D 50 -24.26 42.89 -8.90
CA ARG D 50 -24.88 44.20 -8.67
C ARG D 50 -25.87 44.19 -7.52
N ARG D 51 -26.60 43.07 -7.32
CA ARG D 51 -27.55 42.84 -6.22
C ARG D 51 -26.89 42.99 -4.83
N LEU D 52 -25.55 43.03 -4.79
CA LEU D 52 -24.74 43.13 -3.58
C LEU D 52 -24.06 44.49 -3.42
N ALA D 53 -24.19 45.39 -4.42
CA ALA D 53 -23.59 46.72 -4.37
C ALA D 53 -24.13 47.54 -3.19
N PHE D 54 -23.28 48.39 -2.61
CA PHE D 54 -23.63 49.20 -1.45
C PHE D 54 -22.97 50.58 -1.46
N ASP D 55 -23.63 51.58 -0.84
CA ASP D 55 -23.09 52.93 -0.70
C ASP D 55 -22.17 52.95 0.53
N PRO D 56 -20.88 53.36 0.38
CA PRO D 56 -19.95 53.34 1.53
C PRO D 56 -20.27 54.31 2.67
N VAL D 57 -20.97 55.42 2.36
CA VAL D 57 -21.37 56.48 3.29
C VAL D 57 -22.36 55.94 4.36
N ARG D 58 -23.54 55.41 3.91
CA ARG D 58 -24.62 54.87 4.75
C ARG D 58 -24.34 53.45 5.32
N SER D 59 -23.14 52.90 5.05
CA SER D 59 -22.72 51.58 5.54
C SER D 59 -21.54 51.69 6.53
N GLY D 60 -20.66 52.67 6.31
CA GLY D 60 -19.49 52.92 7.16
C GLY D 60 -18.41 51.86 7.09
N VAL D 61 -18.41 51.08 6.00
CA VAL D 61 -17.46 49.99 5.71
C VAL D 61 -17.06 50.02 4.22
N ARG D 62 -15.76 49.85 3.93
CA ARG D 62 -15.21 49.82 2.57
C ARG D 62 -15.46 48.48 1.87
N VAL D 63 -15.72 47.42 2.65
CA VAL D 63 -15.94 46.05 2.18
C VAL D 63 -16.87 45.27 3.12
N LYS D 64 -17.68 44.37 2.57
CA LYS D 64 -18.59 43.53 3.36
C LYS D 64 -18.19 42.06 3.26
N THR D 65 -18.36 41.32 4.36
CA THR D 65 -18.03 39.89 4.44
C THR D 65 -19.33 39.06 4.48
N TYR D 66 -19.34 37.89 3.82
CA TYR D 66 -20.52 37.00 3.75
C TYR D 66 -20.13 35.55 3.96
N GLU D 67 -21.13 34.71 4.30
CA GLU D 67 -20.98 33.27 4.43
C GLU D 67 -21.35 32.69 3.05
N PRO D 68 -20.69 31.60 2.58
CA PRO D 68 -20.99 31.08 1.23
C PRO D 68 -22.48 30.90 0.89
N GLU D 69 -23.27 30.41 1.86
CA GLU D 69 -24.71 30.17 1.70
C GLU D 69 -25.51 31.45 1.52
N ALA D 70 -25.02 32.57 2.10
CA ALA D 70 -25.67 33.89 2.02
C ALA D 70 -25.80 34.44 0.60
N ILE D 71 -24.76 34.25 -0.21
CA ILE D 71 -24.73 34.77 -1.58
C ILE D 71 -24.67 33.66 -2.63
N TRP D 72 -24.73 34.07 -3.92
CA TRP D 72 -24.55 33.15 -5.04
C TRP D 72 -23.05 33.01 -5.31
N ILE D 73 -22.59 31.75 -5.39
CA ILE D 73 -21.22 31.40 -5.68
C ILE D 73 -21.21 30.46 -6.92
N PRO D 74 -20.35 30.76 -7.94
CA PRO D 74 -20.34 29.93 -9.16
C PRO D 74 -19.85 28.52 -8.89
N GLU D 75 -20.53 27.51 -9.45
CA GLU D 75 -20.13 26.10 -9.31
C GLU D 75 -18.93 25.85 -10.25
N ILE D 76 -17.71 26.14 -9.73
CA ILE D 76 -16.44 25.94 -10.42
C ILE D 76 -15.92 24.58 -10.02
N ARG D 77 -15.74 23.68 -10.98
CA ARG D 77 -15.22 22.33 -10.72
C ARG D 77 -13.88 22.10 -11.43
N PHE D 78 -13.18 21.02 -11.06
CA PHE D 78 -11.91 20.59 -11.65
C PHE D 78 -12.24 19.45 -12.54
N VAL D 79 -11.65 19.41 -13.72
CA VAL D 79 -11.94 18.34 -14.66
C VAL D 79 -11.17 17.04 -14.33
N ASN D 80 -9.84 17.15 -14.23
CA ASN D 80 -8.88 16.05 -14.08
C ASN D 80 -8.49 15.73 -12.64
N VAL D 81 -9.47 15.46 -11.77
CA VAL D 81 -9.20 15.11 -10.38
C VAL D 81 -9.65 13.70 -10.08
N GLU D 82 -8.77 12.94 -9.36
CA GLU D 82 -8.99 11.55 -8.93
C GLU D 82 -10.11 11.62 -7.93
N ASN D 83 -9.94 12.42 -6.88
CA ASN D 83 -11.02 12.62 -5.94
C ASN D 83 -11.21 14.09 -5.65
N ALA D 84 -12.46 14.57 -5.92
CA ALA D 84 -13.00 15.94 -5.77
C ALA D 84 -12.41 16.68 -4.58
N ARG D 85 -11.73 17.81 -4.91
CA ARG D 85 -10.99 18.72 -4.01
C ARG D 85 -11.60 18.89 -2.62
N ASP D 86 -10.74 18.74 -1.61
CA ASP D 86 -11.09 18.96 -0.23
C ASP D 86 -10.94 20.46 -0.12
N ALA D 87 -12.08 21.17 -0.02
CA ALA D 87 -12.09 22.63 -0.04
C ALA D 87 -12.59 23.28 1.22
N ASP D 88 -11.96 24.38 1.58
CA ASP D 88 -12.33 25.17 2.74
C ASP D 88 -12.31 26.66 2.35
N VAL D 89 -13.36 27.40 2.70
CA VAL D 89 -13.45 28.83 2.37
C VAL D 89 -12.63 29.64 3.38
N VAL D 90 -11.77 30.51 2.85
CA VAL D 90 -10.92 31.38 3.65
C VAL D 90 -11.66 32.71 3.84
N ASP D 91 -11.85 33.46 2.74
CA ASP D 91 -12.43 34.79 2.73
C ASP D 91 -13.40 35.01 1.57
N ILE D 92 -14.41 35.89 1.79
CA ILE D 92 -15.41 36.38 0.82
C ILE D 92 -15.55 37.87 1.12
N SER D 93 -15.11 38.72 0.17
CA SER D 93 -15.11 40.18 0.28
C SER D 93 -15.86 40.86 -0.87
N VAL D 94 -16.96 41.56 -0.56
CA VAL D 94 -17.76 42.29 -1.54
C VAL D 94 -17.41 43.78 -1.47
N SER D 95 -16.89 44.33 -2.58
CA SER D 95 -16.50 45.74 -2.68
C SER D 95 -17.76 46.62 -2.92
N PRO D 96 -17.71 47.99 -2.81
CA PRO D 96 -18.94 48.80 -2.99
C PRO D 96 -19.65 48.60 -4.33
N ASP D 97 -18.90 48.52 -5.43
CA ASP D 97 -19.44 48.31 -6.78
C ASP D 97 -20.07 46.94 -6.99
N GLY D 98 -20.06 46.07 -5.98
CA GLY D 98 -20.63 44.74 -6.02
C GLY D 98 -19.67 43.64 -6.43
N THR D 99 -18.37 43.99 -6.65
CA THR D 99 -17.30 43.04 -7.03
C THR D 99 -16.99 42.06 -5.90
N VAL D 100 -17.37 40.79 -6.08
CA VAL D 100 -17.14 39.71 -5.10
C VAL D 100 -15.71 39.16 -5.26
N GLN D 101 -15.00 38.97 -4.13
CA GLN D 101 -13.66 38.43 -4.08
C GLN D 101 -13.61 37.21 -3.14
N TYR D 102 -13.72 36.01 -3.74
CA TYR D 102 -13.71 34.70 -3.10
C TYR D 102 -12.28 34.16 -3.01
N LEU D 103 -12.01 33.37 -1.95
CA LEU D 103 -10.74 32.71 -1.69
C LEU D 103 -10.93 31.44 -0.89
N GLU D 104 -10.44 30.33 -1.44
CA GLU D 104 -10.52 29.03 -0.78
C GLU D 104 -9.20 28.30 -0.84
N ARG D 105 -8.98 27.38 0.10
CA ARG D 105 -7.83 26.51 0.10
C ARG D 105 -8.31 25.14 -0.27
N PHE D 106 -7.63 24.52 -1.22
CA PHE D 106 -7.99 23.19 -1.65
C PHE D 106 -6.74 22.32 -1.72
N SER D 107 -6.96 21.02 -1.83
CA SER D 107 -5.94 20.02 -2.01
C SER D 107 -6.57 18.91 -2.85
N ALA D 108 -5.92 18.55 -3.98
CA ALA D 108 -6.46 17.51 -4.86
C ALA D 108 -5.41 16.60 -5.48
N ARG D 109 -5.82 15.35 -5.77
CA ARG D 109 -5.01 14.37 -6.49
C ARG D 109 -5.43 14.54 -7.92
N VAL D 110 -4.53 15.08 -8.75
CA VAL D 110 -4.74 15.46 -10.15
C VAL D 110 -4.20 14.36 -11.10
N LEU D 111 -5.01 13.95 -12.10
CA LEU D 111 -4.69 12.97 -13.14
C LEU D 111 -4.27 13.72 -14.42
N SER D 112 -2.99 13.71 -14.72
CA SER D 112 -2.45 14.43 -15.87
C SER D 112 -1.42 13.50 -16.53
N PRO D 113 -1.61 13.11 -17.83
CA PRO D 113 -0.69 12.16 -18.46
C PRO D 113 0.73 12.66 -18.67
N LEU D 114 1.64 11.67 -18.74
CA LEU D 114 3.07 11.87 -18.88
C LEU D 114 3.66 11.17 -20.10
N ASP D 115 4.72 11.78 -20.66
CA ASP D 115 5.43 11.27 -21.83
C ASP D 115 6.77 10.70 -21.44
N PHE D 116 6.83 9.36 -21.35
CA PHE D 116 8.00 8.63 -20.90
C PHE D 116 9.01 8.32 -21.98
N ARG D 117 8.81 8.80 -23.23
CA ARG D 117 9.73 8.56 -24.36
C ARG D 117 11.23 8.94 -24.06
N ARG D 118 11.49 10.01 -23.30
CA ARG D 118 12.87 10.40 -23.01
C ARG D 118 13.33 10.06 -21.56
N TYR D 119 12.58 9.17 -20.87
CA TYR D 119 12.88 8.80 -19.48
C TYR D 119 14.28 8.27 -19.31
N PRO D 120 15.06 8.70 -18.29
CA PRO D 120 14.71 9.66 -17.23
C PRO D 120 15.24 11.08 -17.44
N PHE D 121 15.43 11.51 -18.70
CA PHE D 121 15.93 12.85 -19.03
C PHE D 121 14.80 13.70 -19.58
N ASP D 122 13.56 13.35 -19.20
CA ASP D 122 12.33 13.96 -19.68
C ASP D 122 11.81 15.14 -18.87
N SER D 123 10.89 15.88 -19.51
CA SER D 123 10.18 17.03 -18.98
C SER D 123 8.71 16.76 -19.18
N GLN D 124 7.87 17.32 -18.33
CA GLN D 124 6.44 17.12 -18.43
C GLN D 124 5.68 18.42 -18.26
N THR D 125 4.45 18.45 -18.81
CA THR D 125 3.50 19.54 -18.63
C THR D 125 2.32 18.98 -17.87
N LEU D 126 2.28 19.34 -16.59
CA LEU D 126 1.21 18.95 -15.70
C LEU D 126 0.03 19.94 -15.88
N HIS D 127 -1.20 19.41 -16.06
CA HIS D 127 -2.37 20.28 -16.25
C HIS D 127 -3.34 20.24 -15.08
N ILE D 128 -3.98 21.39 -14.82
CA ILE D 128 -5.06 21.53 -13.84
C ILE D 128 -6.14 22.26 -14.62
N TYR D 129 -7.23 21.54 -14.96
CA TYR D 129 -8.35 22.09 -15.72
C TYR D 129 -9.52 22.56 -14.86
N LEU D 130 -9.72 23.89 -14.82
CA LEU D 130 -10.83 24.56 -14.12
C LEU D 130 -11.98 24.65 -15.09
N ILE D 131 -13.18 24.41 -14.62
CA ILE D 131 -14.38 24.45 -15.48
C ILE D 131 -15.62 25.07 -14.76
N VAL D 132 -16.61 25.57 -15.55
CA VAL D 132 -17.88 26.13 -15.08
C VAL D 132 -18.96 25.80 -16.09
N ARG D 133 -20.08 25.23 -15.61
CA ARG D 133 -21.22 24.88 -16.45
C ARG D 133 -22.17 26.10 -16.56
N SER D 134 -22.60 26.45 -17.80
CA SER D 134 -23.50 27.58 -18.04
C SER D 134 -24.96 27.22 -17.78
N CYS D 135 -25.74 28.26 -17.47
CA CYS D 135 -27.15 28.15 -17.15
C CYS D 135 -28.05 28.53 -18.32
N ASP D 136 -29.32 28.07 -18.26
CA ASP D 136 -30.39 28.37 -19.22
C ASP D 136 -30.65 29.89 -19.14
N THR D 137 -30.74 30.43 -17.90
CA THR D 137 -30.92 31.86 -17.62
C THR D 137 -29.76 32.67 -18.20
N ARG D 138 -28.49 32.25 -17.97
CA ARG D 138 -27.34 32.94 -18.57
C ARG D 138 -26.06 32.09 -18.58
N ASN D 139 -25.20 32.36 -19.58
CA ASN D 139 -23.95 31.66 -19.83
C ASN D 139 -22.77 32.24 -19.04
N ILE D 140 -22.06 31.33 -18.32
CA ILE D 140 -20.92 31.62 -17.44
C ILE D 140 -19.60 31.28 -18.14
N VAL D 141 -18.66 32.22 -18.10
CA VAL D 141 -17.36 32.17 -18.77
C VAL D 141 -16.22 32.49 -17.81
N LEU D 142 -15.13 31.68 -17.89
CA LEU D 142 -13.95 31.81 -17.03
C LEU D 142 -12.88 32.76 -17.59
N ALA D 143 -12.12 33.42 -16.71
CA ALA D 143 -11.03 34.33 -17.07
C ALA D 143 -9.85 34.08 -16.12
N VAL D 144 -8.67 34.66 -16.43
CA VAL D 144 -7.49 34.46 -15.59
C VAL D 144 -6.97 35.79 -15.09
N ASP D 145 -6.90 35.95 -13.76
CA ASP D 145 -6.29 37.14 -13.16
C ASP D 145 -4.84 36.75 -12.97
N LEU D 146 -3.95 37.21 -13.87
CA LEU D 146 -2.52 36.89 -13.87
C LEU D 146 -1.78 37.34 -12.60
N GLU D 147 -2.39 38.23 -11.82
CA GLU D 147 -1.81 38.74 -10.58
C GLU D 147 -2.16 37.80 -9.40
N LYS D 148 -3.00 36.77 -9.65
CA LYS D 148 -3.45 35.80 -8.66
C LYS D 148 -3.09 34.33 -9.02
N VAL D 149 -2.14 34.15 -9.99
CA VAL D 149 -1.62 32.86 -10.45
C VAL D 149 -0.13 32.80 -10.14
N GLY D 150 0.23 31.91 -9.23
CA GLY D 150 1.62 31.71 -8.82
C GLY D 150 1.85 30.51 -7.93
N LYS D 151 2.99 30.53 -7.22
CA LYS D 151 3.45 29.51 -6.28
C LYS D 151 4.49 30.13 -5.36
N ASN D 152 4.52 29.75 -4.06
CA ASN D 152 5.53 30.30 -3.17
C ASN D 152 6.90 29.70 -3.48
N ASP D 153 7.98 30.42 -3.14
CA ASP D 153 9.36 30.03 -3.45
C ASP D 153 9.80 28.66 -2.88
N ASP D 154 9.23 28.25 -1.73
CA ASP D 154 9.50 26.96 -1.05
C ASP D 154 9.04 25.74 -1.87
N VAL D 155 7.98 25.89 -2.73
CA VAL D 155 7.36 24.81 -3.52
C VAL D 155 8.39 23.94 -4.22
N PHE D 156 8.38 22.67 -3.86
CA PHE D 156 9.29 21.65 -4.35
C PHE D 156 8.53 20.40 -4.69
N LEU D 157 8.99 19.69 -5.72
CA LEU D 157 8.45 18.40 -6.09
C LEU D 157 9.65 17.45 -6.07
N THR D 158 9.62 16.51 -5.12
CA THR D 158 10.67 15.53 -4.86
C THR D 158 10.99 14.75 -6.14
N GLY D 159 12.28 14.82 -6.54
CA GLY D 159 12.79 14.16 -7.73
C GLY D 159 12.53 14.86 -9.04
N TRP D 160 12.03 16.10 -8.96
CA TRP D 160 11.69 16.96 -10.10
C TRP D 160 12.11 18.42 -9.86
N ASP D 161 12.30 19.17 -10.95
CA ASP D 161 12.62 20.60 -10.93
C ASP D 161 11.35 21.32 -11.38
N ILE D 162 10.85 22.28 -10.59
CA ILE D 162 9.66 23.02 -10.99
C ILE D 162 10.10 24.23 -11.81
N GLU D 163 9.75 24.22 -13.08
CA GLU D 163 10.13 25.28 -14.02
C GLU D 163 9.14 26.45 -13.99
N SER D 164 7.84 26.18 -14.24
CA SER D 164 6.83 27.24 -14.27
C SER D 164 5.47 26.78 -13.82
N PHE D 165 4.58 27.75 -13.58
CA PHE D 165 3.17 27.58 -13.29
C PHE D 165 2.48 28.79 -13.88
N THR D 166 1.89 28.59 -15.07
CA THR D 166 1.21 29.62 -15.85
C THR D 166 -0.15 29.10 -16.34
N ALA D 167 -1.03 30.02 -16.73
CA ALA D 167 -2.35 29.63 -17.23
C ALA D 167 -2.54 30.05 -18.67
N VAL D 168 -3.31 29.26 -19.44
CA VAL D 168 -3.70 29.57 -20.81
C VAL D 168 -4.95 30.44 -20.63
N VAL D 169 -4.76 31.78 -20.76
CA VAL D 169 -5.73 32.87 -20.54
C VAL D 169 -7.07 32.70 -21.28
N LYS D 170 -7.06 32.10 -22.47
CA LYS D 170 -8.27 31.94 -23.27
C LYS D 170 -9.01 30.64 -22.97
N PRO D 171 -10.21 30.71 -22.35
CA PRO D 171 -10.94 29.47 -22.07
C PRO D 171 -11.47 28.74 -23.30
N ALA D 172 -11.51 27.43 -23.24
CA ALA D 172 -12.02 26.65 -24.35
C ALA D 172 -13.52 26.47 -24.10
N ASN D 173 -14.36 27.22 -24.85
CA ASN D 173 -15.82 27.16 -24.73
C ASN D 173 -16.40 26.11 -25.66
N PHE D 174 -17.31 25.26 -25.17
CA PHE D 174 -17.89 24.15 -25.94
C PHE D 174 -19.16 23.65 -25.26
N ALA D 175 -19.94 22.82 -25.92
CA ALA D 175 -21.18 22.32 -25.35
C ALA D 175 -21.00 20.93 -24.80
N LEU D 176 -21.66 20.64 -23.68
CA LEU D 176 -21.60 19.32 -23.08
C LEU D 176 -22.91 19.06 -22.34
N GLU D 177 -23.66 18.03 -22.80
CA GLU D 177 -24.98 17.64 -22.26
C GLU D 177 -25.99 18.85 -22.35
N ASP D 178 -25.99 19.47 -23.55
CA ASP D 178 -26.73 20.63 -24.04
C ASP D 178 -26.62 21.89 -23.14
N ARG D 179 -25.42 22.16 -22.62
CA ARG D 179 -25.08 23.36 -21.87
C ARG D 179 -23.63 23.71 -22.15
N LEU D 180 -23.37 25.00 -22.21
CA LEU D 180 -22.08 25.57 -22.51
C LEU D 180 -21.10 25.48 -21.33
N GLU D 181 -19.95 24.81 -21.54
CA GLU D 181 -18.91 24.78 -20.52
C GLU D 181 -17.75 25.68 -20.90
N SER D 182 -17.13 26.35 -19.90
CA SER D 182 -15.96 27.21 -20.10
C SER D 182 -14.75 26.59 -19.34
N LYS D 183 -13.78 26.00 -20.06
CA LYS D 183 -12.62 25.32 -19.50
C LYS D 183 -11.31 26.15 -19.54
N LEU D 184 -10.56 26.18 -18.44
CA LEU D 184 -9.27 26.85 -18.33
C LEU D 184 -8.15 25.84 -18.07
N ASP D 185 -6.94 26.11 -18.61
CA ASP D 185 -5.76 25.26 -18.45
C ASP D 185 -4.63 25.92 -17.70
N TYR D 186 -4.41 25.44 -16.46
CA TYR D 186 -3.32 25.82 -15.58
C TYR D 186 -2.21 24.79 -15.83
N GLN D 187 -1.03 25.26 -16.23
CA GLN D 187 0.09 24.40 -16.60
C GLN D 187 1.31 24.51 -15.70
N LEU D 188 1.66 23.39 -15.05
CA LEU D 188 2.83 23.25 -14.16
C LEU D 188 3.93 22.51 -14.95
N ARG D 189 5.00 23.22 -15.29
CA ARG D 189 6.10 22.70 -16.10
C ARG D 189 7.22 22.15 -15.23
N ILE D 190 7.47 20.85 -15.36
CA ILE D 190 8.47 20.16 -14.55
C ILE D 190 9.46 19.40 -15.41
N SER D 191 10.68 19.22 -14.92
CA SER D 191 11.73 18.43 -15.58
C SER D 191 12.39 17.58 -14.52
N ARG D 192 12.57 16.31 -14.84
CA ARG D 192 13.10 15.26 -13.99
C ARG D 192 14.55 15.42 -13.61
N GLN D 193 14.86 15.16 -12.32
CA GLN D 193 16.22 15.18 -11.79
C GLN D 193 16.79 13.79 -12.07
N TYR D 194 17.42 13.68 -13.25
CA TYR D 194 18.02 12.44 -13.79
C TYR D 194 19.22 11.91 -13.02
N PHE D 195 19.90 12.81 -12.25
CA PHE D 195 21.12 12.58 -11.49
C PHE D 195 21.32 11.22 -10.86
N SER D 196 20.35 10.73 -10.11
CA SER D 196 20.44 9.49 -9.35
C SER D 196 20.47 8.27 -10.25
N TYR D 197 19.81 8.32 -11.41
CA TYR D 197 19.77 7.22 -12.38
C TYR D 197 21.14 6.82 -12.91
N ILE D 198 22.10 7.76 -12.89
CA ILE D 198 23.46 7.56 -13.36
C ILE D 198 24.24 6.59 -12.41
N PRO D 199 24.46 6.88 -11.09
CA PRO D 199 25.22 5.92 -10.26
C PRO D 199 24.41 4.71 -9.77
N ASN D 200 23.08 4.75 -9.88
CA ASN D 200 22.25 3.65 -9.36
C ASN D 200 21.80 2.65 -10.40
N ILE D 201 21.67 3.09 -11.66
CA ILE D 201 21.20 2.26 -12.77
C ILE D 201 22.13 2.27 -13.98
N ILE D 202 22.38 3.46 -14.61
CA ILE D 202 23.13 3.54 -15.86
C ILE D 202 24.55 3.00 -15.70
N LEU D 203 25.35 3.57 -14.81
CA LEU D 203 26.72 3.08 -14.63
C LEU D 203 26.75 1.61 -14.12
N PRO D 204 26.04 1.19 -13.05
CA PRO D 204 26.09 -0.25 -12.66
C PRO D 204 25.86 -1.22 -13.80
N MET D 205 24.90 -0.89 -14.67
CA MET D 205 24.48 -1.66 -15.84
C MET D 205 25.58 -1.74 -16.89
N LEU D 206 26.36 -0.64 -17.06
CA LEU D 206 27.48 -0.58 -18.01
C LEU D 206 28.67 -1.41 -17.50
N PHE D 207 28.97 -1.29 -16.18
CA PHE D 207 30.05 -2.05 -15.55
C PHE D 207 29.86 -3.55 -15.73
N ILE D 208 28.66 -4.09 -15.42
CA ILE D 208 28.41 -5.54 -15.59
C ILE D 208 28.50 -5.95 -17.07
N LEU D 209 28.11 -5.05 -18.03
CA LEU D 209 28.22 -5.31 -19.47
C LEU D 209 29.70 -5.38 -19.89
N PHE D 210 30.52 -4.40 -19.44
CA PHE D 210 31.94 -4.37 -19.74
C PHE D 210 32.63 -5.59 -19.14
N ILE D 211 32.18 -6.01 -17.94
CA ILE D 211 32.68 -7.22 -17.26
C ILE D 211 32.43 -8.46 -18.14
N SER D 212 31.31 -8.51 -18.88
CA SER D 212 31.07 -9.66 -19.77
C SER D 212 32.04 -9.66 -20.98
N TRP D 213 32.59 -8.48 -21.31
CA TRP D 213 33.51 -8.36 -22.45
C TRP D 213 34.91 -8.86 -22.11
N THR D 214 35.19 -9.15 -20.82
CA THR D 214 36.48 -9.73 -20.43
C THR D 214 36.60 -11.17 -20.95
N ALA D 215 35.47 -11.84 -21.33
CA ALA D 215 35.45 -13.20 -21.91
C ALA D 215 36.18 -13.23 -23.26
N PHE D 216 36.40 -12.05 -23.88
CA PHE D 216 37.11 -11.88 -25.15
C PHE D 216 38.64 -12.03 -25.00
N TRP D 217 39.14 -12.00 -23.74
CA TRP D 217 40.54 -12.21 -23.38
C TRP D 217 40.66 -13.48 -22.53
N SER D 218 39.77 -14.45 -22.77
CA SER D 218 39.77 -15.70 -22.04
C SER D 218 39.57 -16.85 -22.97
N THR D 219 40.38 -17.89 -22.80
CA THR D 219 40.27 -19.13 -23.58
C THR D 219 39.36 -20.13 -22.86
N SER D 220 39.00 -19.84 -21.59
CA SER D 220 38.20 -20.74 -20.76
C SER D 220 36.67 -20.62 -20.96
N TYR D 221 36.06 -21.60 -21.69
CA TYR D 221 34.61 -21.68 -21.93
C TYR D 221 33.83 -21.67 -20.62
N GLU D 222 34.19 -22.56 -19.68
CA GLU D 222 33.56 -22.68 -18.37
C GLU D 222 33.51 -21.31 -17.66
N ALA D 223 34.66 -20.59 -17.65
CA ALA D 223 34.74 -19.26 -17.08
C ALA D 223 33.87 -18.28 -17.85
N ASN D 224 34.01 -18.24 -19.18
CA ASN D 224 33.24 -17.36 -20.05
C ASN D 224 31.73 -17.53 -19.87
N VAL D 225 31.25 -18.78 -19.79
CA VAL D 225 29.85 -19.13 -19.61
C VAL D 225 29.33 -18.49 -18.32
N THR D 226 30.15 -18.52 -17.24
CA THR D 226 29.90 -17.91 -15.93
C THR D 226 29.84 -16.41 -16.08
N LEU D 227 30.87 -15.78 -16.67
CA LEU D 227 30.90 -14.32 -16.89
C LEU D 227 29.64 -13.81 -17.62
N VAL D 228 29.33 -14.41 -18.79
CA VAL D 228 28.22 -13.93 -19.64
C VAL D 228 26.82 -14.30 -19.07
N VAL D 229 26.65 -15.46 -18.46
CA VAL D 229 25.34 -15.81 -17.92
C VAL D 229 25.05 -15.06 -16.59
N SER D 230 26.06 -14.91 -15.71
CA SER D 230 25.88 -14.20 -14.43
C SER D 230 25.60 -12.71 -14.62
N THR D 231 26.28 -12.04 -15.58
CA THR D 231 26.05 -10.61 -15.82
C THR D 231 24.70 -10.42 -16.50
N LEU D 232 24.31 -11.38 -17.41
CA LEU D 232 23.00 -11.31 -18.07
C LEU D 232 21.87 -11.31 -17.04
N ILE D 233 22.06 -12.06 -15.94
CA ILE D 233 21.12 -12.16 -14.85
C ILE D 233 21.08 -10.84 -14.05
N ALA D 234 22.25 -10.24 -13.76
CA ALA D 234 22.24 -8.92 -13.11
C ALA D 234 21.53 -7.89 -14.01
N HIS D 235 21.65 -8.02 -15.35
CA HIS D 235 20.96 -7.13 -16.30
C HIS D 235 19.43 -7.30 -16.23
N ILE D 236 18.97 -8.56 -16.08
CA ILE D 236 17.56 -8.90 -15.96
C ILE D 236 17.02 -8.17 -14.69
N ALA D 237 17.78 -8.27 -13.57
CA ALA D 237 17.47 -7.57 -12.31
C ALA D 237 17.34 -6.04 -12.51
N PHE D 238 18.18 -5.42 -13.35
CA PHE D 238 18.02 -3.98 -13.61
C PHE D 238 16.82 -3.71 -14.50
N ASN D 239 16.58 -4.58 -15.51
CA ASN D 239 15.39 -4.41 -16.37
C ASN D 239 14.16 -4.40 -15.46
N ILE D 240 14.01 -5.44 -14.55
CA ILE D 240 12.90 -5.53 -13.59
C ILE D 240 12.92 -4.33 -12.67
N LEU D 241 14.09 -3.94 -12.15
CA LEU D 241 14.12 -2.76 -11.26
C LEU D 241 13.53 -1.52 -11.94
N VAL D 242 14.00 -1.21 -13.15
CA VAL D 242 13.60 -0.06 -13.95
C VAL D 242 12.11 -0.09 -14.26
N GLU D 243 11.59 -1.26 -14.71
CA GLU D 243 10.19 -1.36 -15.09
C GLU D 243 9.22 -1.29 -13.89
N THR D 244 9.71 -1.38 -12.63
CA THR D 244 8.83 -1.21 -11.44
C THR D 244 8.49 0.27 -11.25
N ASN D 245 9.43 1.19 -11.55
CA ASN D 245 9.31 2.64 -11.41
C ASN D 245 8.42 3.29 -12.52
N LEU D 246 7.97 2.49 -13.51
CA LEU D 246 7.27 2.98 -14.69
C LEU D 246 6.02 2.23 -15.08
N PRO D 247 5.08 2.94 -15.76
CA PRO D 247 3.89 2.25 -16.27
C PRO D 247 4.19 1.61 -17.63
N LYS D 248 3.28 0.74 -18.10
CA LYS D 248 3.42 0.09 -19.38
C LYS D 248 3.07 1.10 -20.48
N THR D 249 4.00 1.35 -21.42
CA THR D 249 3.75 2.30 -22.50
C THR D 249 3.59 1.62 -23.89
N PRO D 250 2.78 2.17 -24.81
CA PRO D 250 2.69 1.58 -26.16
C PRO D 250 3.86 2.01 -27.05
N TYR D 251 4.84 2.70 -26.46
CA TYR D 251 6.02 3.19 -27.11
C TYR D 251 7.23 2.73 -26.33
N MET D 252 8.40 2.82 -26.95
CA MET D 252 9.67 2.45 -26.35
C MET D 252 10.22 3.70 -25.66
N THR D 253 10.69 3.58 -24.39
CA THR D 253 11.33 4.66 -23.60
C THR D 253 12.83 4.68 -23.95
N TYR D 254 13.55 5.74 -23.57
CA TYR D 254 14.96 5.82 -23.91
C TYR D 254 15.77 4.75 -23.18
N THR D 255 15.64 4.72 -21.84
CA THR D 255 16.23 3.75 -20.93
C THR D 255 15.86 2.35 -21.41
N GLY D 256 14.59 2.14 -21.73
CA GLY D 256 14.06 0.87 -22.20
C GLY D 256 14.70 0.37 -23.47
N ALA D 257 15.03 1.31 -24.40
CA ALA D 257 15.69 1.03 -25.68
C ALA D 257 17.12 0.60 -25.42
N ILE D 258 17.86 1.36 -24.57
CA ILE D 258 19.22 0.97 -24.16
C ILE D 258 19.19 -0.42 -23.53
N ILE D 259 18.33 -0.63 -22.51
CA ILE D 259 18.10 -1.91 -21.81
C ILE D 259 17.81 -3.06 -22.80
N PHE D 260 16.97 -2.84 -23.83
CA PHE D 260 16.64 -3.90 -24.80
C PHE D 260 17.84 -4.32 -25.66
N MET D 261 18.51 -3.32 -26.23
CA MET D 261 19.69 -3.44 -27.07
C MET D 261 20.80 -4.24 -26.33
N ILE D 262 21.02 -3.95 -25.04
CA ILE D 262 22.01 -4.61 -24.22
C ILE D 262 21.76 -6.12 -24.17
N TYR D 263 20.49 -6.61 -24.22
CA TYR D 263 20.24 -8.06 -24.25
C TYR D 263 20.80 -8.69 -25.53
N LEU D 264 20.73 -7.94 -26.66
CA LEU D 264 21.22 -8.42 -27.95
C LEU D 264 22.70 -8.65 -27.88
N PHE D 265 23.43 -7.72 -27.21
CA PHE D 265 24.87 -7.83 -26.98
C PHE D 265 25.19 -9.08 -26.16
N TYR D 266 24.39 -9.41 -25.13
CA TYR D 266 24.60 -10.62 -24.34
C TYR D 266 24.42 -11.88 -25.19
N PHE D 267 23.37 -11.90 -26.00
CA PHE D 267 23.07 -13.00 -26.89
C PHE D 267 24.23 -13.25 -27.87
N VAL D 268 24.70 -12.18 -28.55
CA VAL D 268 25.82 -12.27 -29.50
C VAL D 268 27.09 -12.72 -28.76
N ALA D 269 27.35 -12.15 -27.55
CA ALA D 269 28.50 -12.54 -26.72
C ALA D 269 28.47 -14.04 -26.42
N VAL D 270 27.29 -14.59 -26.03
CA VAL D 270 27.12 -16.04 -25.81
C VAL D 270 27.48 -16.77 -27.11
N ILE D 271 26.96 -16.29 -28.26
CA ILE D 271 27.25 -16.92 -29.57
C ILE D 271 28.76 -16.98 -29.78
N GLU D 272 29.47 -15.83 -29.66
CA GLU D 272 30.93 -15.78 -29.84
C GLU D 272 31.66 -16.71 -28.87
N VAL D 273 31.27 -16.69 -27.61
CA VAL D 273 31.85 -17.60 -26.59
C VAL D 273 31.64 -19.07 -26.99
N THR D 274 30.46 -19.39 -27.59
CA THR D 274 30.05 -20.73 -28.04
C THR D 274 30.89 -21.16 -29.23
N VAL D 275 30.96 -20.27 -30.26
CA VAL D 275 31.67 -20.47 -31.53
C VAL D 275 33.14 -20.77 -31.23
N GLN D 276 33.82 -19.89 -30.43
CA GLN D 276 35.20 -20.01 -29.96
C GLN D 276 35.46 -21.39 -29.35
N HIS D 277 34.58 -21.86 -28.46
CA HIS D 277 34.73 -23.18 -27.84
C HIS D 277 34.70 -24.29 -28.88
N TYR D 278 33.70 -24.24 -29.78
CA TYR D 278 33.46 -25.22 -30.82
C TYR D 278 34.70 -25.39 -31.71
N LEU D 279 35.29 -24.25 -32.12
CA LEU D 279 36.46 -24.24 -32.98
C LEU D 279 37.69 -24.83 -32.27
N LYS D 280 37.89 -24.49 -30.99
N LYS D 280 37.89 -24.50 -31.00
CA LYS D 280 38.97 -24.97 -30.11
CA LYS D 280 38.99 -25.03 -30.17
C LYS D 280 38.89 -26.50 -29.87
C LYS D 280 38.91 -26.54 -29.98
N VAL D 281 37.69 -27.09 -29.90
CA VAL D 281 37.46 -28.53 -29.72
C VAL D 281 37.68 -29.25 -31.08
N GLU D 282 37.49 -28.51 -32.19
CA GLU D 282 37.62 -28.95 -33.58
C GLU D 282 39.09 -28.77 -34.06
N SER D 283 39.97 -28.38 -33.12
CA SER D 283 41.39 -28.10 -33.35
C SER D 283 41.59 -27.00 -34.40
N GLN D 284 40.74 -25.96 -34.33
CA GLN D 284 40.84 -24.76 -35.16
C GLN D 284 41.00 -23.54 -34.22
N PRO D 285 42.02 -23.47 -33.31
CA PRO D 285 42.09 -22.32 -32.39
C PRO D 285 42.52 -21.04 -33.05
N ALA D 286 43.17 -21.15 -34.20
CA ALA D 286 43.68 -20.01 -34.95
C ALA D 286 42.53 -19.20 -35.53
N ARG D 287 41.44 -19.90 -35.96
CA ARG D 287 40.22 -19.33 -36.52
C ARG D 287 39.49 -18.65 -35.38
N ALA D 288 39.28 -19.41 -34.29
CA ALA D 288 38.64 -18.94 -33.07
C ALA D 288 39.33 -17.65 -32.56
N ALA D 289 40.67 -17.59 -32.58
CA ALA D 289 41.49 -16.43 -32.15
C ALA D 289 41.22 -15.21 -33.01
N SER D 290 40.87 -15.41 -34.28
CA SER D 290 40.58 -14.33 -35.23
C SER D 290 39.25 -13.70 -34.84
N ILE D 291 38.22 -14.55 -34.60
CA ILE D 291 36.88 -14.14 -34.18
C ILE D 291 36.93 -13.37 -32.85
N THR D 292 37.69 -13.91 -31.86
CA THR D 292 37.85 -13.30 -30.54
C THR D 292 38.60 -11.95 -30.58
N ARG D 293 39.65 -11.83 -31.41
CA ARG D 293 40.45 -10.60 -31.56
C ARG D 293 39.60 -9.50 -32.18
N ALA D 294 38.71 -9.91 -33.12
CA ALA D 294 37.78 -9.02 -33.82
C ALA D 294 36.71 -8.51 -32.84
N SER D 295 36.13 -9.43 -32.04
CA SER D 295 35.09 -9.17 -31.05
C SER D 295 35.52 -8.11 -30.05
N ARG D 296 36.80 -8.13 -29.63
CA ARG D 296 37.44 -7.17 -28.71
C ARG D 296 37.27 -5.72 -29.14
N ILE D 297 37.23 -5.47 -30.45
CA ILE D 297 37.06 -4.14 -31.02
C ILE D 297 35.60 -3.96 -31.45
N ALA D 298 35.01 -5.01 -32.04
CA ALA D 298 33.64 -4.97 -32.56
C ALA D 298 32.58 -4.65 -31.52
N PHE D 299 32.58 -5.37 -30.37
CA PHE D 299 31.61 -5.16 -29.30
C PHE D 299 31.63 -3.71 -28.76
N PRO D 300 32.78 -3.12 -28.31
CA PRO D 300 32.72 -1.71 -27.87
C PRO D 300 32.37 -0.71 -28.99
N VAL D 301 32.81 -0.95 -30.24
CA VAL D 301 32.53 -0.05 -31.39
C VAL D 301 31.04 -0.05 -31.76
N VAL D 302 30.46 -1.26 -31.95
CA VAL D 302 29.03 -1.40 -32.26
C VAL D 302 28.18 -0.82 -31.13
N PHE D 303 28.58 -1.02 -29.86
CA PHE D 303 27.85 -0.46 -28.73
C PHE D 303 27.87 1.07 -28.77
N LEU D 304 29.05 1.67 -28.99
CA LEU D 304 29.26 3.12 -29.07
C LEU D 304 28.45 3.74 -30.24
N LEU D 305 28.38 3.08 -31.42
CA LEU D 305 27.62 3.58 -32.57
C LEU D 305 26.13 3.50 -32.34
N ALA D 306 25.65 2.34 -31.82
CA ALA D 306 24.24 2.07 -31.55
C ALA D 306 23.68 3.04 -30.53
N ASN D 307 24.49 3.42 -29.54
CA ASN D 307 24.06 4.40 -28.53
C ASN D 307 23.97 5.81 -29.13
N ILE D 308 24.86 6.16 -30.09
CA ILE D 308 24.80 7.44 -30.78
C ILE D 308 23.50 7.47 -31.61
N ILE D 309 23.26 6.40 -32.40
CA ILE D 309 22.04 6.25 -33.20
C ILE D 309 20.79 6.47 -32.31
N LEU D 310 20.73 5.82 -31.12
CA LEU D 310 19.59 5.96 -30.20
C LEU D 310 19.46 7.36 -29.61
N ALA D 311 20.56 7.96 -29.11
CA ALA D 311 20.51 9.29 -28.52
C ALA D 311 20.01 10.28 -29.56
N PHE D 312 20.44 10.10 -30.81
CA PHE D 312 20.00 10.94 -31.92
C PHE D 312 18.50 10.75 -32.18
N LEU D 313 18.02 9.48 -32.30
CA LEU D 313 16.59 9.21 -32.54
C LEU D 313 15.70 9.80 -31.44
N PHE D 314 16.15 9.73 -30.18
CA PHE D 314 15.38 10.20 -29.03
C PHE D 314 15.51 11.70 -28.71
N PHE D 315 16.65 12.35 -29.04
CA PHE D 315 16.91 13.77 -28.71
C PHE D 315 17.47 14.58 -29.89
N VAL E 5 -20.19 36.53 13.50
CA VAL E 5 -19.08 36.93 14.37
C VAL E 5 -17.99 37.65 13.58
N SER E 6 -17.43 38.74 14.15
CA SER E 6 -16.41 39.59 13.50
C SER E 6 -15.13 39.77 14.37
N PRO E 7 -13.95 40.13 13.79
CA PRO E 7 -12.74 40.30 14.62
C PRO E 7 -12.81 41.43 15.65
N PRO E 8 -12.11 41.31 16.81
CA PRO E 8 -12.15 42.41 17.81
C PRO E 8 -11.52 43.70 17.29
N PRO E 9 -12.13 44.89 17.50
CA PRO E 9 -11.54 46.13 16.97
C PRO E 9 -10.32 46.62 17.75
N PRO E 10 -9.36 47.30 17.10
CA PRO E 10 -8.16 47.75 17.82
C PRO E 10 -8.39 48.96 18.73
N ILE E 11 -7.67 49.02 19.87
CA ILE E 11 -7.74 50.16 20.80
C ILE E 11 -6.93 51.32 20.21
N ALA E 12 -5.68 51.03 19.80
CA ALA E 12 -4.76 51.95 19.10
C ALA E 12 -4.70 51.46 17.64
N ASP E 13 -3.67 51.82 16.87
CA ASP E 13 -3.55 51.37 15.47
C ASP E 13 -2.97 49.93 15.36
N GLU E 14 -2.52 49.37 16.50
CA GLU E 14 -1.88 48.04 16.70
C GLU E 14 -2.62 46.80 16.08
N PRO E 15 -1.88 45.74 15.66
CA PRO E 15 -2.54 44.54 15.13
C PRO E 15 -2.91 43.57 16.25
N LEU E 16 -3.84 42.63 15.98
CA LEU E 16 -4.21 41.65 16.98
C LEU E 16 -3.16 40.53 17.10
N THR E 17 -2.67 40.29 18.32
CA THR E 17 -1.66 39.26 18.59
C THR E 17 -2.34 37.98 19.09
N VAL E 18 -2.18 36.90 18.30
CA VAL E 18 -2.67 35.57 18.61
C VAL E 18 -1.46 34.79 19.07
N ASN E 19 -1.42 34.46 20.35
CA ASN E 19 -0.36 33.70 20.98
C ASN E 19 -0.61 32.22 20.73
N THR E 20 0.40 31.55 20.15
CA THR E 20 0.32 30.14 19.78
C THR E 20 1.25 29.24 20.59
N GLY E 21 0.90 27.97 20.63
CA GLY E 21 1.62 26.89 21.30
C GLY E 21 1.26 25.53 20.76
N ILE E 22 2.28 24.70 20.48
CA ILE E 22 2.08 23.34 20.00
C ILE E 22 2.73 22.40 21.00
N TYR E 23 1.96 21.44 21.55
CA TYR E 23 2.44 20.46 22.52
C TYR E 23 2.25 19.07 21.92
N LEU E 24 3.38 18.39 21.54
CA LEU E 24 3.33 17.07 20.91
C LEU E 24 2.94 15.97 21.89
N ILE E 25 1.96 15.15 21.52
CA ILE E 25 1.46 14.02 22.32
C ILE E 25 2.03 12.73 21.69
N GLU E 26 1.99 12.66 20.34
CA GLU E 26 2.54 11.56 19.55
C GLU E 26 3.18 12.10 18.27
N SER E 27 4.25 11.45 17.84
CA SER E 27 4.97 11.68 16.59
C SER E 27 5.15 10.26 16.08
N TYR E 28 4.90 10.05 14.79
CA TYR E 28 4.99 8.72 14.19
C TYR E 28 5.14 8.77 12.69
N SER E 29 5.43 7.60 12.09
CA SER E 29 5.52 7.37 10.67
C SER E 29 6.35 8.40 9.87
N LEU E 30 7.66 8.48 10.15
CA LEU E 30 8.53 9.32 9.36
C LEU E 30 8.87 8.49 8.11
N ASP E 31 8.35 8.92 6.97
CA ASP E 31 8.49 8.33 5.66
C ASP E 31 9.55 9.13 4.88
N ASP E 32 10.76 8.55 4.73
CA ASP E 32 11.89 9.18 4.04
C ASP E 32 11.62 9.47 2.57
N LYS E 33 10.99 8.49 1.88
CA LYS E 33 10.68 8.58 0.46
C LYS E 33 9.68 9.69 0.22
N ALA E 34 8.58 9.70 1.01
CA ALA E 34 7.48 10.69 0.92
C ALA E 34 7.85 12.04 1.48
N GLU E 35 8.90 12.07 2.33
CA GLU E 35 9.41 13.26 3.03
C GLU E 35 8.31 13.83 3.92
N THR E 36 7.61 12.92 4.62
CA THR E 36 6.54 13.26 5.54
C THR E 36 6.66 12.57 6.89
N PHE E 37 6.01 13.16 7.92
CA PHE E 37 5.90 12.59 9.25
C PHE E 37 4.48 12.87 9.77
N LYS E 38 4.01 12.05 10.71
CA LYS E 38 2.69 12.25 11.29
C LYS E 38 2.80 12.68 12.75
N VAL E 39 1.88 13.55 13.18
CA VAL E 39 1.90 14.09 14.53
C VAL E 39 0.50 14.14 15.15
N ASN E 40 0.44 14.09 16.47
CA ASN E 40 -0.77 14.17 17.29
C ASN E 40 -0.37 15.17 18.38
N ALA E 41 -1.00 16.33 18.39
CA ALA E 41 -0.58 17.41 19.30
C ALA E 41 -1.72 18.32 19.77
N PHE E 42 -1.39 19.26 20.70
CA PHE E 42 -2.30 20.30 21.20
C PHE E 42 -1.94 21.59 20.51
N LEU E 43 -2.95 22.30 20.03
CA LEU E 43 -2.78 23.63 19.44
C LEU E 43 -3.48 24.58 20.40
N SER E 44 -2.67 25.44 20.99
CA SER E 44 -3.04 26.44 21.97
C SER E 44 -3.04 27.82 21.30
N LEU E 45 -4.15 28.56 21.46
CA LEU E 45 -4.32 29.91 20.92
C LEU E 45 -4.84 30.86 22.01
N SER E 46 -4.30 32.10 22.04
CA SER E 46 -4.71 33.10 23.01
C SER E 46 -4.69 34.51 22.45
N TRP E 47 -5.78 35.25 22.65
CA TRP E 47 -5.96 36.61 22.17
C TRP E 47 -6.95 37.37 23.08
N LYS E 48 -6.90 38.71 23.03
CA LYS E 48 -7.82 39.56 23.81
C LYS E 48 -9.01 40.05 22.97
N ASP E 49 -10.22 39.69 23.43
CA ASP E 49 -11.48 40.13 22.85
C ASP E 49 -12.26 40.91 23.92
N ARG E 50 -12.12 42.26 23.91
CA ARG E 50 -12.76 43.20 24.85
C ARG E 50 -14.28 43.05 24.92
N ARG E 51 -14.92 42.69 23.80
CA ARG E 51 -16.36 42.44 23.68
C ARG E 51 -16.84 41.30 24.61
N LEU E 52 -15.89 40.53 25.17
CA LEU E 52 -16.17 39.39 26.05
C LEU E 52 -15.79 39.65 27.52
N ALA E 53 -15.23 40.83 27.83
CA ALA E 53 -14.83 41.21 29.18
C ALA E 53 -16.03 41.27 30.13
N PHE E 54 -15.80 40.95 31.40
CA PHE E 54 -16.83 40.93 32.43
C PHE E 54 -16.28 41.31 33.82
N ASP E 55 -17.18 41.49 34.81
CA ASP E 55 -16.81 41.84 36.18
C ASP E 55 -16.68 40.56 37.04
N PRO E 56 -15.51 40.28 37.68
CA PRO E 56 -15.39 39.05 38.49
C PRO E 56 -16.12 39.13 39.84
N VAL E 57 -16.14 40.34 40.46
CA VAL E 57 -16.79 40.69 41.74
C VAL E 57 -18.29 40.36 41.71
N ARG E 58 -19.04 40.91 40.71
CA ARG E 58 -20.47 40.69 40.59
C ARG E 58 -20.84 39.35 39.93
N SER E 59 -20.06 38.88 38.92
CA SER E 59 -20.35 37.63 38.24
C SER E 59 -20.06 36.40 39.11
N GLY E 60 -19.21 36.58 40.13
CA GLY E 60 -18.80 35.51 41.04
C GLY E 60 -17.81 34.56 40.41
N VAL E 61 -18.02 34.24 39.11
CA VAL E 61 -17.21 33.36 38.25
C VAL E 61 -15.90 34.02 37.81
N ARG E 62 -14.84 33.20 37.75
CA ARG E 62 -13.50 33.60 37.33
C ARG E 62 -13.38 33.47 35.81
N VAL E 63 -13.79 32.30 35.28
CA VAL E 63 -13.71 31.92 33.87
C VAL E 63 -15.10 31.66 33.25
N LYS E 64 -15.26 32.02 31.97
CA LYS E 64 -16.49 31.80 31.20
C LYS E 64 -16.18 30.94 29.97
N THR E 65 -16.82 29.76 29.90
CA THR E 65 -16.65 28.79 28.81
C THR E 65 -17.59 29.04 27.64
N TYR E 66 -17.07 29.02 26.41
CA TYR E 66 -17.84 29.22 25.19
C TYR E 66 -17.67 28.07 24.22
N GLU E 67 -18.65 27.93 23.31
CA GLU E 67 -18.64 26.98 22.22
C GLU E 67 -18.00 27.74 21.04
N PRO E 68 -17.26 27.05 20.12
CA PRO E 68 -16.56 27.78 19.03
C PRO E 68 -17.41 28.75 18.21
N GLU E 69 -18.66 28.36 17.90
CA GLU E 69 -19.61 29.13 17.09
C GLU E 69 -20.06 30.43 17.78
N ALA E 70 -20.14 30.43 19.12
CA ALA E 70 -20.53 31.57 19.95
C ALA E 70 -19.61 32.79 19.83
N ILE E 71 -18.27 32.58 19.80
CA ILE E 71 -17.31 33.68 19.74
C ILE E 71 -16.49 33.71 18.45
N TRP E 72 -15.69 34.78 18.27
CA TRP E 72 -14.78 34.91 17.15
C TRP E 72 -13.49 34.17 17.51
N ILE E 73 -13.03 33.31 16.59
CA ILE E 73 -11.81 32.52 16.72
C ILE E 73 -10.96 32.76 15.47
N PRO E 74 -9.66 33.10 15.61
CA PRO E 74 -8.85 33.40 14.41
C PRO E 74 -8.61 32.19 13.52
N GLU E 75 -8.59 32.42 12.19
CA GLU E 75 -8.38 31.41 11.14
C GLU E 75 -6.90 31.05 11.00
N ILE E 76 -6.44 30.13 11.86
CA ILE E 76 -5.07 29.62 11.90
C ILE E 76 -5.00 28.32 11.12
N ARG E 77 -4.11 28.29 10.12
CA ARG E 77 -3.91 27.11 9.29
C ARG E 77 -2.47 26.61 9.34
N PHE E 78 -2.24 25.44 8.75
CA PHE E 78 -0.92 24.84 8.62
C PHE E 78 -0.53 24.93 7.16
N VAL E 79 0.65 25.48 6.89
CA VAL E 79 1.11 25.64 5.51
C VAL E 79 1.42 24.29 4.84
N ASN E 80 2.33 23.50 5.45
CA ASN E 80 2.86 22.24 4.96
C ASN E 80 2.16 20.95 5.45
N VAL E 81 0.83 20.83 5.28
CA VAL E 81 0.17 19.56 5.66
C VAL E 81 -0.43 18.88 4.44
N GLU E 82 -0.26 17.55 4.34
CA GLU E 82 -0.80 16.74 3.24
C GLU E 82 -2.27 16.47 3.51
N ASN E 83 -2.57 15.79 4.63
CA ASN E 83 -3.97 15.61 4.99
C ASN E 83 -4.30 16.50 6.18
N ALA E 84 -5.12 17.56 5.87
CA ALA E 84 -5.61 18.64 6.75
C ALA E 84 -5.92 18.18 8.15
N ARG E 85 -5.48 18.98 9.15
CA ARG E 85 -5.61 18.67 10.58
C ARG E 85 -7.06 18.32 10.98
N ASP E 86 -7.19 17.13 11.60
CA ASP E 86 -8.42 16.60 12.14
C ASP E 86 -8.44 17.22 13.51
N ALA E 87 -9.22 18.29 13.65
CA ALA E 87 -9.30 19.02 14.91
C ALA E 87 -10.55 18.70 15.70
N ASP E 88 -10.45 18.89 17.00
CA ASP E 88 -11.51 18.77 17.95
C ASP E 88 -11.16 19.72 19.09
N VAL E 89 -12.03 20.71 19.35
CA VAL E 89 -11.85 21.69 20.40
C VAL E 89 -12.03 21.02 21.75
N VAL E 90 -11.06 21.27 22.64
CA VAL E 90 -11.02 20.74 24.00
C VAL E 90 -11.55 21.81 24.96
N ASP E 91 -11.13 23.09 24.80
CA ASP E 91 -11.52 24.20 25.69
C ASP E 91 -11.42 25.57 25.07
N ILE E 92 -12.36 26.45 25.48
CA ILE E 92 -12.43 27.88 25.20
C ILE E 92 -12.78 28.52 26.56
N SER E 93 -11.81 29.21 27.18
CA SER E 93 -11.97 29.86 28.48
C SER E 93 -11.68 31.36 28.41
N VAL E 94 -12.63 32.19 28.90
CA VAL E 94 -12.48 33.65 28.85
C VAL E 94 -12.24 34.21 30.25
N SER E 95 -11.13 34.96 30.40
CA SER E 95 -10.76 35.62 31.66
C SER E 95 -11.61 36.92 31.80
N PRO E 96 -11.77 37.49 33.03
CA PRO E 96 -12.58 38.71 33.19
C PRO E 96 -12.19 39.88 32.29
N ASP E 97 -10.88 40.05 31.99
CA ASP E 97 -10.40 41.12 31.11
C ASP E 97 -10.63 40.82 29.61
N GLY E 98 -11.24 39.66 29.32
CA GLY E 98 -11.57 39.23 27.97
C GLY E 98 -10.51 38.43 27.23
N THR E 99 -9.48 37.94 27.95
CA THR E 99 -8.42 37.12 27.35
C THR E 99 -8.98 35.72 27.09
N VAL E 100 -9.03 35.35 25.81
CA VAL E 100 -9.58 34.07 25.38
C VAL E 100 -8.46 33.03 25.34
N GLN E 101 -8.75 31.83 25.86
CA GLN E 101 -7.83 30.69 25.88
C GLN E 101 -8.42 29.47 25.16
N TYR E 102 -7.98 29.29 23.90
CA TYR E 102 -8.38 28.22 22.99
C TYR E 102 -7.40 27.04 23.05
N LEU E 103 -7.94 25.81 23.14
CA LEU E 103 -7.14 24.59 23.15
C LEU E 103 -7.81 23.45 22.38
N GLU E 104 -7.18 23.02 21.28
CA GLU E 104 -7.69 21.93 20.43
C GLU E 104 -6.65 20.85 20.30
N ARG E 105 -7.12 19.62 20.13
CA ARG E 105 -6.22 18.52 19.85
C ARG E 105 -6.31 18.22 18.35
N PHE E 106 -5.17 18.19 17.68
CA PHE E 106 -5.15 17.94 16.24
C PHE E 106 -4.17 16.84 15.87
N SER E 107 -4.31 16.33 14.66
CA SER E 107 -3.39 15.35 14.09
C SER E 107 -3.24 15.67 12.62
N ALA E 108 -1.98 15.74 12.15
CA ALA E 108 -1.71 16.06 10.75
C ALA E 108 -0.51 15.30 10.17
N ARG E 109 -0.51 15.12 8.84
CA ARG E 109 0.56 14.49 8.10
C ARG E 109 1.31 15.69 7.51
N VAL E 110 2.46 15.99 8.09
CA VAL E 110 3.28 17.16 7.74
C VAL E 110 4.29 16.79 6.67
N LEU E 111 4.47 17.67 5.68
CA LEU E 111 5.41 17.53 4.56
C LEU E 111 6.58 18.48 4.79
N SER E 112 7.72 17.91 5.17
CA SER E 112 8.94 18.65 5.44
C SER E 112 10.10 18.00 4.68
N PRO E 113 10.89 18.78 3.89
CA PRO E 113 12.02 18.18 3.16
C PRO E 113 13.15 17.69 4.06
N LEU E 114 13.88 16.65 3.57
CA LEU E 114 14.97 16.00 4.28
C LEU E 114 16.24 16.04 3.48
N ASP E 115 17.38 16.26 4.17
CA ASP E 115 18.70 16.29 3.56
C ASP E 115 19.40 14.95 3.80
N PHE E 116 19.52 14.15 2.73
CA PHE E 116 20.06 12.80 2.84
C PHE E 116 21.58 12.68 2.62
N ARG E 117 22.27 13.81 2.31
CA ARG E 117 23.72 13.87 2.11
C ARG E 117 24.53 13.00 3.09
N ARG E 118 24.16 12.95 4.36
CA ARG E 118 24.92 12.16 5.34
C ARG E 118 24.27 10.79 5.69
N TYR E 119 23.24 10.35 4.97
CA TYR E 119 22.53 9.08 5.25
C TYR E 119 23.48 7.88 5.36
N PRO E 120 23.36 7.02 6.39
CA PRO E 120 22.35 7.02 7.46
C PRO E 120 22.80 7.72 8.74
N PHE E 121 23.82 8.59 8.66
CA PHE E 121 24.33 9.37 9.81
C PHE E 121 23.75 10.81 9.80
N ASP E 122 22.58 10.97 9.17
CA ASP E 122 21.87 12.24 9.01
C ASP E 122 21.06 12.67 10.23
N SER E 123 20.86 13.99 10.28
CA SER E 123 20.06 14.68 11.29
C SER E 123 19.14 15.60 10.53
N GLN E 124 17.91 15.74 11.02
CA GLN E 124 16.94 16.54 10.33
C GLN E 124 16.31 17.55 11.27
N THR E 125 15.84 18.66 10.70
CA THR E 125 15.09 19.71 11.37
C THR E 125 13.76 19.71 10.63
N LEU E 126 12.78 18.99 11.18
CA LEU E 126 11.43 18.93 10.62
C LEU E 126 10.73 20.23 10.98
N HIS E 127 9.85 20.74 10.12
CA HIS E 127 9.15 21.99 10.39
C HIS E 127 7.65 21.84 10.36
N ILE E 128 6.96 22.62 11.20
CA ILE E 128 5.50 22.73 11.25
C ILE E 128 5.28 24.23 11.18
N TYR E 129 4.70 24.70 10.08
CA TYR E 129 4.42 26.12 9.88
C TYR E 129 2.98 26.48 10.19
N LEU E 130 2.78 27.42 11.13
CA LEU E 130 1.47 27.97 11.49
C LEU E 130 1.31 29.26 10.74
N ILE E 131 0.09 29.54 10.30
CA ILE E 131 -0.18 30.74 9.51
C ILE E 131 -1.56 31.39 9.80
N VAL E 132 -1.66 32.70 9.57
CA VAL E 132 -2.91 33.47 9.72
C VAL E 132 -2.97 34.57 8.64
N ARG E 133 -4.11 34.64 7.91
CA ARG E 133 -4.33 35.67 6.91
C ARG E 133 -5.06 36.83 7.60
N SER E 134 -4.51 38.05 7.49
CA SER E 134 -5.06 39.27 8.08
C SER E 134 -6.31 39.74 7.32
N CYS E 135 -7.29 40.27 8.07
CA CYS E 135 -8.57 40.76 7.52
C CYS E 135 -8.42 42.15 6.89
N ASP E 136 -9.47 42.62 6.19
CA ASP E 136 -9.49 43.96 5.61
C ASP E 136 -9.76 44.97 6.75
N THR E 137 -10.56 44.52 7.77
CA THR E 137 -10.87 45.27 8.98
C THR E 137 -9.54 45.57 9.71
N ARG E 138 -8.82 44.51 10.13
CA ARG E 138 -7.52 44.66 10.80
C ARG E 138 -6.53 43.51 10.54
N ASN E 139 -5.27 43.75 10.92
CA ASN E 139 -4.15 42.84 10.79
C ASN E 139 -4.01 41.94 12.00
N ILE E 140 -3.67 40.67 11.75
CA ILE E 140 -3.46 39.64 12.76
C ILE E 140 -2.01 39.17 12.65
N VAL E 141 -1.32 39.08 13.80
CA VAL E 141 0.07 38.67 13.91
C VAL E 141 0.19 37.56 14.94
N LEU E 142 0.99 36.51 14.63
CA LEU E 142 1.20 35.37 15.52
C LEU E 142 2.42 35.58 16.42
N ALA E 143 2.42 34.88 17.57
CA ALA E 143 3.49 34.95 18.56
C ALA E 143 3.56 33.64 19.31
N VAL E 144 4.66 33.41 20.00
CA VAL E 144 4.91 32.17 20.72
C VAL E 144 4.81 32.34 22.22
N ASP E 145 3.94 31.56 22.86
CA ASP E 145 3.88 31.50 24.31
C ASP E 145 4.68 30.25 24.66
N LEU E 146 5.97 30.45 24.94
CA LEU E 146 6.92 29.36 25.24
C LEU E 146 6.46 28.43 26.35
N GLU E 147 5.55 28.93 27.20
CA GLU E 147 4.96 28.21 28.31
C GLU E 147 4.02 27.09 27.82
N LYS E 148 3.55 27.17 26.56
CA LYS E 148 2.62 26.19 26.00
C LYS E 148 3.18 25.46 24.74
N VAL E 149 4.53 25.43 24.63
CA VAL E 149 5.31 24.76 23.59
C VAL E 149 6.16 23.68 24.27
N GLY E 150 6.09 22.46 23.74
CA GLY E 150 6.82 21.32 24.28
C GLY E 150 6.26 20.00 23.82
N LYS E 151 6.63 18.91 24.52
CA LYS E 151 6.23 17.55 24.17
C LYS E 151 6.16 16.61 25.37
N ASN E 152 5.31 15.58 25.27
CA ASN E 152 5.18 14.51 26.25
C ASN E 152 6.52 13.74 26.28
N ASP E 153 6.89 13.25 27.46
CA ASP E 153 8.16 12.53 27.71
C ASP E 153 8.23 11.20 26.96
N ASP E 154 7.08 10.58 26.72
CA ASP E 154 6.93 9.31 26.01
C ASP E 154 6.93 9.45 24.46
N VAL E 155 7.17 10.67 23.92
CA VAL E 155 7.19 10.90 22.48
C VAL E 155 8.40 10.20 21.87
N PHE E 156 8.12 9.32 20.90
CA PHE E 156 9.14 8.55 20.18
C PHE E 156 8.89 8.51 18.68
N LEU E 157 9.97 8.57 17.91
CA LEU E 157 9.91 8.46 16.46
C LEU E 157 10.76 7.26 16.16
N THR E 158 10.12 6.12 15.87
CA THR E 158 10.76 4.83 15.53
C THR E 158 11.83 5.08 14.48
N GLY E 159 13.04 4.57 14.73
CA GLY E 159 14.22 4.76 13.88
C GLY E 159 14.94 6.08 14.07
N TRP E 160 14.53 6.91 15.06
CA TRP E 160 15.11 8.24 15.29
C TRP E 160 15.22 8.61 16.76
N ASP E 161 16.10 9.59 17.05
CA ASP E 161 16.29 10.20 18.37
C ASP E 161 15.65 11.58 18.29
N ILE E 162 14.75 11.89 19.25
CA ILE E 162 14.13 13.22 19.27
C ILE E 162 15.02 14.13 20.12
N GLU E 163 15.66 15.10 19.47
CA GLU E 163 16.58 16.00 20.12
C GLU E 163 15.84 17.13 20.81
N SER E 164 15.21 18.01 20.02
CA SER E 164 14.51 19.20 20.49
C SER E 164 13.13 19.39 19.81
N PHE E 165 12.34 20.29 20.38
CA PHE E 165 11.07 20.77 19.85
C PHE E 165 10.89 22.19 20.37
N THR E 166 11.35 23.15 19.56
CA THR E 166 11.28 24.56 19.88
C THR E 166 10.46 25.28 18.82
N ALA E 167 10.28 26.60 18.98
CA ALA E 167 9.58 27.45 18.02
C ALA E 167 10.41 28.70 17.79
N VAL E 168 10.44 29.19 16.54
CA VAL E 168 11.16 30.41 16.16
C VAL E 168 10.16 31.50 16.47
N VAL E 169 10.40 32.19 17.60
CA VAL E 169 9.55 33.21 18.22
C VAL E 169 9.18 34.34 17.27
N LYS E 170 10.15 34.85 16.48
CA LYS E 170 9.90 35.92 15.53
C LYS E 170 9.12 35.37 14.32
N PRO E 171 7.85 35.80 14.08
CA PRO E 171 7.13 35.29 12.91
C PRO E 171 7.63 35.93 11.62
N ALA E 172 7.32 35.30 10.48
CA ALA E 172 7.65 35.82 9.17
C ALA E 172 6.38 36.48 8.64
N ASN E 173 6.35 37.82 8.67
CA ASN E 173 5.21 38.62 8.23
C ASN E 173 5.50 39.12 6.81
N PHE E 174 4.62 38.75 5.87
CA PHE E 174 4.78 39.04 4.44
C PHE E 174 3.43 39.30 3.77
N ALA E 175 3.46 39.90 2.57
CA ALA E 175 2.26 40.16 1.79
C ALA E 175 2.04 39.05 0.78
N LEU E 176 0.86 38.43 0.83
CA LEU E 176 0.48 37.37 -0.10
C LEU E 176 -0.91 37.69 -0.63
N GLU E 177 -1.05 37.82 -1.98
CA GLU E 177 -2.30 38.14 -2.70
C GLU E 177 -3.06 39.35 -2.08
N ASP E 178 -2.38 40.52 -2.07
CA ASP E 178 -2.84 41.83 -1.57
C ASP E 178 -3.46 41.79 -0.11
N ARG E 179 -2.93 40.90 0.75
CA ARG E 179 -3.32 40.72 2.17
C ARG E 179 -2.10 40.28 2.99
N LEU E 180 -1.98 40.75 4.23
CA LEU E 180 -0.86 40.39 5.10
C LEU E 180 -1.03 38.99 5.70
N GLU E 181 0.10 38.28 5.84
CA GLU E 181 0.17 36.94 6.40
C GLU E 181 1.26 36.87 7.46
N SER E 182 1.00 36.13 8.57
CA SER E 182 1.92 35.95 9.68
C SER E 182 2.23 34.46 9.82
N LYS E 183 3.52 34.08 9.66
CA LYS E 183 3.94 32.68 9.66
C LYS E 183 4.89 32.32 10.79
N LEU E 184 4.53 31.27 11.56
CA LEU E 184 5.42 30.80 12.63
C LEU E 184 6.05 29.46 12.26
N ASP E 185 7.32 29.28 12.64
CA ASP E 185 8.05 28.05 12.36
C ASP E 185 8.36 27.23 13.60
N TYR E 186 7.62 26.12 13.78
CA TYR E 186 7.88 25.15 14.85
C TYR E 186 8.92 24.17 14.30
N GLN E 187 9.98 23.87 15.09
CA GLN E 187 11.08 23.00 14.64
C GLN E 187 11.27 21.77 15.49
N LEU E 188 11.05 20.60 14.89
CA LEU E 188 11.25 19.31 15.56
C LEU E 188 12.59 18.74 15.07
N ARG E 189 13.63 18.80 15.93
CA ARG E 189 14.99 18.33 15.64
C ARG E 189 15.18 16.89 16.03
N ILE E 190 15.59 16.09 15.04
CA ILE E 190 15.78 14.66 15.17
C ILE E 190 17.10 14.25 14.56
N SER E 191 17.62 13.13 15.02
CA SER E 191 18.85 12.55 14.49
C SER E 191 18.59 11.06 14.31
N ARG E 192 19.00 10.53 13.16
CA ARG E 192 18.78 9.15 12.76
C ARG E 192 19.63 8.16 13.53
N GLN E 193 18.96 7.06 13.97
CA GLN E 193 19.56 5.94 14.68
C GLN E 193 20.19 5.00 13.66
N TYR E 194 21.48 5.28 13.34
CA TYR E 194 22.31 4.56 12.37
C TYR E 194 22.67 3.15 12.76
N PHE E 195 22.54 2.81 14.04
CA PHE E 195 22.87 1.49 14.60
C PHE E 195 22.57 0.29 13.68
N SER E 196 21.30 0.04 13.32
CA SER E 196 20.89 -1.08 12.47
C SER E 196 21.66 -1.22 11.16
N TYR E 197 22.00 -0.08 10.53
CA TYR E 197 22.73 -0.08 9.26
C TYR E 197 24.07 -0.78 9.31
N ILE E 198 24.71 -0.85 10.48
CA ILE E 198 26.00 -1.51 10.63
C ILE E 198 25.86 -3.05 10.50
N PRO E 199 25.14 -3.80 11.37
CA PRO E 199 25.07 -5.26 11.16
C PRO E 199 24.21 -5.77 9.98
N ASN E 200 23.38 -4.91 9.34
CA ASN E 200 22.48 -5.37 8.28
C ASN E 200 22.86 -4.99 6.87
N ILE E 201 23.51 -3.81 6.71
CA ILE E 201 23.93 -3.32 5.40
C ILE E 201 25.44 -3.11 5.33
N ILE E 202 26.04 -2.22 6.16
CA ILE E 202 27.47 -1.86 6.08
C ILE E 202 28.42 -3.06 6.19
N LEU E 203 28.43 -3.77 7.32
CA LEU E 203 29.34 -4.90 7.48
C LEU E 203 29.09 -6.03 6.45
N PRO E 204 27.84 -6.50 6.16
CA PRO E 204 27.67 -7.55 5.11
C PRO E 204 28.26 -7.15 3.76
N MET E 205 28.07 -5.90 3.35
CA MET E 205 28.61 -5.34 2.11
C MET E 205 30.15 -5.34 2.11
N LEU E 206 30.81 -5.22 3.28
CA LEU E 206 32.27 -5.26 3.39
C LEU E 206 32.78 -6.69 3.34
N PHE E 207 32.11 -7.63 4.06
CA PHE E 207 32.48 -9.03 4.07
C PHE E 207 32.54 -9.59 2.66
N ILE E 208 31.49 -9.34 1.85
CA ILE E 208 31.45 -9.84 0.48
C ILE E 208 32.56 -9.20 -0.36
N LEU E 209 32.91 -7.92 -0.10
CA LEU E 209 33.96 -7.20 -0.82
C LEU E 209 35.30 -7.88 -0.56
N PHE E 210 35.57 -8.18 0.72
CA PHE E 210 36.79 -8.86 1.16
C PHE E 210 36.83 -10.28 0.60
N ILE E 211 35.68 -10.96 0.49
CA ILE E 211 35.60 -12.28 -0.13
C ILE E 211 36.05 -12.19 -1.57
N SER E 212 35.68 -11.11 -2.30
CA SER E 212 36.16 -10.90 -3.67
C SER E 212 37.71 -10.80 -3.71
N TRP E 213 38.33 -10.31 -2.63
CA TRP E 213 39.79 -10.12 -2.55
C TRP E 213 40.58 -11.42 -2.27
N THR E 214 39.87 -12.52 -1.99
CA THR E 214 40.55 -13.80 -1.81
C THR E 214 41.02 -14.33 -3.18
N ALA E 215 40.52 -13.73 -4.27
CA ALA E 215 40.93 -14.09 -5.62
C ALA E 215 42.40 -13.65 -5.85
N PHE E 216 42.95 -12.80 -4.94
CA PHE E 216 44.35 -12.35 -5.03
C PHE E 216 45.34 -13.39 -4.49
N TRP E 217 44.83 -14.47 -3.88
CA TRP E 217 45.60 -15.57 -3.33
C TRP E 217 45.25 -16.86 -4.08
N SER E 218 44.72 -16.70 -5.31
CA SER E 218 44.28 -17.82 -6.14
C SER E 218 44.82 -17.73 -7.55
N THR E 219 45.18 -18.89 -8.12
CA THR E 219 45.67 -19.04 -9.49
C THR E 219 44.56 -19.60 -10.40
N SER E 220 43.42 -20.06 -9.83
CA SER E 220 42.28 -20.59 -10.58
C SER E 220 41.36 -19.47 -11.14
N TYR E 221 41.37 -19.26 -12.48
CA TYR E 221 40.56 -18.25 -13.18
C TYR E 221 39.08 -18.58 -13.02
N GLU E 222 38.73 -19.85 -13.24
CA GLU E 222 37.38 -20.35 -13.11
C GLU E 222 36.84 -20.00 -11.71
N ALA E 223 37.62 -20.25 -10.65
CA ALA E 223 37.26 -19.94 -9.25
C ALA E 223 37.18 -18.46 -8.97
N ASN E 224 38.14 -17.69 -9.48
CA ASN E 224 38.16 -16.25 -9.27
C ASN E 224 36.99 -15.57 -9.92
N VAL E 225 36.62 -16.03 -11.12
CA VAL E 225 35.52 -15.46 -11.88
C VAL E 225 34.25 -15.63 -11.09
N THR E 226 34.06 -16.80 -10.48
CA THR E 226 32.96 -17.10 -9.59
C THR E 226 33.02 -16.19 -8.36
N LEU E 227 34.19 -16.06 -7.71
CA LEU E 227 34.35 -15.19 -6.54
C LEU E 227 33.93 -13.77 -6.81
N VAL E 228 34.55 -13.11 -7.80
CA VAL E 228 34.26 -11.70 -8.05
C VAL E 228 32.85 -11.48 -8.66
N VAL E 229 32.42 -12.32 -9.60
CA VAL E 229 31.11 -12.19 -10.22
C VAL E 229 29.98 -12.47 -9.19
N SER E 230 30.09 -13.53 -8.35
CA SER E 230 29.02 -13.80 -7.34
C SER E 230 28.87 -12.68 -6.32
N THR E 231 29.97 -12.22 -5.72
CA THR E 231 29.97 -11.12 -4.76
C THR E 231 29.47 -9.83 -5.41
N LEU E 232 29.78 -9.61 -6.71
CA LEU E 232 29.24 -8.41 -7.39
C LEU E 232 27.71 -8.47 -7.46
N ILE E 233 27.14 -9.66 -7.63
CA ILE E 233 25.70 -9.84 -7.69
C ILE E 233 25.08 -9.46 -6.36
N ALA E 234 25.69 -9.94 -5.23
CA ALA E 234 25.21 -9.63 -3.87
C ALA E 234 25.38 -8.13 -3.62
N HIS E 235 26.45 -7.49 -4.19
CA HIS E 235 26.62 -6.03 -4.06
C HIS E 235 25.46 -5.25 -4.67
N ILE E 236 24.98 -5.72 -5.83
CA ILE E 236 23.88 -5.10 -6.55
C ILE E 236 22.63 -5.16 -5.68
N ALA E 237 22.36 -6.35 -5.04
CA ALA E 237 21.22 -6.57 -4.15
C ALA E 237 21.19 -5.53 -3.02
N PHE E 238 22.35 -5.19 -2.48
CA PHE E 238 22.45 -4.18 -1.44
C PHE E 238 22.21 -2.81 -2.02
N ASN E 239 22.74 -2.50 -3.21
CA ASN E 239 22.50 -1.19 -3.84
C ASN E 239 20.99 -1.01 -4.01
N ILE E 240 20.30 -2.02 -4.60
CA ILE E 240 18.85 -2.06 -4.77
C ILE E 240 18.14 -1.91 -3.43
N LEU E 241 18.55 -2.67 -2.40
CA LEU E 241 17.89 -2.58 -1.07
C LEU E 241 17.99 -1.16 -0.53
N VAL E 242 19.21 -0.63 -0.49
CA VAL E 242 19.46 0.72 0.02
C VAL E 242 18.59 1.76 -0.68
N GLU E 243 18.57 1.77 -2.02
CA GLU E 243 17.84 2.76 -2.78
C GLU E 243 16.32 2.59 -2.66
N THR E 244 15.81 1.42 -2.23
CA THR E 244 14.36 1.27 -2.03
C THR E 244 13.88 2.00 -0.73
N ASN E 245 14.78 2.25 0.24
CA ASN E 245 14.54 2.96 1.52
C ASN E 245 14.65 4.49 1.36
N LEU E 246 15.06 4.99 0.17
CA LEU E 246 15.33 6.41 -0.08
C LEU E 246 14.71 7.03 -1.33
N PRO E 247 14.44 8.35 -1.32
CA PRO E 247 13.97 8.99 -2.55
C PRO E 247 15.17 9.32 -3.47
N LYS E 248 14.91 9.46 -4.76
CA LYS E 248 15.91 9.84 -5.75
C LYS E 248 16.36 11.27 -5.42
N THR E 249 17.65 11.44 -5.05
CA THR E 249 18.21 12.74 -4.68
C THR E 249 19.08 13.37 -5.79
N PRO E 250 19.03 14.70 -6.02
CA PRO E 250 19.89 15.29 -7.06
C PRO E 250 21.33 15.56 -6.59
N TYR E 251 21.79 14.77 -5.63
CA TYR E 251 23.12 14.82 -5.02
C TYR E 251 23.49 13.40 -4.61
N MET E 252 24.78 13.17 -4.29
CA MET E 252 25.26 11.87 -3.83
C MET E 252 25.08 11.84 -2.32
N THR E 253 24.53 10.74 -1.78
CA THR E 253 24.42 10.56 -0.33
C THR E 253 25.69 9.81 0.10
N TYR E 254 25.98 9.74 1.40
CA TYR E 254 27.19 9.09 1.89
C TYR E 254 27.25 7.60 1.51
N THR E 255 26.24 6.80 1.90
CA THR E 255 26.16 5.36 1.55
C THR E 255 26.20 5.20 0.02
N GLY E 256 25.55 6.11 -0.70
CA GLY E 256 25.46 6.11 -2.16
C GLY E 256 26.81 6.14 -2.83
N ALA E 257 27.69 7.04 -2.34
CA ALA E 257 29.07 7.24 -2.77
C ALA E 257 29.92 6.00 -2.49
N ILE E 258 29.80 5.43 -1.27
CA ILE E 258 30.51 4.20 -0.88
C ILE E 258 30.07 3.07 -1.79
N ILE E 259 28.74 2.84 -1.90
CA ILE E 259 28.18 1.77 -2.76
C ILE E 259 28.64 1.91 -4.20
N PHE E 260 28.68 3.14 -4.75
CA PHE E 260 29.12 3.36 -6.14
C PHE E 260 30.60 3.03 -6.34
N MET E 261 31.43 3.51 -5.40
CA MET E 261 32.86 3.35 -5.41
C MET E 261 33.24 1.86 -5.37
N ILE E 262 32.50 1.06 -4.56
CA ILE E 262 32.73 -0.37 -4.46
C ILE E 262 32.54 -1.05 -5.83
N TYR E 263 31.66 -0.52 -6.71
CA TYR E 263 31.52 -1.10 -8.06
C TYR E 263 32.84 -0.98 -8.79
N LEU E 264 33.54 0.16 -8.67
CA LEU E 264 34.82 0.39 -9.34
C LEU E 264 35.83 -0.64 -8.90
N PHE E 265 35.86 -0.97 -7.57
CA PHE E 265 36.70 -2.00 -7.02
C PHE E 265 36.44 -3.35 -7.68
N TYR E 266 35.17 -3.77 -7.80
CA TYR E 266 34.83 -5.05 -8.45
C TYR E 266 35.27 -5.07 -9.90
N PHE E 267 35.03 -3.97 -10.62
CA PHE E 267 35.44 -3.84 -12.00
C PHE E 267 36.93 -4.06 -12.13
N VAL E 268 37.75 -3.36 -11.32
CA VAL E 268 39.22 -3.48 -11.32
C VAL E 268 39.68 -4.90 -10.88
N ALA E 269 38.99 -5.55 -9.90
CA ALA E 269 39.31 -6.93 -9.48
C ALA E 269 39.11 -7.86 -10.68
N VAL E 270 38.04 -7.64 -11.46
CA VAL E 270 37.78 -8.43 -12.67
C VAL E 270 38.93 -8.21 -13.68
N ILE E 271 39.39 -6.95 -13.86
CA ILE E 271 40.50 -6.66 -14.75
C ILE E 271 41.73 -7.43 -14.30
N GLU E 272 42.10 -7.34 -13.00
CA GLU E 272 43.23 -8.07 -12.45
C GLU E 272 43.10 -9.59 -12.69
N VAL E 273 41.95 -10.18 -12.33
CA VAL E 273 41.71 -11.62 -12.51
C VAL E 273 41.88 -12.05 -13.98
N THR E 274 41.49 -11.16 -14.91
CA THR E 274 41.56 -11.32 -16.36
C THR E 274 43.00 -11.27 -16.83
N VAL E 275 43.75 -10.23 -16.40
CA VAL E 275 45.15 -9.96 -16.73
C VAL E 275 46.00 -11.14 -16.23
N GLN E 276 45.93 -11.45 -14.92
CA GLN E 276 46.62 -12.60 -14.32
C GLN E 276 46.41 -13.89 -15.17
N HIS E 277 45.17 -14.16 -15.63
CA HIS E 277 44.88 -15.36 -16.43
C HIS E 277 45.55 -15.33 -17.79
N TYR E 278 45.46 -14.18 -18.47
CA TYR E 278 46.01 -13.90 -19.80
C TYR E 278 47.48 -14.21 -19.84
N LEU E 279 48.23 -13.70 -18.83
CA LEU E 279 49.66 -13.90 -18.70
C LEU E 279 50.01 -15.36 -18.50
N LYS E 280 49.31 -16.07 -17.58
N LYS E 280 49.36 -16.08 -17.56
CA LYS E 280 49.45 -17.50 -17.29
CA LYS E 280 49.63 -17.51 -17.36
C LYS E 280 49.37 -18.34 -18.56
C LYS E 280 49.50 -18.28 -18.68
N VAL E 281 48.44 -17.98 -19.45
CA VAL E 281 48.21 -18.66 -20.73
C VAL E 281 49.29 -18.24 -21.77
N GLU E 282 49.82 -17.00 -21.64
CA GLU E 282 50.85 -16.41 -22.49
C GLU E 282 52.22 -16.88 -22.00
N SER E 283 52.19 -17.80 -21.02
CA SER E 283 53.34 -18.39 -20.34
C SER E 283 54.27 -17.32 -19.78
N GLN E 284 53.69 -16.34 -19.07
CA GLN E 284 54.41 -15.28 -18.33
C GLN E 284 53.87 -15.27 -16.89
N PRO E 285 54.00 -16.38 -16.10
CA PRO E 285 53.44 -16.39 -14.74
C PRO E 285 54.17 -15.48 -13.75
N ALA E 286 55.44 -15.21 -14.00
CA ALA E 286 56.26 -14.35 -13.16
C ALA E 286 55.70 -12.94 -13.06
N ARG E 287 55.32 -12.33 -14.22
CA ARG E 287 54.72 -10.99 -14.28
C ARG E 287 53.35 -11.01 -13.65
N ALA E 288 52.57 -12.09 -13.92
CA ALA E 288 51.24 -12.31 -13.39
C ALA E 288 51.29 -12.29 -11.89
N ALA E 289 52.17 -13.13 -11.29
CA ALA E 289 52.43 -13.23 -9.84
C ALA E 289 52.86 -11.88 -9.19
N SER E 290 53.50 -10.98 -9.97
CA SER E 290 53.95 -9.67 -9.51
C SER E 290 52.75 -8.75 -9.36
N ILE E 291 51.81 -8.76 -10.34
CA ILE E 291 50.57 -7.95 -10.29
C ILE E 291 49.67 -8.43 -9.14
N THR E 292 49.44 -9.76 -8.99
CA THR E 292 48.64 -10.37 -7.93
C THR E 292 49.13 -9.96 -6.54
N ARG E 293 50.47 -9.96 -6.34
CA ARG E 293 51.11 -9.58 -5.07
C ARG E 293 50.91 -8.10 -4.74
N ALA E 294 51.04 -7.23 -5.76
CA ALA E 294 50.84 -5.78 -5.61
C ALA E 294 49.37 -5.52 -5.31
N SER E 295 48.47 -6.31 -5.93
CA SER E 295 47.03 -6.21 -5.73
C SER E 295 46.61 -6.59 -4.31
N ARG E 296 47.36 -7.52 -3.66
CA ARG E 296 47.10 -7.95 -2.27
C ARG E 296 47.22 -6.77 -1.31
N ILE E 297 48.10 -5.81 -1.62
CA ILE E 297 48.28 -4.63 -0.79
C ILE E 297 47.44 -3.47 -1.35
N ALA E 298 47.60 -3.17 -2.65
CA ALA E 298 46.94 -2.06 -3.35
C ALA E 298 45.46 -1.93 -3.10
N PHE E 299 44.70 -3.04 -3.25
CA PHE E 299 43.26 -3.06 -3.06
C PHE E 299 42.83 -2.64 -1.65
N PRO E 300 43.21 -3.30 -0.52
CA PRO E 300 42.77 -2.77 0.79
C PRO E 300 43.32 -1.40 1.18
N VAL E 301 44.46 -0.99 0.61
CA VAL E 301 45.09 0.32 0.89
C VAL E 301 44.29 1.44 0.21
N VAL E 302 44.04 1.31 -1.11
CA VAL E 302 43.26 2.28 -1.89
C VAL E 302 41.79 2.34 -1.37
N PHE E 303 41.25 1.21 -0.87
CA PHE E 303 39.90 1.21 -0.31
C PHE E 303 39.83 2.04 0.96
N LEU E 304 40.83 1.87 1.85
CA LEU E 304 40.97 2.60 3.11
C LEU E 304 41.18 4.13 2.84
N LEU E 305 42.07 4.50 1.92
CA LEU E 305 42.31 5.90 1.59
C LEU E 305 41.15 6.58 0.89
N ALA E 306 40.43 5.86 0.00
CA ALA E 306 39.27 6.39 -0.72
C ALA E 306 38.14 6.70 0.28
N ASN E 307 37.93 5.79 1.24
CA ASN E 307 36.95 5.93 2.30
C ASN E 307 37.23 7.09 3.25
N ILE E 308 38.51 7.37 3.53
CA ILE E 308 38.92 8.49 4.39
C ILE E 308 38.58 9.81 3.69
N ILE E 309 38.93 9.94 2.40
CA ILE E 309 38.63 11.13 1.60
C ILE E 309 37.11 11.33 1.58
N LEU E 310 36.31 10.25 1.33
CA LEU E 310 34.83 10.35 1.30
C LEU E 310 34.28 10.82 2.63
N ALA E 311 34.69 10.17 3.75
CA ALA E 311 34.26 10.53 5.10
C ALA E 311 34.63 11.99 5.38
N PHE E 312 35.79 12.44 4.89
CA PHE E 312 36.21 13.83 5.05
C PHE E 312 35.31 14.77 4.25
N LEU E 313 35.09 14.49 2.95
CA LEU E 313 34.23 15.31 2.09
C LEU E 313 32.78 15.36 2.55
N PHE E 314 32.31 14.30 3.25
CA PHE E 314 30.95 14.25 3.75
C PHE E 314 30.79 14.88 5.15
N PHE E 315 31.67 14.50 6.10
CA PHE E 315 31.64 14.98 7.49
C PHE E 315 32.89 15.78 7.82
#